data_5JVS
# 
_entry.id   5JVS 
# 
_audit_conform.dict_name       mmcif_pdbx.dic 
_audit_conform.dict_version    5.379 
_audit_conform.dict_location   http://mmcif.pdb.org/dictionaries/ascii/mmcif_pdbx.dic 
# 
loop_
_database_2.database_id 
_database_2.database_code 
_database_2.pdbx_database_accession 
_database_2.pdbx_DOI 
PDB   5JVS         pdb_00005jvs 10.2210/pdb5jvs/pdb 
WWPDB D_1000221301 ?            ?                   
# 
loop_
_pdbx_database_related.db_name 
_pdbx_database_related.details 
_pdbx_database_related.db_id 
_pdbx_database_related.content_type 
PDB . 5JV3 unspecified 
PDB . 5JVM unspecified 
PDB . 5JVP unspecified 
PDB . 5JVR unspecified 
PDB . 5JVU unspecified 
PDB . 5JX1 unspecified 
# 
_pdbx_database_status.status_code                     REL 
_pdbx_database_status.status_code_sf                  REL 
_pdbx_database_status.status_code_mr                  ? 
_pdbx_database_status.entry_id                        5JVS 
_pdbx_database_status.recvd_initial_deposition_date   2016-05-11 
_pdbx_database_status.SG_entry                        N 
_pdbx_database_status.deposit_site                    RCSB 
_pdbx_database_status.process_site                    RCSB 
_pdbx_database_status.status_code_cs                  ? 
_pdbx_database_status.methods_development_category    ? 
_pdbx_database_status.pdb_format_compatible           Y 
_pdbx_database_status.status_code_nmr_data            ? 
# 
loop_
_audit_author.name 
_audit_author.pdbx_ordinal 
'Phillips, R.K.' 1 
'Rayment, I.'    2 
# 
_citation.abstract                  ? 
_citation.abstract_id_CAS           ? 
_citation.book_id_ISBN              ? 
_citation.book_publisher            ? 
_citation.book_publisher_city       ? 
_citation.book_title                ? 
_citation.coordinate_linkage        ? 
_citation.country                   US 
_citation.database_id_Medline       ? 
_citation.details                   ? 
_citation.id                        primary 
_citation.journal_abbrev            J.Biol.Chem. 
_citation.journal_id_ASTM           JBCHA3 
_citation.journal_id_CSD            0071 
_citation.journal_id_ISSN           1083-351X 
_citation.journal_full              ? 
_citation.journal_issue             ? 
_citation.journal_volume            291 
_citation.language                  ? 
_citation.page_first                20372 
_citation.page_last                 20386 
_citation.title                     
'Family-specific Kinesin Structures Reveal Neck-linker Length Based on Initiation of the Coiled-coil.' 
_citation.year                      2016 
_citation.database_id_CSD           ? 
_citation.pdbx_database_id_DOI      10.1074/jbc.M116.737577 
_citation.pdbx_database_id_PubMed   27462072 
_citation.unpublished_flag          ? 
# 
loop_
_citation_author.citation_id 
_citation_author.name 
_citation_author.ordinal 
_citation_author.identifier_ORCID 
primary 'Phillips, R.K.' 1 ? 
primary 'Peter, L.G.'    2 ? 
primary 'Gilbert, S.P.'  3 ? 
primary 'Rayment, I.'    4 ? 
# 
_cell.entry_id           5JVS 
_cell.length_a           40.016 
_cell.length_b           40.016 
_cell.length_c           185.369 
_cell.angle_alpha        90.00 
_cell.angle_beta         90.00 
_cell.angle_gamma        90.00 
_cell.Z_PDB              16 
_cell.pdbx_unique_axis   ? 
# 
_symmetry.entry_id                         5JVS 
_symmetry.space_group_name_H-M             'I 41 2 2' 
_symmetry.pdbx_full_space_group_name_H-M   ? 
_symmetry.cell_setting                     ? 
_symmetry.Int_Tables_number                98 
# 
loop_
_entity.id 
_entity.type 
_entity.src_method 
_entity.pdbx_description 
_entity.formula_weight 
_entity.pdbx_number_of_molecules 
_entity.pdbx_ec 
_entity.pdbx_mutation 
_entity.pdbx_fragment 
_entity.details 
1 polymer     man 'Chimera protein of Kinesin heavy chain and Microtubule-associated protein RP/EB family member 1' 10372.621 1  ? 
? 'UNP P17210 residues 334-365,UNP Q15691 residues 207-257' ? 
2 non-polymer syn 'ZINC ION'                                                                                        65.409    1  ? 
? ?                                                         ? 
3 non-polymer syn 1,2-ETHANEDIOL                                                                                    62.068    1  ? 
? ?                                                         ? 
4 water       nat water                                                                                             18.015    27 ? 
? ?                                                         ? 
# 
_entity_name_com.entity_id   1 
_entity_name_com.name        'APC-binding protein EB1,End-binding protein 1,EB1' 
# 
_entity_poly.entity_id                      1 
_entity_poly.type                           'polypeptide(L)' 
_entity_poly.nstd_linkage                   no 
_entity_poly.nstd_monomer                   no 
_entity_poly.pdbx_seq_one_letter_code       
;LSKNVVAVNEELTDALAEEWKRRYEKEKEKNARLKGKVEDLEKERDFYFGKLRNIELICQENEGENDPVLQRIVDILYAT
DEGFVIPD
;
_entity_poly.pdbx_seq_one_letter_code_can   
;LSKNVVAVNEELTDALAEEWKRRYEKEKEKNARLKGKVEDLEKERDFYFGKLRNIELICQENEGENDPVLQRIVDILYAT
DEGFVIPD
;
_entity_poly.pdbx_strand_id                 A 
_entity_poly.pdbx_target_identifier         ? 
# 
loop_
_entity_poly_seq.entity_id 
_entity_poly_seq.num 
_entity_poly_seq.mon_id 
_entity_poly_seq.hetero 
1 1  LEU n 
1 2  SER n 
1 3  LYS n 
1 4  ASN n 
1 5  VAL n 
1 6  VAL n 
1 7  ALA n 
1 8  VAL n 
1 9  ASN n 
1 10 GLU n 
1 11 GLU n 
1 12 LEU n 
1 13 THR n 
1 14 ASP n 
1 15 ALA n 
1 16 LEU n 
1 17 ALA n 
1 18 GLU n 
1 19 GLU n 
1 20 TRP n 
1 21 LYS n 
1 22 ARG n 
1 23 ARG n 
1 24 TYR n 
1 25 GLU n 
1 26 LYS n 
1 27 GLU n 
1 28 LYS n 
1 29 GLU n 
1 30 LYS n 
1 31 ASN n 
1 32 ALA n 
1 33 ARG n 
1 34 LEU n 
1 35 LYS n 
1 36 GLY n 
1 37 LYS n 
1 38 VAL n 
1 39 GLU n 
1 40 ASP n 
1 41 LEU n 
1 42 GLU n 
1 43 LYS n 
1 44 GLU n 
1 45 ARG n 
1 46 ASP n 
1 47 PHE n 
1 48 TYR n 
1 49 PHE n 
1 50 GLY n 
1 51 LYS n 
1 52 LEU n 
1 53 ARG n 
1 54 ASN n 
1 55 ILE n 
1 56 GLU n 
1 57 LEU n 
1 58 ILE n 
1 59 CYS n 
1 60 GLN n 
1 61 GLU n 
1 62 ASN n 
1 63 GLU n 
1 64 GLY n 
1 65 GLU n 
1 66 ASN n 
1 67 ASP n 
1 68 PRO n 
1 69 VAL n 
1 70 LEU n 
1 71 GLN n 
1 72 ARG n 
1 73 ILE n 
1 74 VAL n 
1 75 ASP n 
1 76 ILE n 
1 77 LEU n 
1 78 TYR n 
1 79 ALA n 
1 80 THR n 
1 81 ASP n 
1 82 GLU n 
1 83 GLY n 
1 84 PHE n 
1 85 VAL n 
1 86 ILE n 
1 87 PRO n 
1 88 ASP n 
# 
loop_
_entity_src_gen.entity_id 
_entity_src_gen.pdbx_src_id 
_entity_src_gen.pdbx_alt_source_flag 
_entity_src_gen.pdbx_seq_type 
_entity_src_gen.pdbx_beg_seq_num 
_entity_src_gen.pdbx_end_seq_num 
_entity_src_gen.gene_src_common_name 
_entity_src_gen.gene_src_genus 
_entity_src_gen.pdbx_gene_src_gene 
_entity_src_gen.gene_src_species 
_entity_src_gen.gene_src_strain 
_entity_src_gen.gene_src_tissue 
_entity_src_gen.gene_src_tissue_fraction 
_entity_src_gen.gene_src_details 
_entity_src_gen.pdbx_gene_src_fragment 
_entity_src_gen.pdbx_gene_src_scientific_name 
_entity_src_gen.pdbx_gene_src_ncbi_taxonomy_id 
_entity_src_gen.pdbx_gene_src_variant 
_entity_src_gen.pdbx_gene_src_cell_line 
_entity_src_gen.pdbx_gene_src_atcc 
_entity_src_gen.pdbx_gene_src_organ 
_entity_src_gen.pdbx_gene_src_organelle 
_entity_src_gen.pdbx_gene_src_cell 
_entity_src_gen.pdbx_gene_src_cellular_location 
_entity_src_gen.host_org_common_name 
_entity_src_gen.pdbx_host_org_scientific_name 
_entity_src_gen.pdbx_host_org_ncbi_taxonomy_id 
_entity_src_gen.host_org_genus 
_entity_src_gen.pdbx_host_org_gene 
_entity_src_gen.pdbx_host_org_organ 
_entity_src_gen.host_org_species 
_entity_src_gen.pdbx_host_org_tissue 
_entity_src_gen.pdbx_host_org_tissue_fraction 
_entity_src_gen.pdbx_host_org_strain 
_entity_src_gen.pdbx_host_org_variant 
_entity_src_gen.pdbx_host_org_cell_line 
_entity_src_gen.pdbx_host_org_atcc 
_entity_src_gen.pdbx_host_org_culture_collection 
_entity_src_gen.pdbx_host_org_cell 
_entity_src_gen.pdbx_host_org_organelle 
_entity_src_gen.pdbx_host_org_cellular_location 
_entity_src_gen.pdbx_host_org_vector_type 
_entity_src_gen.pdbx_host_org_vector 
_entity_src_gen.host_org_details 
_entity_src_gen.expression_system_id 
_entity_src_gen.plasmid_name 
_entity_src_gen.plasmid_details 
_entity_src_gen.pdbx_description 
1 1 sample 'Biological sequence' 1  37 'Fruit fly' ? 'Khc, kin, CG7765' ? ? ? ? ? ? 'Drosophila melanogaster' 7227 ? ? ? ? ? ? ? ? 
'Escherichia coli BL21(DE3)' 469008 ? ? ? ? ? ? ? ? ? ? ? ? ? ? ? ? ? ? ? ? ? 
1 2 sample 'Biological sequence' 38 88 Human       ? MAPRE1             ? ? ? ? ? ? 'Homo sapiens'            9606 ? ? ? ? ? ? ? ? 
'Escherichia coli BL21(DE3)' 469008 ? ? ? ? ? ? ? ? ? ? ? ? ? ? ? ? ? ? ? ? ? 
# 
loop_
_struct_ref.id 
_struct_ref.db_name 
_struct_ref.db_code 
_struct_ref.pdbx_db_accession 
_struct_ref.pdbx_db_isoform 
_struct_ref.entity_id 
_struct_ref.pdbx_seq_one_letter_code 
_struct_ref.pdbx_align_begin 
1 UNP KINH_DROME  P17210 ? 1 KNVVCVNEELTAEEWKRRYEKEKEKNARLKGK                    334 
2 UNP MARE1_HUMAN Q15691 ? 1 VEDLEKERDFYFGKLRNIELICQENEGENDPVLQRIVDILYATDEGFVIPD 207 
# 
loop_
_struct_ref_seq.align_id 
_struct_ref_seq.ref_id 
_struct_ref_seq.pdbx_PDB_id_code 
_struct_ref_seq.pdbx_strand_id 
_struct_ref_seq.seq_align_beg 
_struct_ref_seq.pdbx_seq_align_beg_ins_code 
_struct_ref_seq.seq_align_end 
_struct_ref_seq.pdbx_seq_align_end_ins_code 
_struct_ref_seq.pdbx_db_accession 
_struct_ref_seq.db_align_beg 
_struct_ref_seq.pdbx_db_align_beg_ins_code 
_struct_ref_seq.db_align_end 
_struct_ref_seq.pdbx_db_align_end_ins_code 
_struct_ref_seq.pdbx_auth_seq_align_beg 
_struct_ref_seq.pdbx_auth_seq_align_end 
1 1 5JVS A 3  ? 37 ? P17210 334 ? 365 ? 4  38 
2 2 5JVS A 38 ? 88 ? Q15691 207 ? 257 ? 39 89 
# 
loop_
_struct_ref_seq_dif.align_id 
_struct_ref_seq_dif.pdbx_pdb_id_code 
_struct_ref_seq_dif.mon_id 
_struct_ref_seq_dif.pdbx_pdb_strand_id 
_struct_ref_seq_dif.seq_num 
_struct_ref_seq_dif.pdbx_pdb_ins_code 
_struct_ref_seq_dif.pdbx_seq_db_name 
_struct_ref_seq_dif.pdbx_seq_db_accession_code 
_struct_ref_seq_dif.db_mon_id 
_struct_ref_seq_dif.pdbx_seq_db_seq_num 
_struct_ref_seq_dif.details 
_struct_ref_seq_dif.pdbx_auth_seq_num 
_struct_ref_seq_dif.pdbx_ordinal 
1 5JVS LEU A 1  ? UNP P17210 ?   ?   'expression tag'      2  1 
1 5JVS SER A 2  ? UNP P17210 ?   ?   'expression tag'      3  2 
1 5JVS ALA A 7  ? UNP P17210 CYS 338 'engineered mutation' 8  3 
1 5JVS ASP A 14 ? UNP P17210 ?   ?   insertion             15 4 
1 5JVS ALA A 15 ? UNP P17210 ?   ?   insertion             16 5 
1 5JVS LEU A 16 ? UNP P17210 ?   ?   insertion             17 6 
# 
loop_
_chem_comp.id 
_chem_comp.type 
_chem_comp.mon_nstd_flag 
_chem_comp.name 
_chem_comp.pdbx_synonyms 
_chem_comp.formula 
_chem_comp.formula_weight 
ALA 'L-peptide linking' y ALANINE         ?                 'C3 H7 N O2'     89.093  
ARG 'L-peptide linking' y ARGININE        ?                 'C6 H15 N4 O2 1' 175.209 
ASN 'L-peptide linking' y ASPARAGINE      ?                 'C4 H8 N2 O3'    132.118 
ASP 'L-peptide linking' y 'ASPARTIC ACID' ?                 'C4 H7 N O4'     133.103 
CYS 'L-peptide linking' y CYSTEINE        ?                 'C3 H7 N O2 S'   121.158 
EDO non-polymer         . 1,2-ETHANEDIOL  'ETHYLENE GLYCOL' 'C2 H6 O2'       62.068  
GLN 'L-peptide linking' y GLUTAMINE       ?                 'C5 H10 N2 O3'   146.144 
GLU 'L-peptide linking' y 'GLUTAMIC ACID' ?                 'C5 H9 N O4'     147.129 
GLY 'peptide linking'   y GLYCINE         ?                 'C2 H5 N O2'     75.067  
HOH non-polymer         . WATER           ?                 'H2 O'           18.015  
ILE 'L-peptide linking' y ISOLEUCINE      ?                 'C6 H13 N O2'    131.173 
LEU 'L-peptide linking' y LEUCINE         ?                 'C6 H13 N O2'    131.173 
LYS 'L-peptide linking' y LYSINE          ?                 'C6 H15 N2 O2 1' 147.195 
PHE 'L-peptide linking' y PHENYLALANINE   ?                 'C9 H11 N O2'    165.189 
PRO 'L-peptide linking' y PROLINE         ?                 'C5 H9 N O2'     115.130 
SER 'L-peptide linking' y SERINE          ?                 'C3 H7 N O3'     105.093 
THR 'L-peptide linking' y THREONINE       ?                 'C4 H9 N O3'     119.119 
TRP 'L-peptide linking' y TRYPTOPHAN      ?                 'C11 H12 N2 O2'  204.225 
TYR 'L-peptide linking' y TYROSINE        ?                 'C9 H11 N O3'    181.189 
VAL 'L-peptide linking' y VALINE          ?                 'C5 H11 N O2'    117.146 
ZN  non-polymer         . 'ZINC ION'      ?                 'Zn 2'           65.409  
# 
_exptl.absorpt_coefficient_mu     ? 
_exptl.absorpt_correction_T_max   ? 
_exptl.absorpt_correction_T_min   ? 
_exptl.absorpt_correction_type    ? 
_exptl.absorpt_process_details    ? 
_exptl.entry_id                   5JVS 
_exptl.crystals_number            1 
_exptl.details                    ? 
_exptl.method                     'X-RAY DIFFRACTION' 
_exptl.method_details             ? 
# 
_exptl_crystal.colour                      ? 
_exptl_crystal.density_diffrn              ? 
_exptl_crystal.density_Matthews            1.78 
_exptl_crystal.density_method              ? 
_exptl_crystal.density_percent_sol         31.04 
_exptl_crystal.description                 ? 
_exptl_crystal.F_000                       ? 
_exptl_crystal.id                          1 
_exptl_crystal.preparation                 ? 
_exptl_crystal.size_max                    ? 
_exptl_crystal.size_mid                    ? 
_exptl_crystal.size_min                    ? 
_exptl_crystal.size_rad                    ? 
_exptl_crystal.colour_lustre               ? 
_exptl_crystal.colour_modifier             ? 
_exptl_crystal.colour_primary              ? 
_exptl_crystal.density_meas                ? 
_exptl_crystal.density_meas_esd            ? 
_exptl_crystal.density_meas_gt             ? 
_exptl_crystal.density_meas_lt             ? 
_exptl_crystal.density_meas_temp           ? 
_exptl_crystal.density_meas_temp_esd       ? 
_exptl_crystal.density_meas_temp_gt        ? 
_exptl_crystal.density_meas_temp_lt        ? 
_exptl_crystal.pdbx_crystal_image_url      ? 
_exptl_crystal.pdbx_crystal_image_format   ? 
_exptl_crystal.pdbx_mosaicity              ? 
_exptl_crystal.pdbx_mosaicity_esd          ? 
# 
_exptl_crystal_grow.apparatus       ? 
_exptl_crystal_grow.atmosphere      ? 
_exptl_crystal_grow.crystal_id      1 
_exptl_crystal_grow.details         ? 
_exptl_crystal_grow.method          'VAPOR DIFFUSION, HANGING DROP' 
_exptl_crystal_grow.method_ref      ? 
_exptl_crystal_grow.pH              5.0 
_exptl_crystal_grow.pressure        ? 
_exptl_crystal_grow.pressure_esd    ? 
_exptl_crystal_grow.seeding         ? 
_exptl_crystal_grow.seeding_ref     ? 
_exptl_crystal_grow.temp            293 
_exptl_crystal_grow.temp_details    ? 
_exptl_crystal_grow.temp_esd        ? 
_exptl_crystal_grow.time            ? 
_exptl_crystal_grow.pdbx_details    
'100 mM sodium acetate pH 5.0, 24% (w/v) polyethylene glycol (PEG) 400, 80 mM MgCl2, 3 mM ZnSO4' 
_exptl_crystal_grow.pdbx_pH_range   ? 
# 
_diffrn.ambient_environment    ? 
_diffrn.ambient_temp           100 
_diffrn.ambient_temp_details   ? 
_diffrn.ambient_temp_esd       ? 
_diffrn.crystal_id             1 
_diffrn.crystal_support        ? 
_diffrn.crystal_treatment      ? 
_diffrn.details                ? 
_diffrn.id                     1 
_diffrn.ambient_pressure       ? 
_diffrn.ambient_pressure_esd   ? 
_diffrn.ambient_pressure_gt    ? 
_diffrn.ambient_pressure_lt    ? 
_diffrn.ambient_temp_gt        ? 
_diffrn.ambient_temp_lt        ? 
# 
_diffrn_detector.details                      ? 
_diffrn_detector.detector                     CCD 
_diffrn_detector.diffrn_id                    1 
_diffrn_detector.type                         'ADSC QUANTUM 315r' 
_diffrn_detector.area_resol_mean              ? 
_diffrn_detector.dtime                        ? 
_diffrn_detector.pdbx_frames_total            ? 
_diffrn_detector.pdbx_collection_time_total   ? 
_diffrn_detector.pdbx_collection_date         2015-12-07 
# 
_diffrn_radiation.collimation                      ? 
_diffrn_radiation.diffrn_id                        1 
_diffrn_radiation.filter_edge                      ? 
_diffrn_radiation.inhomogeneity                    ? 
_diffrn_radiation.monochromator                    ? 
_diffrn_radiation.polarisn_norm                    ? 
_diffrn_radiation.polarisn_ratio                   ? 
_diffrn_radiation.probe                            ? 
_diffrn_radiation.type                             ? 
_diffrn_radiation.xray_symbol                      ? 
_diffrn_radiation.wavelength_id                    1 
_diffrn_radiation.pdbx_monochromatic_or_laue_m_l   M 
_diffrn_radiation.pdbx_wavelength_list             ? 
_diffrn_radiation.pdbx_wavelength                  ? 
_diffrn_radiation.pdbx_diffrn_protocol             'SINGLE WAVELENGTH' 
_diffrn_radiation.pdbx_analyzer                    ? 
_diffrn_radiation.pdbx_scattering_type             x-ray 
# 
_diffrn_radiation_wavelength.id           1 
_diffrn_radiation_wavelength.wavelength   0.97934 
_diffrn_radiation_wavelength.wt           1.0 
# 
_diffrn_source.current                     ? 
_diffrn_source.details                     ? 
_diffrn_source.diffrn_id                   1 
_diffrn_source.power                       ? 
_diffrn_source.size                        ? 
_diffrn_source.source                      SYNCHROTRON 
_diffrn_source.target                      ? 
_diffrn_source.type                        'APS BEAMLINE 19-ID' 
_diffrn_source.voltage                     ? 
_diffrn_source.take-off_angle              ? 
_diffrn_source.pdbx_wavelength_list        0.97934 
_diffrn_source.pdbx_wavelength             ? 
_diffrn_source.pdbx_synchrotron_beamline   19-ID 
_diffrn_source.pdbx_synchrotron_site       APS 
# 
_reflns.B_iso_Wilson_estimate            ? 
_reflns.entry_id                         5JVS 
_reflns.data_reduction_details           ? 
_reflns.data_reduction_method            ? 
_reflns.d_resolution_high                2.24 
_reflns.d_resolution_low                 46.34 
_reflns.details                          ? 
_reflns.limit_h_max                      ? 
_reflns.limit_h_min                      ? 
_reflns.limit_k_max                      ? 
_reflns.limit_k_min                      ? 
_reflns.limit_l_max                      ? 
_reflns.limit_l_min                      ? 
_reflns.number_all                       ? 
_reflns.number_obs                       5804 
_reflns.observed_criterion               ? 
_reflns.observed_criterion_F_max         ? 
_reflns.observed_criterion_F_min         ? 
_reflns.observed_criterion_I_max         ? 
_reflns.observed_criterion_I_min         ? 
_reflns.observed_criterion_sigma_F       ? 
_reflns.observed_criterion_sigma_I       ? 
_reflns.percent_possible_obs             90 
_reflns.R_free_details                   ? 
_reflns.Rmerge_F_all                     ? 
_reflns.Rmerge_F_obs                     ? 
_reflns.Friedel_coverage                 ? 
_reflns.number_gt                        ? 
_reflns.threshold_expression             ? 
_reflns.pdbx_redundancy                  12.5 
_reflns.pdbx_Rmerge_I_obs                0.058 
_reflns.pdbx_Rmerge_I_all                ? 
_reflns.pdbx_Rsym_value                  ? 
_reflns.pdbx_netI_over_av_sigmaI         ? 
_reflns.pdbx_netI_over_sigmaI            37.5 
_reflns.pdbx_res_netI_over_av_sigmaI_2   ? 
_reflns.pdbx_res_netI_over_sigmaI_2      ? 
_reflns.pdbx_chi_squared                 ? 
_reflns.pdbx_scaling_rejects             ? 
_reflns.pdbx_d_res_high_opt              ? 
_reflns.pdbx_d_res_low_opt               ? 
_reflns.pdbx_d_res_opt_method            ? 
_reflns.phase_calculation_details        ? 
_reflns.pdbx_Rrim_I_all                  ? 
_reflns.pdbx_Rpim_I_all                  ? 
_reflns.pdbx_d_opt                       ? 
_reflns.pdbx_number_measured_all         ? 
_reflns.pdbx_diffrn_id                   1 
_reflns.pdbx_ordinal                     1 
_reflns.pdbx_CC_half                     ? 
_reflns.pdbx_R_split                     ? 
# 
_reflns_shell.d_res_high                  2.24 
_reflns_shell.d_res_low                   2.28 
_reflns_shell.meanI_over_sigI_all         ? 
_reflns_shell.meanI_over_sigI_obs         4.6 
_reflns_shell.number_measured_all         ? 
_reflns_shell.number_measured_obs         ? 
_reflns_shell.number_possible             ? 
_reflns_shell.number_unique_all           ? 
_reflns_shell.number_unique_obs           ? 
_reflns_shell.percent_possible_all        69.5 
_reflns_shell.percent_possible_obs        ? 
_reflns_shell.Rmerge_F_all                ? 
_reflns_shell.Rmerge_F_obs                ? 
_reflns_shell.Rmerge_I_all                ? 
_reflns_shell.Rmerge_I_obs                0.522 
_reflns_shell.meanI_over_sigI_gt          ? 
_reflns_shell.meanI_over_uI_all           ? 
_reflns_shell.meanI_over_uI_gt            ? 
_reflns_shell.number_measured_gt          ? 
_reflns_shell.number_unique_gt            ? 
_reflns_shell.percent_possible_gt         ? 
_reflns_shell.Rmerge_F_gt                 ? 
_reflns_shell.Rmerge_I_gt                 ? 
_reflns_shell.pdbx_redundancy             4.9 
_reflns_shell.pdbx_Rsym_value             ? 
_reflns_shell.pdbx_chi_squared            ? 
_reflns_shell.pdbx_netI_over_sigmaI_all   ? 
_reflns_shell.pdbx_netI_over_sigmaI_obs   ? 
_reflns_shell.pdbx_Rrim_I_all             ? 
_reflns_shell.pdbx_Rpim_I_all             ? 
_reflns_shell.pdbx_rejects                ? 
_reflns_shell.pdbx_ordinal                1 
_reflns_shell.pdbx_diffrn_id              1 
_reflns_shell.pdbx_CC_half                ? 
_reflns_shell.pdbx_R_split                ? 
# 
_refine.pdbx_refine_id                           'X-RAY DIFFRACTION' 
_refine.entry_id                                 5JVS 
_refine.pdbx_diffrn_id                           1 
_refine.pdbx_TLS_residual_ADP_flag               ? 
_refine.ls_number_reflns_obs                     5804 
_refine.ls_number_reflns_all                     ? 
_refine.pdbx_ls_sigma_I                          ? 
_refine.pdbx_ls_sigma_F                          1.37 
_refine.pdbx_data_cutoff_high_absF               ? 
_refine.pdbx_data_cutoff_low_absF                ? 
_refine.pdbx_data_cutoff_high_rms_absF           ? 
_refine.ls_d_res_low                             33.588 
_refine.ls_d_res_high                            2.248 
_refine.ls_percent_reflns_obs                    84.68 
_refine.ls_R_factor_obs                          0.2020 
_refine.ls_R_factor_all                          ? 
_refine.ls_R_factor_R_work                       0.2000 
_refine.ls_R_factor_R_free                       0.2363 
_refine.ls_R_factor_R_free_error                 ? 
_refine.ls_R_factor_R_free_error_details         ? 
_refine.ls_percent_reflns_R_free                 4.94 
_refine.ls_number_reflns_R_free                  287 
_refine.ls_number_parameters                     ? 
_refine.ls_number_restraints                     ? 
_refine.occupancy_min                            ? 
_refine.occupancy_max                            ? 
_refine.correlation_coeff_Fo_to_Fc               ? 
_refine.correlation_coeff_Fo_to_Fc_free          ? 
_refine.B_iso_mean                               ? 
_refine.aniso_B[1][1]                            ? 
_refine.aniso_B[2][2]                            ? 
_refine.aniso_B[3][3]                            ? 
_refine.aniso_B[1][2]                            ? 
_refine.aniso_B[1][3]                            ? 
_refine.aniso_B[2][3]                            ? 
_refine.solvent_model_details                    'FLAT BULK SOLVENT MODEL' 
_refine.solvent_model_param_ksol                 ? 
_refine.solvent_model_param_bsol                 ? 
_refine.pdbx_solvent_vdw_probe_radii             1.11 
_refine.pdbx_solvent_ion_probe_radii             ? 
_refine.pdbx_solvent_shrinkage_radii             0.90 
_refine.pdbx_ls_cross_valid_method               'FREE R-VALUE' 
_refine.details                                  ? 
_refine.pdbx_starting_model                      1YIB 
_refine.pdbx_method_to_determine_struct          'MOLECULAR REPLACEMENT' 
_refine.pdbx_isotropic_thermal_model             ? 
_refine.pdbx_stereochemistry_target_values       ML 
_refine.pdbx_stereochem_target_val_spec_case     ? 
_refine.pdbx_R_Free_selection_details            ? 
_refine.pdbx_overall_ESU_R                       ? 
_refine.pdbx_overall_ESU_R_Free                  ? 
_refine.overall_SU_ML                            0.24 
_refine.pdbx_overall_phase_error                 19.67 
_refine.overall_SU_B                             ? 
_refine.overall_SU_R_Cruickshank_DPI             ? 
_refine.pdbx_overall_SU_R_free_Cruickshank_DPI   ? 
_refine.pdbx_overall_SU_R_Blow_DPI               ? 
_refine.pdbx_overall_SU_R_free_Blow_DPI          ? 
# 
_refine_hist.pdbx_refine_id                   'X-RAY DIFFRACTION' 
_refine_hist.cycle_id                         LAST 
_refine_hist.pdbx_number_atoms_protein        557 
_refine_hist.pdbx_number_atoms_nucleic_acid   0 
_refine_hist.pdbx_number_atoms_ligand         5 
_refine_hist.number_atoms_solvent             27 
_refine_hist.number_atoms_total               589 
_refine_hist.d_res_high                       2.248 
_refine_hist.d_res_low                        33.588 
# 
loop_
_refine_ls_restr.type 
_refine_ls_restr.dev_ideal 
_refine_ls_restr.dev_ideal_target 
_refine_ls_restr.weight 
_refine_ls_restr.number 
_refine_ls_restr.pdbx_refine_id 
_refine_ls_restr.pdbx_restraint_function 
f_bond_d           0.002  ? ? 576 'X-RAY DIFFRACTION' ? 
f_angle_d          0.330  ? ? 768 'X-RAY DIFFRACTION' ? 
f_dihedral_angle_d 10.178 ? ? 361 'X-RAY DIFFRACTION' ? 
f_chiral_restr     0.028  ? ? 77  'X-RAY DIFFRACTION' ? 
f_plane_restr      0.001  ? ? 103 'X-RAY DIFFRACTION' ? 
# 
loop_
_refine_ls_shell.pdbx_refine_id 
_refine_ls_shell.pdbx_total_number_of_bins_used 
_refine_ls_shell.d_res_high 
_refine_ls_shell.d_res_low 
_refine_ls_shell.number_reflns_R_work 
_refine_ls_shell.R_factor_R_work 
_refine_ls_shell.percent_reflns_obs 
_refine_ls_shell.R_factor_R_free 
_refine_ls_shell.R_factor_R_free_error 
_refine_ls_shell.percent_reflns_R_free 
_refine_ls_shell.number_reflns_R_free 
_refine_ls_shell.number_reflns_all 
_refine_ls_shell.R_factor_all 
_refine_ls_shell.R_factor_obs 
_refine_ls_shell.number_reflns_obs 
'X-RAY DIFFRACTION' . 2.2484 2.8325  2267 0.2441 70.00  0.3136 . . 114 . . . . 
'X-RAY DIFFRACTION' . 2.8325 33.5914 3250 0.1866 100.00 0.2157 . . 173 . . . . 
# 
_struct.entry_id                     5JVS 
_struct.title                        'The neck-linker + DAL and alpha 7 helix of Drosophila melanogaster Kinesin-1 fused to EB1' 
_struct.pdbx_model_details           ? 
_struct.pdbx_formula_weight          ? 
_struct.pdbx_formula_weight_method   ? 
_struct.pdbx_model_type_details      ? 
_struct.pdbx_CASP_flag               N 
# 
_struct_keywords.entry_id        5JVS 
_struct_keywords.text            'kinesin, coiled-coil, MOTOR PROTEIN' 
_struct_keywords.pdbx_keywords   'MOTOR PROTEIN' 
# 
loop_
_struct_asym.id 
_struct_asym.pdbx_blank_PDB_chainid_flag 
_struct_asym.pdbx_modified 
_struct_asym.entity_id 
_struct_asym.details 
A N N 1 ? 
B N N 2 ? 
C N N 3 ? 
D N N 4 ? 
# 
loop_
_struct_conf.conf_type_id 
_struct_conf.id 
_struct_conf.pdbx_PDB_helix_id 
_struct_conf.beg_label_comp_id 
_struct_conf.beg_label_asym_id 
_struct_conf.beg_label_seq_id 
_struct_conf.pdbx_beg_PDB_ins_code 
_struct_conf.end_label_comp_id 
_struct_conf.end_label_asym_id 
_struct_conf.end_label_seq_id 
_struct_conf.pdbx_end_PDB_ins_code 
_struct_conf.beg_auth_comp_id 
_struct_conf.beg_auth_asym_id 
_struct_conf.beg_auth_seq_id 
_struct_conf.end_auth_comp_id 
_struct_conf.end_auth_asym_id 
_struct_conf.end_auth_seq_id 
_struct_conf.pdbx_PDB_helix_class 
_struct_conf.details 
_struct_conf.pdbx_PDB_helix_length 
HELX_P HELX_P1 AA1 ASP A 14 ? ASN A 62 ? ASP A 15 ASN A 63 1 ? 49 
HELX_P HELX_P2 AA2 ASP A 67 ? TYR A 78 ? ASP A 68 TYR A 79 1 ? 12 
# 
_struct_conf_type.id          HELX_P 
_struct_conf_type.criteria    ? 
_struct_conf_type.reference   ? 
# 
_struct_site.id                   AC1 
_struct_site.pdbx_evidence_code   Software 
_struct_site.pdbx_auth_asym_id    A 
_struct_site.pdbx_auth_comp_id    EDO 
_struct_site.pdbx_auth_seq_id     102 
_struct_site.pdbx_auth_ins_code   ? 
_struct_site.pdbx_num_residues    2 
_struct_site.details              'binding site for residue EDO A 102' 
# 
loop_
_struct_site_gen.id 
_struct_site_gen.site_id 
_struct_site_gen.pdbx_num_res 
_struct_site_gen.label_comp_id 
_struct_site_gen.label_asym_id 
_struct_site_gen.label_seq_id 
_struct_site_gen.pdbx_auth_ins_code 
_struct_site_gen.auth_comp_id 
_struct_site_gen.auth_asym_id 
_struct_site_gen.auth_seq_id 
_struct_site_gen.label_atom_id 
_struct_site_gen.label_alt_id 
_struct_site_gen.symmetry 
_struct_site_gen.details 
1 AC1 2 TYR A 48 ? TYR A 49  . ? 1_555 ? 
2 AC1 2 HOH D .  ? HOH A 210 . ? 1_555 ? 
# 
_atom_sites.entry_id                    5JVS 
_atom_sites.fract_transf_matrix[1][1]   0.00612351 
_atom_sites.fract_transf_matrix[1][2]   -0.00434113 
_atom_sites.fract_transf_matrix[1][3]   -0.02383605 
_atom_sites.fract_transf_matrix[2][1]   -0.00604349 
_atom_sites.fract_transf_matrix[2][2]   0.02353475 
_atom_sites.fract_transf_matrix[2][3]   -0.00583884 
_atom_sites.fract_transf_matrix[3][1]   0.00506519 
_atom_sites.fract_transf_matrix[3][2]   0.00155334 
_atom_sites.fract_transf_matrix[3][3]   0.00101835 
_atom_sites.fract_transf_vector[1]      0.035579 
_atom_sites.fract_transf_vector[2]      -0.491483 
_atom_sites.fract_transf_vector[3]      -0.063925 
# 
loop_
_atom_type.symbol 
C  
H  
N  
O  
S  
ZN 
# 
loop_
_atom_site.group_PDB 
_atom_site.id 
_atom_site.type_symbol 
_atom_site.label_atom_id 
_atom_site.label_alt_id 
_atom_site.label_comp_id 
_atom_site.label_asym_id 
_atom_site.label_entity_id 
_atom_site.label_seq_id 
_atom_site.pdbx_PDB_ins_code 
_atom_site.Cartn_x 
_atom_site.Cartn_y 
_atom_site.Cartn_z 
_atom_site.occupancy 
_atom_site.B_iso_or_equiv 
_atom_site.pdbx_formal_charge 
_atom_site.auth_seq_id 
_atom_site.auth_comp_id 
_atom_site.auth_asym_id 
_atom_site.auth_atom_id 
_atom_site.pdbx_PDB_model_num 
ATOM   1   N  N   . ASP A 1 14 ? 40.825  9.833   9.921   1.00 79.72  ? 15  ASP A N   1 
ATOM   2   C  CA  . ASP A 1 14 ? 41.277  8.791   10.834  1.00 85.52  ? 15  ASP A CA  1 
ATOM   3   C  C   . ASP A 1 14 ? 40.107  8.185   11.603  1.00 83.23  ? 15  ASP A C   1 
ATOM   4   O  O   . ASP A 1 14 ? 39.125  7.742   11.007  1.00 75.18  ? 15  ASP A O   1 
ATOM   5   C  CB  . ASP A 1 14 ? 42.321  9.346   11.808  1.00 94.70  ? 15  ASP A CB  1 
ATOM   6   C  CG  . ASP A 1 14 ? 41.871  10.633  12.475  1.00 98.62  ? 15  ASP A CG  1 
ATOM   7   O  OD1 . ASP A 1 14 ? 41.124  10.556  13.472  1.00 94.63  ? 15  ASP A OD1 1 
ATOM   8   O  OD2 . ASP A 1 14 ? 42.268  11.720  12.002  1.00 100.38 ? 15  ASP A OD2 1 
ATOM   9   N  N   . ALA A 1 15 ? 40.219  8.166   12.935  1.00 83.77  ? 16  ALA A N   1 
ATOM   10  C  CA  . ALA A 1 15 ? 39.149  7.608   13.755  1.00 81.20  ? 16  ALA A CA  1 
ATOM   11  C  C   . ALA A 1 15 ? 37.845  8.371   13.574  1.00 79.31  ? 16  ALA A C   1 
ATOM   12  O  O   . ALA A 1 15 ? 36.761  7.778   13.650  1.00 79.66  ? 16  ALA A O   1 
ATOM   13  C  CB  . ALA A 1 15 ? 39.564  7.605   15.227  1.00 79.18  ? 16  ALA A CB  1 
ATOM   14  N  N   . LEU A 1 16 ? 37.922  9.685   13.340  1.00 80.38  ? 17  LEU A N   1 
ATOM   15  C  CA  . LEU A 1 16 ? 36.710  10.468  13.131  1.00 73.74  ? 17  LEU A CA  1 
ATOM   16  C  C   . LEU A 1 16 ? 36.030  10.111  11.817  1.00 69.41  ? 17  LEU A C   1 
ATOM   17  O  O   . LEU A 1 16 ? 34.797  10.163  11.723  1.00 69.78  ? 17  LEU A O   1 
ATOM   18  C  CB  . LEU A 1 16 ? 37.034  11.960  13.173  1.00 77.98  ? 17  LEU A CB  1 
ATOM   19  C  CG  . LEU A 1 16 ? 35.852  12.907  12.972  1.00 76.13  ? 17  LEU A CG  1 
ATOM   20  C  CD1 . LEU A 1 16 ? 34.860  12.784  14.120  1.00 73.15  ? 17  LEU A CD1 1 
ATOM   21  C  CD2 . LEU A 1 16 ? 36.337  14.340  12.824  1.00 76.05  ? 17  LEU A CD2 1 
ATOM   22  N  N   . ALA A 1 17 ? 36.810  9.756   10.794  1.00 68.30  ? 18  ALA A N   1 
ATOM   23  C  CA  . ALA A 1 17 ? 36.220  9.312   9.535   1.00 65.74  ? 18  ALA A CA  1 
ATOM   24  C  C   . ALA A 1 17 ? 35.603  7.928   9.684   1.00 65.39  ? 18  ALA A C   1 
ATOM   25  O  O   . ALA A 1 17 ? 34.482  7.682   9.219   1.00 62.40  ? 18  ALA A O   1 
ATOM   26  C  CB  . ALA A 1 17 ? 37.277  9.319   8.431   1.00 68.75  ? 18  ALA A CB  1 
ATOM   27  N  N   . GLU A 1 18 ? 36.323  7.007   10.330  1.00 69.24  ? 19  GLU A N   1 
ATOM   28  C  CA  . GLU A 1 18 ? 35.789  5.666   10.544  1.00 70.38  ? 19  GLU A CA  1 
ATOM   29  C  C   . GLU A 1 18 ? 34.468  5.716   11.297  1.00 62.30  ? 19  GLU A C   1 
ATOM   30  O  O   . GLU A 1 18 ? 33.529  4.978   10.973  1.00 59.03  ? 19  GLU A O   1 
ATOM   31  C  CB  . GLU A 1 18 ? 36.806  4.811   11.302  1.00 83.94  ? 19  GLU A CB  1 
ATOM   32  C  CG  . GLU A 1 18 ? 36.344  3.390   11.582  1.00 90.53  ? 19  GLU A CG  1 
ATOM   33  C  CD  . GLU A 1 18 ? 36.191  2.570   10.318  1.00 95.02  ? 19  GLU A CD  1 
ATOM   34  O  OE1 . GLU A 1 18 ? 37.111  2.602   9.473   1.00 93.51  ? 19  GLU A OE1 1 
ATOM   35  O  OE2 . GLU A 1 18 ? 35.146  1.904   10.163  1.00 95.85  ? 19  GLU A OE2 1 
ATOM   36  N  N   . GLU A 1 19 ? 34.375  6.581   12.308  1.00 59.12  ? 20  GLU A N   1 
ATOM   37  C  CA  . GLU A 1 19 ? 33.140  6.689   13.076  1.00 60.59  ? 20  GLU A CA  1 
ATOM   38  C  C   . GLU A 1 19 ? 31.976  7.085   12.177  1.00 57.66  ? 20  GLU A C   1 
ATOM   39  O  O   . GLU A 1 19 ? 30.908  6.464   12.213  1.00 52.40  ? 20  GLU A O   1 
ATOM   40  C  CB  . GLU A 1 19 ? 33.317  7.697   14.211  1.00 66.73  ? 20  GLU A CB  1 
ATOM   41  C  CG  . GLU A 1 19 ? 32.299  7.561   15.329  1.00 80.73  ? 20  GLU A CG  1 
ATOM   42  C  CD  . GLU A 1 19 ? 32.574  8.510   16.479  1.00 96.87  ? 20  GLU A CD  1 
ATOM   43  O  OE1 . GLU A 1 19 ? 33.019  9.648   16.219  1.00 103.15 ? 20  GLU A OE1 1 
ATOM   44  O  OE2 . GLU A 1 19 ? 32.356  8.113   17.644  1.00 99.65  ? 20  GLU A OE2 1 
ATOM   45  N  N   . TRP A 1 20 ? 32.170  8.116   11.352  1.00 58.58  ? 21  TRP A N   1 
ATOM   46  C  CA  . TRP A 1 20 ? 31.095  8.560   10.470  1.00 58.12  ? 21  TRP A CA  1 
ATOM   47  C  C   . TRP A 1 20 ? 30.753  7.495   9.436   1.00 60.69  ? 21  TRP A C   1 
ATOM   48  O  O   . TRP A 1 20 ? 29.575  7.285   9.120   1.00 54.27  ? 21  TRP A O   1 
ATOM   49  C  CB  . TRP A 1 20 ? 31.479  9.873   9.787   1.00 50.13  ? 21  TRP A CB  1 
ATOM   50  C  CG  . TRP A 1 20 ? 31.322  11.071  10.672  1.00 50.80  ? 21  TRP A CG  1 
ATOM   51  C  CD1 . TRP A 1 20 ? 32.319  11.839  11.202  1.00 56.25  ? 21  TRP A CD1 1 
ATOM   52  C  CD2 . TRP A 1 20 ? 30.091  11.635  11.139  1.00 50.57  ? 21  TRP A CD2 1 
ATOM   53  N  NE1 . TRP A 1 20 ? 31.783  12.848  11.965  1.00 55.00  ? 21  TRP A NE1 1 
ATOM   54  C  CE2 . TRP A 1 20 ? 30.417  12.744  11.945  1.00 51.20  ? 21  TRP A CE2 1 
ATOM   55  C  CE3 . TRP A 1 20 ? 28.745  11.309  10.956  1.00 53.45  ? 21  TRP A CE3 1 
ATOM   56  C  CZ2 . TRP A 1 20 ? 29.446  13.530  12.563  1.00 54.03  ? 21  TRP A CZ2 1 
ATOM   57  C  CZ3 . TRP A 1 20 ? 27.782  12.091  11.570  1.00 60.41  ? 21  TRP A CZ3 1 
ATOM   58  C  CH2 . TRP A 1 20 ? 28.137  13.188  12.363  1.00 49.04  ? 21  TRP A CH2 1 
ATOM   59  N  N   . LYS A 1 21 ? 31.767  6.816   8.893   1.00 62.05  ? 22  LYS A N   1 
ATOM   60  C  CA  . LYS A 1 21 ? 31.505  5.733   7.951   1.00 58.73  ? 22  LYS A CA  1 
ATOM   61  C  C   . LYS A 1 21 ? 30.561  4.705   8.561   1.00 53.70  ? 22  LYS A C   1 
ATOM   62  O  O   . LYS A 1 21 ? 29.571  4.302   7.941   1.00 49.35  ? 22  LYS A O   1 
ATOM   63  C  CB  . LYS A 1 21 ? 32.816  5.074   7.524   1.00 59.93  ? 22  LYS A CB  1 
ATOM   64  C  CG  . LYS A 1 21 ? 32.637  4.007   6.453   1.00 69.62  ? 22  LYS A CG  1 
ATOM   65  C  CD  . LYS A 1 21 ? 33.930  3.255   6.186   1.00 76.16  ? 22  LYS A CD  1 
ATOM   66  C  CE  . LYS A 1 21 ? 34.318  2.390   7.372   1.00 84.24  ? 22  LYS A CE  1 
ATOM   67  N  NZ  . LYS A 1 21 ? 35.592  1.659   7.129   1.00 92.14  ? 22  LYS A NZ  1 
ATOM   68  N  N   . ARG A 1 22 ? 30.855  4.277   9.791   1.00 50.18  ? 23  ARG A N   1 
ATOM   69  C  CA  . ARG A 1 22 ? 29.971  3.342   10.479  1.00 51.51  ? 23  ARG A CA  1 
ATOM   70  C  C   . ARG A 1 22 ? 28.554  3.895   10.578  1.00 50.70  ? 23  ARG A C   1 
ATOM   71  O  O   . ARG A 1 22 ? 27.577  3.146   10.458  1.00 55.32  ? 23  ARG A O   1 
ATOM   72  C  CB  . ARG A 1 22 ? 30.529  3.033   11.867  1.00 56.80  ? 23  ARG A CB  1 
ATOM   73  C  CG  . ARG A 1 22 ? 29.678  2.095   12.695  1.00 65.99  ? 23  ARG A CG  1 
ATOM   74  C  CD  . ARG A 1 22 ? 30.340  1.840   14.037  1.00 78.67  ? 23  ARG A CD  1 
ATOM   75  N  NE  . ARG A 1 22 ? 30.629  3.086   14.742  1.00 87.55  ? 23  ARG A NE  1 
ATOM   76  C  CZ  . ARG A 1 22 ? 31.375  3.168   15.839  1.00 88.18  ? 23  ARG A CZ  1 
ATOM   77  N  NH1 . ARG A 1 22 ? 31.916  2.074   16.357  1.00 92.17  ? 23  ARG A NH1 1 
ATOM   78  N  NH2 . ARG A 1 22 ? 31.585  4.345   16.414  1.00 81.28  ? 23  ARG A NH2 1 
ATOM   79  N  N   . ARG A 1 23 ? 28.422  5.205   10.796  1.00 48.59  ? 24  ARG A N   1 
ATOM   80  C  CA  . ARG A 1 23 ? 27.095  5.810   10.860  1.00 46.95  ? 24  ARG A CA  1 
ATOM   81  C  C   . ARG A 1 23 ? 26.431  5.829   9.490   1.00 42.66  ? 24  ARG A C   1 
ATOM   82  O  O   . ARG A 1 23 ? 25.223  5.587   9.377   1.00 41.19  ? 24  ARG A O   1 
ATOM   83  C  CB  . ARG A 1 23 ? 27.190  7.223   11.435  1.00 49.45  ? 24  ARG A CB  1 
ATOM   84  C  CG  . ARG A 1 23 ? 27.573  7.259   12.904  1.00 52.05  ? 24  ARG A CG  1 
ATOM   85  C  CD  . ARG A 1 23 ? 28.007  8.649   13.330  1.00 53.95  ? 24  ARG A CD  1 
ATOM   86  N  NE  . ARG A 1 23 ? 28.472  8.665   14.714  1.00 55.65  ? 24  ARG A NE  1 
ATOM   87  C  CZ  . ARG A 1 23 ? 28.986  9.733   15.313  1.00 57.17  ? 24  ARG A CZ  1 
ATOM   88  N  NH1 . ARG A 1 23 ? 29.102  10.873  14.647  1.00 61.31  ? 24  ARG A NH1 1 
ATOM   89  N  NH2 . ARG A 1 23 ? 29.386  9.660   16.576  1.00 58.25  ? 24  ARG A NH2 1 
ATOM   90  N  N   . TYR A 1 24 ? 27.199  6.120   8.437   1.00 43.18  ? 25  TYR A N   1 
ATOM   91  C  CA  . TYR A 1 24 ? 26.644  6.081   7.089   1.00 44.88  ? 25  TYR A CA  1 
ATOM   92  C  C   . TYR A 1 24 ? 26.169  4.678   6.735   1.00 46.53  ? 25  TYR A C   1 
ATOM   93  O  O   . TYR A 1 24 ? 25.039  4.488   6.269   1.00 43.86  ? 25  TYR A O   1 
ATOM   94  C  CB  . TYR A 1 24 ? 27.676  6.564   6.071   1.00 43.26  ? 25  TYR A CB  1 
ATOM   95  C  CG  . TYR A 1 24 ? 27.388  6.065   4.674   1.00 42.73  ? 25  TYR A CG  1 
ATOM   96  C  CD1 . TYR A 1 24 ? 26.428  6.678   3.880   1.00 41.61  ? 25  TYR A CD1 1 
ATOM   97  C  CD2 . TYR A 1 24 ? 28.055  4.962   4.159   1.00 44.35  ? 25  TYR A CD2 1 
ATOM   98  C  CE1 . TYR A 1 24 ? 26.152  6.215   2.608   1.00 48.29  ? 25  TYR A CE1 1 
ATOM   99  C  CE2 . TYR A 1 24 ? 27.786  4.492   2.890   1.00 44.06  ? 25  TYR A CE2 1 
ATOM   100 C  CZ  . TYR A 1 24 ? 26.835  5.121   2.119   1.00 51.04  ? 25  TYR A CZ  1 
ATOM   101 O  OH  . TYR A 1 24 ? 26.567  4.654   0.852   1.00 55.88  ? 25  TYR A OH  1 
ATOM   102 N  N   . GLU A 1 25 ? 27.028  3.677   6.950   1.00 42.47  ? 26  GLU A N   1 
ATOM   103 C  CA  . GLU A 1 25 ? 26.665  2.308   6.603   1.00 50.54  ? 26  GLU A CA  1 
ATOM   104 C  C   . GLU A 1 25 ? 25.446  1.841   7.388   1.00 43.85  ? 26  GLU A C   1 
ATOM   105 O  O   . GLU A 1 25 ? 24.544  1.209   6.827   1.00 41.98  ? 26  GLU A O   1 
ATOM   106 C  CB  . GLU A 1 25 ? 27.853  1.378   6.843   1.00 61.44  ? 26  GLU A CB  1 
ATOM   107 C  CG  . GLU A 1 25 ? 29.060  1.696   5.972   1.00 68.63  ? 26  GLU A CG  1 
ATOM   108 C  CD  . GLU A 1 25 ? 30.247  0.800   6.265   1.00 80.92  ? 26  GLU A CD  1 
ATOM   109 O  OE1 . GLU A 1 25 ? 30.303  0.236   7.376   1.00 84.41  ? 26  GLU A OE1 1 
ATOM   110 O  OE2 . GLU A 1 25 ? 31.123  0.660   5.385   1.00 84.60  ? 26  GLU A OE2 1 
ATOM   111 N  N   . LYS A 1 26 ? 25.401  2.142   8.686   1.00 41.26  ? 27  LYS A N   1 
ATOM   112 C  CA  . LYS A 1 26 ? 24.233  1.793   9.485   1.00 40.36  ? 27  LYS A CA  1 
ATOM   113 C  C   . LYS A 1 26 ? 22.978  2.437   8.915   1.00 48.81  ? 27  LYS A C   1 
ATOM   114 O  O   . LYS A 1 26 ? 21.964  1.766   8.692   1.00 42.48  ? 27  LYS A O   1 
ATOM   115 C  CB  . LYS A 1 26 ? 24.451  2.218   10.938  1.00 53.74  ? 27  LYS A CB  1 
ATOM   116 C  CG  . LYS A 1 26 ? 23.265  1.984   11.856  1.00 58.13  ? 27  LYS A CG  1 
ATOM   117 C  CD  . LYS A 1 26 ? 23.530  2.597   13.222  1.00 66.79  ? 27  LYS A CD  1 
ATOM   118 C  CE  . LYS A 1 26 ? 22.343  2.448   14.155  1.00 72.66  ? 27  LYS A CE  1 
ATOM   119 N  NZ  . LYS A 1 26 ? 22.509  3.281   15.380  1.00 81.88  ? 27  LYS A NZ  1 
ATOM   120 N  N   . GLU A 1 27 ? 23.033  3.746   8.661   1.00 50.33  ? 28  GLU A N   1 
ATOM   121 C  CA  . GLU A 1 27 ? 21.909  4.423   8.028   1.00 42.97  ? 28  GLU A CA  1 
ATOM   122 C  C   . GLU A 1 27 ? 21.608  3.836   6.655   1.00 42.15  ? 28  GLU A C   1 
ATOM   123 O  O   . GLU A 1 27 ? 20.444  3.782   6.243   1.00 46.73  ? 28  GLU A O   1 
ATOM   124 C  CB  . GLU A 1 27 ? 22.196  5.921   7.920   1.00 43.37  ? 28  GLU A CB  1 
ATOM   125 C  CG  . GLU A 1 27 ? 20.956  6.794   7.871   1.00 46.90  ? 28  GLU A CG  1 
ATOM   126 C  CD  . GLU A 1 27 ? 20.193  6.786   9.183   1.00 50.62  ? 28  GLU A CD  1 
ATOM   127 O  OE1 . GLU A 1 27 ? 20.795  6.424   10.215  1.00 47.43  ? 28  GLU A OE1 1 
ATOM   128 O  OE2 . GLU A 1 27 ? 18.994  7.138   9.179   1.00 54.74  ? 28  GLU A OE2 1 
ATOM   129 N  N   . LYS A 1 28 ? 22.642  3.383   5.937   1.00 41.46  ? 29  LYS A N   1 
ATOM   130 C  CA  . LYS A 1 28 ? 22.429  2.813   4.611   1.00 43.33  ? 29  LYS A CA  1 
ATOM   131 C  C   . LYS A 1 28 ? 21.736  1.459   4.695   1.00 46.22  ? 29  LYS A C   1 
ATOM   132 O  O   . LYS A 1 28 ? 20.906  1.126   3.840   1.00 42.44  ? 29  LYS A O   1 
ATOM   133 C  CB  . LYS A 1 28 ? 23.760  2.687   3.868   1.00 46.10  ? 29  LYS A CB  1 
ATOM   134 C  CG  . LYS A 1 28 ? 23.612  2.319   2.399   1.00 48.87  ? 29  LYS A CG  1 
ATOM   135 C  CD  . LYS A 1 28 ? 24.961  2.101   1.729   1.00 57.60  ? 29  LYS A CD  1 
ATOM   136 C  CE  . LYS A 1 28 ? 25.519  0.718   2.029   1.00 66.96  ? 29  LYS A CE  1 
ATOM   137 N  NZ  . LYS A 1 28 ? 24.675  -0.369  1.453   1.00 68.69  ? 29  LYS A NZ  1 
ATOM   138 N  N   . GLU A 1 29 ? 22.074  0.656   5.707   1.00 48.89  ? 30  GLU A N   1 
ATOM   139 C  CA  . GLU A 1 29 ? 21.353  -0.594  5.918   1.00 48.63  ? 30  GLU A CA  1 
ATOM   140 C  C   . GLU A 1 29 ? 19.889  -0.321  6.235   1.00 42.71  ? 30  GLU A C   1 
ATOM   141 O  O   . GLU A 1 29 ? 18.994  -1.012  5.734   1.00 44.06  ? 30  GLU A O   1 
ATOM   142 C  CB  . GLU A 1 29 ? 22.006  -1.397  7.043   1.00 61.06  ? 30  GLU A CB  1 
ATOM   143 C  CG  . GLU A 1 29 ? 23.519  -1.517  6.927   1.00 78.57  ? 30  GLU A CG  1 
ATOM   144 C  CD  . GLU A 1 29 ? 23.967  -2.150  5.622   1.00 86.66  ? 30  GLU A CD  1 
ATOM   145 O  OE1 . GLU A 1 29 ? 23.102  -2.500  4.789   1.00 85.32  ? 30  GLU A OE1 1 
ATOM   146 O  OE2 . GLU A 1 29 ? 25.192  -2.299  5.428   1.00 89.10  ? 30  GLU A OE2 1 
ATOM   147 N  N   . LYS A 1 30 ? 19.631  0.691   7.064   1.00 39.98  ? 31  LYS A N   1 
ATOM   148 C  CA  . LYS A 1 30 ? 18.262  1.082   7.371   1.00 41.95  ? 31  LYS A CA  1 
ATOM   149 C  C   . LYS A 1 30 ? 17.498  1.445   6.101   1.00 43.81  ? 31  LYS A C   1 
ATOM   150 O  O   . LYS A 1 30 ? 16.345  1.045   5.920   1.00 45.17  ? 31  LYS A O   1 
ATOM   151 C  CB  . LYS A 1 30 ? 18.275  2.253   8.353   1.00 47.44  ? 31  LYS A CB  1 
ATOM   152 C  CG  . LYS A 1 30 ? 17.048  2.370   9.235   1.00 58.56  ? 31  LYS A CG  1 
ATOM   153 C  CD  . LYS A 1 30 ? 17.313  3.331   10.384  1.00 65.29  ? 31  LYS A CD  1 
ATOM   154 C  CE  . LYS A 1 30 ? 16.136  3.395   11.343  1.00 71.64  ? 31  LYS A CE  1 
ATOM   155 N  NZ  . LYS A 1 30 ? 16.432  4.236   12.538  1.00 68.18  ? 31  LYS A NZ  1 
ATOM   156 N  N   A ASN A 1 31 ? 18.140  2.225   5.226   0.55 40.35  ? 32  ASN A N   1 
ATOM   157 N  N   B ASN A 1 31 ? 18.139  2.182   5.191   0.45 40.34  ? 32  ASN A N   1 
ATOM   158 C  CA  A ASN A 1 31 ? 17.526  2.616   3.961   0.55 38.10  ? 32  ASN A CA  1 
ATOM   159 C  CA  B ASN A 1 31 ? 17.430  2.610   3.988   0.45 38.20  ? 32  ASN A CA  1 
ATOM   160 C  C   A ASN A 1 31 ? 17.094  1.395   3.162   0.55 39.08  ? 32  ASN A C   1 
ATOM   161 C  C   B ASN A 1 31 ? 17.159  1.449   3.036   0.45 39.04  ? 32  ASN A C   1 
ATOM   162 O  O   A ASN A 1 31 ? 15.986  1.354   2.611   0.55 37.84  ? 32  ASN A O   1 
ATOM   163 O  O   B ASN A 1 31 ? 16.214  1.519   2.239   0.45 38.39  ? 32  ASN A O   1 
ATOM   164 C  CB  A ASN A 1 31 ? 18.511  3.465   3.156   0.55 39.70  ? 32  ASN A CB  1 
ATOM   165 C  CB  B ASN A 1 31 ? 18.211  3.718   3.283   0.45 39.21  ? 32  ASN A CB  1 
ATOM   166 C  CG  A ASN A 1 31 ? 18.057  3.694   1.728   0.55 41.05  ? 32  ASN A CG  1 
ATOM   167 C  CG  B ASN A 1 31 ? 18.113  5.044   4.011   0.45 39.20  ? 32  ASN A CG  1 
ATOM   168 O  OD1 A ASN A 1 31 ? 18.300  2.869   0.848   0.55 50.07  ? 32  ASN A OD1 1 
ATOM   169 O  OD1 B ASN A 1 31 ? 17.272  5.219   4.892   0.45 38.45  ? 32  ASN A OD1 1 
ATOM   170 N  ND2 A ASN A 1 31 ? 17.407  4.826   1.489   0.55 41.90  ? 32  ASN A ND2 1 
ATOM   171 N  ND2 B ASN A 1 31 ? 18.965  5.990   3.638   0.45 41.56  ? 32  ASN A ND2 1 
ATOM   172 N  N   . ALA A 1 32 ? 17.962  0.386   3.090   1.00 39.13  ? 33  ALA A N   1 
ATOM   173 C  CA  . ALA A 1 32 ? 17.645  -0.804  2.306   1.00 35.77  ? 33  ALA A CA  1 
ATOM   174 C  C   . ALA A 1 32 ? 16.420  -1.513  2.868   1.00 35.96  ? 33  ALA A C   1 
ATOM   175 O  O   . ALA A 1 32 ? 15.582  -2.013  2.110   1.00 40.29  ? 33  ALA A O   1 
ATOM   176 C  CB  . ALA A 1 32 ? 18.843  -1.751  2.267   1.00 41.25  ? 33  ALA A CB  1 
ATOM   177 N  N   . ARG A 1 33 ? 16.297  -1.560  4.197   1.00 43.93  ? 34  ARG A N   1 
ATOM   178 C  CA  . ARG A 1 33 ? 15.141  -2.203  4.811   1.00 49.62  ? 34  ARG A CA  1 
ATOM   179 C  C   . ARG A 1 33 ? 13.873  -1.390  4.585   1.00 50.96  ? 34  ARG A C   1 
ATOM   180 O  O   . ARG A 1 33 ? 12.794  -1.957  4.377   1.00 48.02  ? 34  ARG A O   1 
ATOM   181 C  CB  . ARG A 1 33 ? 15.389  -2.416  6.305   1.00 52.15  ? 34  ARG A CB  1 
ATOM   182 C  CG  . ARG A 1 33 ? 16.312  -3.585  6.616   1.00 66.24  ? 34  ARG A CG  1 
ATOM   183 C  CD  . ARG A 1 33 ? 16.471  -3.805  8.112   1.00 74.50  ? 34  ARG A CD  1 
ATOM   184 N  NE  . ARG A 1 33 ? 17.600  -3.062  8.666   1.00 81.92  ? 34  ARG A NE  1 
ATOM   185 C  CZ  . ARG A 1 33 ? 18.857  -3.490  8.643   1.00 84.85  ? 34  ARG A CZ  1 
ATOM   186 N  NH1 . ARG A 1 33 ? 19.151  -4.656  8.085   1.00 87.06  ? 34  ARG A NH1 1 
ATOM   187 N  NH2 . ARG A 1 33 ? 19.823  -2.750  9.175   1.00 78.96  ? 34  ARG A NH2 1 
ATOM   188 N  N   . LEU A 1 34 ? 13.978  -0.061  4.619   1.00 47.68  ? 35  LEU A N   1 
ATOM   189 C  CA  . LEU A 1 34 ? 12.806  0.774   4.382   1.00 41.30  ? 35  LEU A CA  1 
ATOM   190 C  C   . LEU A 1 34 ? 12.345  0.674   2.934   1.00 34.49  ? 35  LEU A C   1 
ATOM   191 O  O   . LEU A 1 34 ? 11.139  0.656   2.662   1.00 29.19  ? 35  LEU A O   1 
ATOM   192 C  CB  . LEU A 1 34 ? 13.114  2.223   4.754   1.00 37.56  ? 35  LEU A CB  1 
ATOM   193 C  CG  . LEU A 1 34 ? 13.314  2.488   6.248   1.00 41.32  ? 35  LEU A CG  1 
ATOM   194 C  CD1 . LEU A 1 34 ? 14.036  3.805   6.473   1.00 42.56  ? 35  LEU A CD1 1 
ATOM   195 C  CD2 . LEU A 1 34 ? 11.972  2.494   6.955   1.00 42.29  ? 35  LEU A CD2 1 
ATOM   196 N  N   . LYS A 1 35 ? 13.289  0.616   1.990   1.00 33.69  ? 36  LYS A N   1 
ATOM   197 C  CA  . LYS A 1 35 ? 12.916  0.462   0.587   1.00 34.91  ? 36  LYS A CA  1 
ATOM   198 C  C   . LYS A 1 35 ? 12.139  -0.828  0.368   1.00 38.48  ? 36  LYS A C   1 
ATOM   199 O  O   . LYS A 1 35 ? 11.196  -0.869  -0.432  1.00 33.92  ? 36  LYS A O   1 
ATOM   200 C  CB  . LYS A 1 35 ? 14.161  0.491   -0.303  1.00 37.12  ? 36  LYS A CB  1 
ATOM   201 C  CG  . LYS A 1 35 ? 14.676  1.884   -0.630  1.00 46.75  ? 36  LYS A CG  1 
ATOM   202 C  CD  . LYS A 1 35 ? 15.917  1.811   -1.511  1.00 53.87  ? 36  LYS A CD  1 
ATOM   203 C  CE  . LYS A 1 35 ? 16.302  3.177   -2.056  1.00 62.10  ? 36  LYS A CE  1 
ATOM   204 N  NZ  . LYS A 1 35 ? 17.518  3.092   -2.913  1.00 66.17  ? 36  LYS A NZ  1 
ATOM   205 N  N   . GLY A 1 36 ? 12.525  -1.895  1.069   1.00 40.76  ? 37  GLY A N   1 
ATOM   206 C  CA  . GLY A 1 36 ? 11.818  -3.155  0.930   1.00 41.66  ? 37  GLY A CA  1 
ATOM   207 C  C   . GLY A 1 36 ? 10.440  -3.133  1.554   1.00 42.62  ? 37  GLY A C   1 
ATOM   208 O  O   . GLY A 1 36 ? 9.523   -3.797  1.063   1.00 45.53  ? 37  GLY A O   1 
ATOM   209 N  N   . LYS A 1 37 ? 10.269  -2.371  2.638   1.00 32.03  ? 38  LYS A N   1 
ATOM   210 C  CA  . LYS A 1 37 ? 8.950   -2.242  3.246   1.00 37.43  ? 38  LYS A CA  1 
ATOM   211 C  C   . LYS A 1 37 ? 8.031   -1.382  2.386   1.00 35.03  ? 38  LYS A C   1 
ATOM   212 O  O   . LYS A 1 37 ? 6.837   -1.674  2.257   1.00 27.56  ? 38  LYS A O   1 
ATOM   213 C  CB  . LYS A 1 37 ? 9.083   -1.661  4.655   1.00 38.58  ? 38  LYS A CB  1 
ATOM   214 C  CG  . LYS A 1 37 ? 7.842   -1.844  5.511   1.00 52.08  ? 38  LYS A CG  1 
ATOM   215 C  CD  . LYS A 1 37 ? 7.935   -1.076  6.823   1.00 69.95  ? 38  LYS A CD  1 
ATOM   216 C  CE  . LYS A 1 37 ? 8.135   -2.002  8.015   1.00 78.68  ? 38  LYS A CE  1 
ATOM   217 N  NZ  . LYS A 1 37 ? 7.901   -1.287  9.305   1.00 78.89  ? 38  LYS A NZ  1 
ATOM   218 N  N   . VAL A 1 38 ? 8.570   -0.319  1.784   1.00 30.76  ? 39  VAL A N   1 
ATOM   219 C  CA  . VAL A 1 38 ? 7.780   0.509   0.872   1.00 29.68  ? 39  VAL A CA  1 
ATOM   220 C  C   . VAL A 1 38 ? 7.250   -0.331  -0.283  1.00 33.68  ? 39  VAL A C   1 
ATOM   221 O  O   . VAL A 1 38 ? 6.076   -0.237  -0.660  1.00 25.27  ? 39  VAL A O   1 
ATOM   222 C  CB  . VAL A 1 38 ? 8.618   1.695   0.364   1.00 31.79  ? 39  VAL A CB  1 
ATOM   223 C  CG1 . VAL A 1 38 ? 8.019   2.265   -0.916  1.00 34.91  ? 39  VAL A CG1 1 
ATOM   224 C  CG2 . VAL A 1 38 ? 8.718   2.760   1.436   1.00 30.09  ? 39  VAL A CG2 1 
ATOM   225 N  N   . GLU A 1 39 ? 8.114   -1.163  -0.866  1.00 33.40  ? 40  GLU A N   1 
ATOM   226 C  CA  . GLU A 1 39 ? 7.700   -2.001  -1.987  1.00 31.92  ? 40  GLU A CA  1 
ATOM   227 C  C   . GLU A 1 39 ? 6.657   -3.029  -1.560  1.00 33.33  ? 40  GLU A C   1 
ATOM   228 O  O   . GLU A 1 39 ? 5.744   -3.351  -2.328  1.00 27.67  ? 40  GLU A O   1 
ATOM   229 C  CB  . GLU A 1 39 ? 8.918   -2.698  -2.595  1.00 39.91  ? 40  GLU A CB  1 
ATOM   230 C  CG  . GLU A 1 39 ? 8.585   -3.777  -3.610  1.00 61.34  ? 40  GLU A CG  1 
ATOM   231 C  CD  . GLU A 1 39 ? 8.010   -3.222  -4.899  1.00 75.01  ? 40  GLU A CD  1 
ATOM   232 O  OE1 . GLU A 1 39 ? 7.226   -2.251  -4.843  1.00 81.88  ? 40  GLU A OE1 1 
ATOM   233 O  OE2 . GLU A 1 39 ? 8.353   -3.761  -5.972  1.00 76.48  ? 40  GLU A OE2 1 
ATOM   234 N  N   . ASP A 1 40 ? 6.784   -3.562  -0.343  1.00 38.03  ? 41  ASP A N   1 
ATOM   235 C  CA  . ASP A 1 40 ? 5.815   -4.547  0.126   1.00 29.02  ? 41  ASP A CA  1 
ATOM   236 C  C   . ASP A 1 40 ? 4.474   -3.895  0.432   1.00 28.52  ? 41  ASP A C   1 
ATOM   237 O  O   . ASP A 1 40 ? 3.419   -4.448  0.100   1.00 29.22  ? 41  ASP A O   1 
ATOM   238 C  CB  . ASP A 1 40 ? 6.353   -5.275  1.359   1.00 30.03  ? 41  ASP A CB  1 
ATOM   239 C  CG  . ASP A 1 40 ? 7.537   -6.173  1.038   1.00 46.85  ? 41  ASP A CG  1 
ATOM   240 O  OD1 . ASP A 1 40 ? 7.809   -6.398  -0.162  1.00 48.39  ? 41  ASP A OD1 1 
ATOM   241 O  OD2 . ASP A 1 40 ? 8.191   -6.665  1.983   1.00 56.03  ? 41  ASP A OD2 1 
ATOM   242 N  N   . LEU A 1 41 ? 4.495   -2.721  1.064   1.00 32.28  ? 42  LEU A N   1 
ATOM   243 C  CA  . LEU A 1 41 ? 3.249   -2.026  1.362   1.00 27.11  ? 42  LEU A CA  1 
ATOM   244 C  C   . LEU A 1 41 ? 2.549   -1.562  0.091   1.00 25.87  ? 42  LEU A C   1 
ATOM   245 O  O   . LEU A 1 41 ? 1.315   -1.569  0.026   1.00 25.46  ? 42  LEU A O   1 
ATOM   246 C  CB  . LEU A 1 41 ? 3.516   -0.838  2.285   1.00 29.25  ? 42  LEU A CB  1 
ATOM   247 C  CG  . LEU A 1 41 ? 3.810   -1.163  3.749   1.00 33.38  ? 42  LEU A CG  1 
ATOM   248 C  CD1 . LEU A 1 41 ? 4.272   0.084   4.490   1.00 25.34  ? 42  LEU A CD1 1 
ATOM   249 C  CD2 . LEU A 1 41 ? 2.582   -1.767  4.415   1.00 23.55  ? 42  LEU A CD2 1 
ATOM   250 N  N   . GLU A 1 42 ? 3.313   -1.159  -0.923  1.00 29.87  ? 43  GLU A N   1 
ATOM   251 C  CA  . GLU A 1 42 ? 2.708   -0.711  -2.172  1.00 30.29  ? 43  GLU A CA  1 
ATOM   252 C  C   . GLU A 1 42 ? 1.981   -1.857  -2.859  1.00 29.99  ? 43  GLU A C   1 
ATOM   253 O  O   . GLU A 1 42 ? 0.843   -1.702  -3.315  1.00 23.57  ? 43  GLU A O   1 
ATOM   254 C  CB  . GLU A 1 42 ? 3.782   -0.120  -3.085  1.00 28.17  ? 43  GLU A CB  1 
ATOM   255 C  CG  . GLU A 1 42 ? 3.318   1.064   -3.915  1.00 39.28  ? 43  GLU A CG  1 
ATOM   256 C  CD  . GLU A 1 42 ? 4.427   1.624   -4.782  1.00 51.31  ? 43  GLU A CD  1 
ATOM   257 O  OE1 . GLU A 1 42 ? 5.462   0.942   -4.940  1.00 49.73  ? 43  GLU A OE1 1 
ATOM   258 O  OE2 . GLU A 1 42 ? 4.269   2.748   -5.307  1.00 58.51  ? 43  GLU A OE2 1 
ATOM   259 N  N   . LYS A 1 43 ? 2.624   -3.025  -2.937  1.00 25.98  ? 44  LYS A N   1 
ATOM   260 C  CA  . LYS A 1 43 ? 1.966   -4.193  -3.508  1.00 31.10  ? 44  LYS A CA  1 
ATOM   261 C  C   . LYS A 1 43 ? 0.688   -4.525  -2.753  1.00 29.56  ? 44  LYS A C   1 
ATOM   262 O  O   . LYS A 1 43 ? -0.348  -4.815  -3.362  1.00 30.64  ? 44  LYS A O   1 
ATOM   263 C  CB  . LYS A 1 43 ? 2.920   -5.389  -3.499  1.00 33.99  ? 44  LYS A CB  1 
ATOM   264 C  CG  . LYS A 1 43 ? 4.200   -5.170  -4.290  1.00 34.70  ? 44  LYS A CG  1 
ATOM   265 C  CD  . LYS A 1 43 ? 5.118   -6.377  -4.197  1.00 33.23  ? 44  LYS A CD  1 
ATOM   266 C  CE  . LYS A 1 43 ? 6.295   -6.257  -5.149  1.00 43.09  ? 44  LYS A CE  1 
ATOM   267 N  NZ  . LYS A 1 43 ? 7.165   -7.469  -5.107  1.00 56.47  ? 44  LYS A NZ  1 
ATOM   268 N  N   . GLU A 1 44 ? 0.742   -4.488  -1.419  1.00 27.38  ? 45  GLU A N   1 
ATOM   269 C  CA  . GLU A 1 44 ? -0.440  -4.805  -0.624  1.00 26.13  ? 45  GLU A CA  1 
ATOM   270 C  C   . GLU A 1 44 ? -1.542  -3.777  -0.853  1.00 26.36  ? 45  GLU A C   1 
ATOM   271 O  O   . GLU A 1 44 ? -2.709  -4.136  -1.053  1.00 24.26  ? 45  GLU A O   1 
ATOM   272 C  CB  . GLU A 1 44 ? -0.063  -4.891  0.856   1.00 27.55  ? 45  GLU A CB  1 
ATOM   273 C  CG  . GLU A 1 44 ? 0.817   -6.089  1.198   1.00 45.39  ? 45  GLU A CG  1 
ATOM   274 C  CD  . GLU A 1 44 ? 1.342   -6.053  2.622   1.00 54.45  ? 45  GLU A CD  1 
ATOM   275 O  OE1 . GLU A 1 44 ? 1.077   -5.061  3.335   1.00 56.33  ? 45  GLU A OE1 1 
ATOM   276 O  OE2 . GLU A 1 44 ? 2.022   -7.020  3.029   1.00 60.41  ? 45  GLU A OE2 1 
ATOM   277 N  N   . ARG A 1 45 ? -1.188  -2.489  -0.838  1.00 23.05  ? 46  ARG A N   1 
ATOM   278 C  CA  . ARG A 1 45 ? -2.185  -1.446  -1.060  1.00 28.25  ? 46  ARG A CA  1 
ATOM   279 C  C   . ARG A 1 45 ? -2.842  -1.599  -2.427  1.00 23.28  ? 46  ARG A C   1 
ATOM   280 O  O   . ARG A 1 45 ? -4.072  -1.540  -2.548  1.00 27.57  ? 46  ARG A O   1 
ATOM   281 C  CB  . ARG A 1 45 ? -1.548  -0.063  -0.926  1.00 22.94  ? 46  ARG A CB  1 
ATOM   282 C  CG  . ARG A 1 45 ? -2.525  1.078   -1.174  1.00 25.18  ? 46  ARG A CG  1 
ATOM   283 C  CD  . ARG A 1 45 ? -1.813  2.342   -1.616  1.00 33.24  ? 46  ARG A CD  1 
ATOM   284 N  NE  . ARG A 1 45 ? -1.131  2.158   -2.895  1.00 33.27  ? 46  ARG A NE  1 
ATOM   285 C  CZ  . ARG A 1 45 ? -0.394  3.090   -3.490  1.00 33.48  ? 46  ARG A CZ  1 
ATOM   286 N  NH1 . ARG A 1 45 ? -0.242  4.280   -2.923  1.00 24.55  ? 46  ARG A NH1 1 
ATOM   287 N  NH2 . ARG A 1 45 ? 0.193   2.832   -4.650  1.00 32.80  ? 46  ARG A NH2 1 
ATOM   288 N  N   . ASP A 1 46 ? -2.035  -1.789  -3.474  1.00 25.38  ? 47  ASP A N   1 
ATOM   289 C  CA  . ASP A 1 46 ? -2.593  -1.968  -4.811  1.00 24.02  ? 47  ASP A CA  1 
ATOM   290 C  C   . ASP A 1 46 ? -3.473  -3.209  -4.875  1.00 30.30  ? 47  ASP A C   1 
ATOM   291 O  O   . ASP A 1 46 ? -4.506  -3.212  -5.554  1.00 25.54  ? 47  ASP A O   1 
ATOM   292 C  CB  . ASP A 1 46 ? -1.471  -2.057  -5.846  1.00 27.16  ? 47  ASP A CB  1 
ATOM   293 C  CG  . ASP A 1 46 ? -0.572  -0.835  -5.842  1.00 32.00  ? 47  ASP A CG  1 
ATOM   294 O  OD1 . ASP A 1 46 ? -0.965  0.195   -5.254  1.00 32.77  ? 47  ASP A OD1 1 
ATOM   295 O  OD2 . ASP A 1 46 ? 0.528   -0.906  -6.429  1.00 34.85  ? 47  ASP A OD2 1 
ATOM   296 N  N   . PHE A 1 47 ? -3.071  -4.273  -4.177  1.00 30.78  ? 48  PHE A N   1 
ATOM   297 C  CA  . PHE A 1 47 ? -3.853  -5.504  -4.153  1.00 28.85  ? 48  PHE A CA  1 
ATOM   298 C  C   . PHE A 1 47 ? -5.257  -5.248  -3.617  1.00 30.23  ? 48  PHE A C   1 
ATOM   299 O  O   . PHE A 1 47 ? -6.258  -5.527  -4.289  1.00 33.36  ? 48  PHE A O   1 
ATOM   300 C  CB  . PHE A 1 47 ? -3.119  -6.553  -3.312  1.00 33.17  ? 48  PHE A CB  1 
ATOM   301 C  CG  . PHE A 1 47 ? -3.773  -7.906  -3.313  1.00 32.01  ? 48  PHE A CG  1 
ATOM   302 C  CD1 . PHE A 1 47 ? -3.935  -8.611  -4.492  1.00 31.25  ? 48  PHE A CD1 1 
ATOM   303 C  CD2 . PHE A 1 47 ? -4.203  -8.484  -2.129  1.00 26.98  ? 48  PHE A CD2 1 
ATOM   304 C  CE1 . PHE A 1 47 ? -4.529  -9.855  -4.494  1.00 25.12  ? 48  PHE A CE1 1 
ATOM   305 C  CE2 . PHE A 1 47 ? -4.796  -9.731  -2.125  1.00 31.39  ? 48  PHE A CE2 1 
ATOM   306 C  CZ  . PHE A 1 47 ? -4.958  -10.418 -3.308  1.00 28.75  ? 48  PHE A CZ  1 
ATOM   307 N  N   . TYR A 1 48 ? -5.349  -4.712  -2.396  1.00 23.67  ? 49  TYR A N   1 
ATOM   308 C  CA  . TYR A 1 48 ? -6.652  -4.384  -1.825  1.00 29.40  ? 49  TYR A CA  1 
ATOM   309 C  C   . TYR A 1 48 ? -7.384  -3.351  -2.671  1.00 23.79  ? 49  TYR A C   1 
ATOM   310 O  O   . TYR A 1 48 ? -8.605  -3.436  -2.851  1.00 23.97  ? 49  TYR A O   1 
ATOM   311 C  CB  . TYR A 1 48 ? -6.486  -3.881  -0.391  1.00 28.57  ? 49  TYR A CB  1 
ATOM   312 C  CG  . TYR A 1 48 ? -5.819  -4.872  0.533   1.00 33.90  ? 49  TYR A CG  1 
ATOM   313 C  CD1 . TYR A 1 48 ? -5.988  -6.238  0.353   1.00 31.13  ? 49  TYR A CD1 1 
ATOM   314 C  CD2 . TYR A 1 48 ? -5.016  -4.443  1.582   1.00 23.76  ? 49  TYR A CD2 1 
ATOM   315 C  CE1 . TYR A 1 48 ? -5.382  -7.148  1.192   1.00 29.53  ? 49  TYR A CE1 1 
ATOM   316 C  CE2 . TYR A 1 48 ? -4.402  -5.348  2.426   1.00 28.09  ? 49  TYR A CE2 1 
ATOM   317 C  CZ  . TYR A 1 48 ? -4.590  -6.699  2.225   1.00 33.17  ? 49  TYR A CZ  1 
ATOM   318 O  OH  . TYR A 1 48 ? -3.981  -7.604  3.061   1.00 42.91  ? 49  TYR A OH  1 
ATOM   319 N  N   . PHE A 1 49 ? -6.654  -2.364  -3.199  1.00 33.61  ? 50  PHE A N   1 
ATOM   320 C  CA  . PHE A 1 49 ? -7.288  -1.343  -4.025  1.00 33.39  ? 50  PHE A CA  1 
ATOM   321 C  C   . PHE A 1 49 ? -7.900  -1.950  -5.284  1.00 28.39  ? 50  PHE A C   1 
ATOM   322 O  O   . PHE A 1 49 ? -9.012  -1.586  -5.680  1.00 26.13  ? 50  PHE A O   1 
ATOM   323 C  CB  . PHE A 1 49 ? -6.277  -0.254  -4.383  1.00 37.65  ? 50  PHE A CB  1 
ATOM   324 C  CG  . PHE A 1 49 ? -6.864  0.878   -5.174  1.00 29.81  ? 50  PHE A CG  1 
ATOM   325 C  CD1 . PHE A 1 49 ? -7.721  1.787   -4.576  1.00 34.55  ? 50  PHE A CD1 1 
ATOM   326 C  CD2 . PHE A 1 49 ? -6.552  1.040   -6.512  1.00 31.84  ? 50  PHE A CD2 1 
ATOM   327 C  CE1 . PHE A 1 49 ? -8.261  2.830   -5.301  1.00 32.45  ? 50  PHE A CE1 1 
ATOM   328 C  CE2 . PHE A 1 49 ? -7.084  2.085   -7.241  1.00 33.80  ? 50  PHE A CE2 1 
ATOM   329 C  CZ  . PHE A 1 49 ? -7.941  2.981   -6.634  1.00 37.13  ? 50  PHE A CZ  1 
ATOM   330 N  N   . GLY A 1 50 ? -7.188  -2.877  -5.928  1.00 36.68  ? 51  GLY A N   1 
ATOM   331 C  CA  . GLY A 1 50 ? -7.738  -3.518  -7.114  1.00 25.15  ? 51  GLY A CA  1 
ATOM   332 C  C   . GLY A 1 50 ? -9.025  -4.260  -6.828  1.00 27.82  ? 51  GLY A C   1 
ATOM   333 O  O   . GLY A 1 50 ? -9.947  -4.272  -7.653  1.00 25.53  ? 51  GLY A O   1 
ATOM   334 N  N   . LYS A 1 51 ? -9.120  -4.888  -5.652  1.00 25.98  ? 52  LYS A N   1 
ATOM   335 C  CA  . LYS A 1 51 ? -10.343 -5.591  -5.288  1.00 28.02  ? 52  LYS A CA  1 
ATOM   336 C  C   . LYS A 1 51 ? -11.519 -4.626  -5.159  1.00 29.61  ? 52  LYS A C   1 
ATOM   337 O  O   . LYS A 1 51 ? -12.623 -4.911  -5.642  1.00 30.60  ? 52  LYS A O   1 
ATOM   338 C  CB  . LYS A 1 51 ? -10.132 -6.364  -3.988  1.00 24.57  ? 52  LYS A CB  1 
ATOM   339 C  CG  . LYS A 1 51 ? -9.383  -7.677  -4.151  1.00 24.68  ? 52  LYS A CG  1 
ATOM   340 C  CD  . LYS A 1 51 ? -8.768  -8.106  -2.829  1.00 37.35  ? 52  LYS A CD  1 
ATOM   341 C  CE  . LYS A 1 51 ? -8.846  -9.612  -2.625  1.00 41.11  ? 52  LYS A CE  1 
ATOM   342 N  NZ  . LYS A 1 51 ? -8.169  -10.381 -3.703  1.00 40.38  ? 52  LYS A NZ  1 
ATOM   343 N  N   . LEU A 1 52 ? -11.297 -3.476  -4.517  1.00 24.56  ? 53  LEU A N   1 
ATOM   344 C  CA  . LEU A 1 52 ? -12.368 -2.495  -4.362  1.00 32.58  ? 53  LEU A CA  1 
ATOM   345 C  C   . LEU A 1 52 ? -12.869 -1.997  -5.714  1.00 31.42  ? 53  LEU A C   1 
ATOM   346 O  O   . LEU A 1 52 ? -14.074 -1.792  -5.899  1.00 33.69  ? 53  LEU A O   1 
ATOM   347 C  CB  . LEU A 1 52 ? -11.884 -1.330  -3.500  1.00 24.45  ? 53  LEU A CB  1 
ATOM   348 C  CG  . LEU A 1 52 ? -11.612 -1.674  -2.036  1.00 32.49  ? 53  LEU A CG  1 
ATOM   349 C  CD1 . LEU A 1 52 ? -10.845 -0.554  -1.344  1.00 28.21  ? 53  LEU A CD1 1 
ATOM   350 C  CD2 . LEU A 1 52 ? -12.917 -1.952  -1.314  1.00 24.88  ? 53  LEU A CD2 1 
ATOM   351 N  N   . ARG A 1 53 ? -11.961 -1.798  -6.673  1.00 25.04  ? 54  ARG A N   1 
ATOM   352 C  CA  . ARG A 1 53 ? -12.386 -1.367  -8.003  1.00 32.56  ? 54  ARG A CA  1 
ATOM   353 C  C   . ARG A 1 53 ? -13.129 -2.477  -8.732  1.00 29.54  ? 54  ARG A C   1 
ATOM   354 O  O   . ARG A 1 53 ? -14.092 -2.211  -9.462  1.00 27.38  ? 54  ARG A O   1 
ATOM   355 C  CB  . ARG A 1 53 ? -11.186 -0.894  -8.820  1.00 34.80  ? 54  ARG A CB  1 
ATOM   356 C  CG  . ARG A 1 53 ? -10.711 0.504   -8.462  1.00 40.99  ? 54  ARG A CG  1 
ATOM   357 C  CD  . ARG A 1 53 ? -9.718  1.027   -9.486  1.00 51.24  ? 54  ARG A CD  1 
ATOM   358 N  NE  . ARG A 1 53 ? -8.585  0.125   -9.653  1.00 56.74  ? 54  ARG A NE  1 
ATOM   359 C  CZ  . ARG A 1 53 ? -7.492  0.423   -10.346 1.00 52.82  ? 54  ARG A CZ  1 
ATOM   360 N  NH1 . ARG A 1 53 ? -7.382  1.606   -10.934 1.00 40.19  ? 54  ARG A NH1 1 
ATOM   361 N  NH2 . ARG A 1 53 ? -6.508  -0.461  -10.446 1.00 47.76  ? 54  ARG A NH2 1 
ATOM   362 N  N   . ASN A 1 54 ? -12.697 -3.729  -8.557  1.00 26.02  ? 55  ASN A N   1 
ATOM   363 C  CA  . ASN A 1 54 ? -13.436 -4.847  -9.132  1.00 26.49  ? 55  ASN A CA  1 
ATOM   364 C  C   . ASN A 1 54 ? -14.843 -4.931  -8.556  1.00 30.77  ? 55  ASN A C   1 
ATOM   365 O  O   . ASN A 1 54 ? -15.811 -5.177  -9.284  1.00 30.20  ? 55  ASN A O   1 
ATOM   366 C  CB  . ASN A 1 54 ? -12.688 -6.160  -8.896  1.00 35.04  ? 55  ASN A CB  1 
ATOM   367 C  CG  . ASN A 1 54 ? -11.390 -6.246  -9.675  1.00 45.39  ? 55  ASN A CG  1 
ATOM   368 O  OD1 . ASN A 1 54 ? -11.097 -5.394  -10.519 1.00 46.87  ? 55  ASN A OD1 1 
ATOM   369 N  ND2 . ASN A 1 54 ? -10.606 -7.283  -9.401  1.00 43.79  ? 55  ASN A ND2 1 
ATOM   370 N  N   . ILE A 1 55 ? -14.976 -4.734  -7.242  1.00 25.83  ? 56  ILE A N   1 
ATOM   371 C  CA  . ILE A 1 55 ? -16.288 -4.821  -6.610  1.00 28.63  ? 56  ILE A CA  1 
ATOM   372 C  C   . ILE A 1 55 ? -17.148 -3.625  -6.997  1.00 32.39  ? 56  ILE A C   1 
ATOM   373 O  O   . ILE A 1 55 ? -18.351 -3.762  -7.245  1.00 27.66  ? 56  ILE A O   1 
ATOM   374 C  CB  . ILE A 1 55 ? -16.133 -4.943  -5.084  1.00 34.03  ? 56  ILE A CB  1 
ATOM   375 C  CG1 . ILE A 1 55 ? -15.397 -6.237  -4.726  1.00 25.55  ? 56  ILE A CG1 1 
ATOM   376 C  CG2 . ILE A 1 55 ? -17.492 -4.865  -4.394  1.00 25.96  ? 56  ILE A CG2 1 
ATOM   377 C  CD1 . ILE A 1 55 ? -15.012 -6.329  -3.270  1.00 25.43  ? 56  ILE A CD1 1 
ATOM   378 N  N   . GLU A 1 56 ? -16.548 -2.433  -7.041  1.00 33.96  ? 57  GLU A N   1 
ATOM   379 C  CA  . GLU A 1 56 ? -17.273 -1.254  -7.506  1.00 39.71  ? 57  GLU A CA  1 
ATOM   380 C  C   . GLU A 1 56 ? -17.894 -1.499  -8.873  1.00 36.74  ? 57  GLU A C   1 
ATOM   381 O  O   . GLU A 1 56 ? -19.052 -1.137  -9.115  1.00 33.11  ? 57  GLU A O   1 
ATOM   382 C  CB  . GLU A 1 56 ? -16.332 -0.048  -7.550  1.00 34.16  ? 57  GLU A CB  1 
ATOM   383 C  CG  . GLU A 1 56 ? -16.948 1.202   -8.149  1.00 37.93  ? 57  GLU A CG  1 
ATOM   384 C  CD  . GLU A 1 56 ? -15.950 2.336   -8.272  1.00 54.38  ? 57  GLU A CD  1 
ATOM   385 O  OE1 . GLU A 1 56 ? -14.732 2.059   -8.283  1.00 67.10  ? 57  GLU A OE1 1 
ATOM   386 O  OE2 . GLU A 1 56 ? -16.385 3.504   -8.356  1.00 57.78  ? 57  GLU A OE2 1 
ATOM   387 N  N   . LEU A 1 57 ? -17.141 -2.124  -9.780  1.00 31.44  ? 58  LEU A N   1 
ATOM   388 C  CA  . LEU A 1 57 ? -17.670 -2.440  -11.102 1.00 33.52  ? 58  LEU A CA  1 
ATOM   389 C  C   . LEU A 1 57 ? -18.860 -3.393  -11.005 1.00 35.50  ? 58  LEU A C   1 
ATOM   390 O  O   . LEU A 1 57 ? -19.904 -3.159  -11.624 1.00 35.54  ? 58  LEU A O   1 
ATOM   391 C  CB  . LEU A 1 57 ? -16.565 -3.036  -11.974 1.00 39.62  ? 58  LEU A CB  1 
ATOM   392 C  CG  . LEU A 1 57 ? -16.992 -3.633  -13.317 1.00 48.07  ? 58  LEU A CG  1 
ATOM   393 C  CD1 . LEU A 1 57 ? -17.755 -2.607  -14.143 1.00 40.33  ? 58  LEU A CD1 1 
ATOM   394 C  CD2 . LEU A 1 57 ? -15.780 -4.154  -14.076 1.00 56.49  ? 58  LEU A CD2 1 
ATOM   395 N  N   . ILE A 1 58 ? -18.712 -4.476  -10.239 1.00 35.10  ? 59  ILE A N   1 
ATOM   396 C  CA  . ILE A 1 58 ? -19.826 -5.405  -10.040 1.00 32.95  ? 59  ILE A CA  1 
ATOM   397 C  C   . ILE A 1 58 ? -21.073 -4.652  -9.610  1.00 32.30  ? 59  ILE A C   1 
ATOM   398 O  O   . ILE A 1 58 ? -22.173 -4.889  -10.125 1.00 28.06  ? 59  ILE A O   1 
ATOM   399 C  CB  . ILE A 1 58 ? -19.444 -6.491  -9.016  1.00 32.23  ? 59  ILE A CB  1 
ATOM   400 C  CG1 . ILE A 1 58 ? -18.320 -7.372  -9.555  1.00 30.84  ? 59  ILE A CG1 1 
ATOM   401 C  CG2 . ILE A 1 58 ? -20.659 -7.334  -8.647  1.00 27.53  ? 59  ILE A CG2 1 
ATOM   402 C  CD1 . ILE A 1 58 ? -17.955 -8.516  -8.632  1.00 34.29  ? 59  ILE A CD1 1 
ATOM   403 N  N   . CYS A 1 59 ? -20.928 -3.725  -8.660  1.00 30.50  ? 60  CYS A N   1 
ATOM   404 C  CA  . CYS A 1 59 ? -22.076 -2.955  -8.197  1.00 37.71  ? 60  CYS A CA  1 
ATOM   405 C  C   . CYS A 1 59 ? -22.646 -2.087  -9.312  1.00 43.91  ? 60  CYS A C   1 
ATOM   406 O  O   . CYS A 1 59 ? -23.867 -2.006  -9.482  1.00 49.00  ? 60  CYS A O   1 
ATOM   407 C  CB  . CYS A 1 59 ? -21.683 -2.093  -6.997  1.00 34.49  ? 60  CYS A CB  1 
ATOM   408 S  SG  . CYS A 1 59 ? -21.187 -3.036  -5.538  1.00 31.87  ? 60  CYS A SG  1 
ATOM   409 N  N   . GLN A 1 60 ? -21.774 -1.428  -10.079 1.00 42.92  ? 61  GLN A N   1 
ATOM   410 C  CA  . GLN A 1 60 ? -22.252 -0.543  -11.137 1.00 43.70  ? 61  GLN A CA  1 
ATOM   411 C  C   . GLN A 1 60 ? -23.034 -1.309  -12.193 1.00 43.48  ? 61  GLN A C   1 
ATOM   412 O  O   . GLN A 1 60 ? -23.994 -0.777  -12.761 1.00 48.52  ? 61  GLN A O   1 
ATOM   413 C  CB  . GLN A 1 60 ? -21.076 0.201   -11.768 1.00 51.27  ? 61  GLN A CB  1 
ATOM   414 C  CG  . GLN A 1 60 ? -21.481 1.354   -12.672 1.00 69.07  ? 61  GLN A CG  1 
ATOM   415 C  CD  . GLN A 1 60 ? -20.313 2.259   -13.019 1.00 85.86  ? 61  GLN A CD  1 
ATOM   416 O  OE1 . GLN A 1 60 ? -19.266 2.216   -12.372 1.00 90.94  ? 61  GLN A OE1 1 
ATOM   417 N  NE2 . GLN A 1 60 ? -20.489 3.088   -14.044 1.00 88.39  ? 61  GLN A NE2 1 
ATOM   418 N  N   . GLU A 1 61 ? -22.643 -2.557  -12.467 1.00 42.63  ? 62  GLU A N   1 
ATOM   419 C  CA  . GLU A 1 61 ? -23.384 -3.368  -13.426 1.00 37.47  ? 62  GLU A CA  1 
ATOM   420 C  C   . GLU A 1 61 ? -24.794 -3.662  -12.938 1.00 42.78  ? 62  GLU A C   1 
ATOM   421 O  O   . GLU A 1 61 ? -25.720 -3.791  -13.748 1.00 44.61  ? 62  GLU A O   1 
ATOM   422 C  CB  . GLU A 1 61 ? -22.647 -4.680  -13.692 1.00 31.71  ? 62  GLU A CB  1 
ATOM   423 C  CG  . GLU A 1 61 ? -21.248 -4.516  -14.245 1.00 32.57  ? 62  GLU A CG  1 
ATOM   424 C  CD  . GLU A 1 61 ? -20.502 -5.830  -14.331 1.00 35.28  ? 62  GLU A CD  1 
ATOM   425 O  OE1 . GLU A 1 61 ? -20.850 -6.765  -13.581 1.00 37.92  ? 62  GLU A OE1 1 
ATOM   426 O  OE2 . GLU A 1 61 ? -19.566 -5.925  -15.150 1.00 42.10  ? 62  GLU A OE2 1 
ATOM   427 N  N   . ASN A 1 62 ? -24.977 -3.776  -11.622 1.00 63.91  ? 63  ASN A N   1 
ATOM   428 C  CA  . ASN A 1 62 ? -26.246 -4.173  -11.029 1.00 59.60  ? 63  ASN A CA  1 
ATOM   429 C  C   . ASN A 1 62 ? -26.982 -2.999  -10.388 1.00 57.86  ? 63  ASN A C   1 
ATOM   430 O  O   . ASN A 1 62 ? -27.750 -3.187  -9.439  1.00 62.93  ? 63  ASN A O   1 
ATOM   431 C  CB  . ASN A 1 62 ? -26.029 -5.288  -10.007 1.00 57.14  ? 63  ASN A CB  1 
ATOM   432 C  CG  . ASN A 1 62 ? -25.537 -6.573  -10.643 1.00 63.63  ? 63  ASN A CG  1 
ATOM   433 O  OD1 . ASN A 1 62 ? -26.326 -7.375  -11.141 1.00 70.80  ? 63  ASN A OD1 1 
ATOM   434 N  ND2 . ASN A 1 62 ? -24.225 -6.772  -10.636 1.00 56.32  ? 63  ASN A ND2 1 
ATOM   435 N  N   . GLU A 1 63 ? -26.757 -1.782  -10.896 1.00 60.07  ? 64  GLU A N   1 
ATOM   436 C  CA  . GLU A 1 63 ? -27.549 -0.644  -10.447 1.00 76.11  ? 64  GLU A CA  1 
ATOM   437 C  C   . GLU A 1 63 ? -29.036 -0.836  -10.721 1.00 90.67  ? 64  GLU A C   1 
ATOM   438 O  O   . GLU A 1 63 ? -29.864 -0.224  -10.040 1.00 95.02  ? 64  GLU A O   1 
ATOM   439 C  CB  . GLU A 1 63 ? -27.066 0.638   -11.121 1.00 83.01  ? 64  GLU A CB  1 
ATOM   440 C  CG  . GLU A 1 63 ? -25.802 1.234   -10.528 1.00 82.61  ? 64  GLU A CG  1 
ATOM   441 C  CD  . GLU A 1 63 ? -25.398 2.523   -11.218 1.00 91.56  ? 64  GLU A CD  1 
ATOM   442 O  OE1 . GLU A 1 63 ? -25.634 2.645   -12.438 1.00 96.03  ? 64  GLU A OE1 1 
ATOM   443 O  OE2 . GLU A 1 63 ? -24.853 3.416   -10.536 1.00 92.71  ? 64  GLU A OE2 1 
ATOM   444 N  N   . GLY A 1 64 ? -29.390 -1.667  -11.707 1.00 96.55  ? 65  GLY A N   1 
ATOM   445 C  CA  . GLY A 1 64 ? -30.786 -1.916  -12.017 1.00 103.07 ? 65  GLY A CA  1 
ATOM   446 C  C   . GLY A 1 64 ? -31.478 -2.879  -11.077 1.00 99.42  ? 65  GLY A C   1 
ATOM   447 O  O   . GLY A 1 64 ? -32.710 -2.915  -11.043 1.00 99.27  ? 65  GLY A O   1 
ATOM   448 N  N   . GLU A 1 65 ? -30.713 -3.666  -10.316 1.00 98.05  ? 66  GLU A N   1 
ATOM   449 C  CA  . GLU A 1 65 ? -31.319 -4.557  -9.332  1.00 99.65  ? 66  GLU A CA  1 
ATOM   450 C  C   . GLU A 1 65 ? -31.889 -3.779  -8.154  1.00 97.80  ? 66  GLU A C   1 
ATOM   451 O  O   . GLU A 1 65 ? -32.849 -4.230  -7.522  1.00 92.60  ? 66  GLU A O   1 
ATOM   452 C  CB  . GLU A 1 65 ? -30.289 -5.579  -8.849  1.00 95.72  ? 66  GLU A CB  1 
ATOM   453 C  CG  . GLU A 1 65 ? -30.747 -7.027  -8.929  1.00 99.32  ? 66  GLU A CG  1 
ATOM   454 C  CD  . GLU A 1 65 ? -29.688 -7.997  -8.441  1.00 99.93  ? 66  GLU A CD  1 
ATOM   455 O  OE1 . GLU A 1 65 ? -28.840 -7.592  -7.618  1.00 102.38 ? 66  GLU A OE1 1 
ATOM   456 O  OE2 . GLU A 1 65 ? -29.697 -9.165  -8.885  1.00 100.46 ? 66  GLU A OE2 1 
ATOM   457 N  N   . ASN A 1 66 ? -31.316 -2.614  -7.849  1.00 100.11 ? 67  ASN A N   1 
ATOM   458 C  CA  . ASN A 1 66 ? -31.769 -1.780  -6.738  1.00 100.05 ? 67  ASN A CA  1 
ATOM   459 C  C   . ASN A 1 66 ? -31.605 -2.496  -5.400  1.00 88.97  ? 67  ASN A C   1 
ATOM   460 O  O   . ASN A 1 66 ? -32.307 -2.198  -4.430  1.00 88.48  ? 67  ASN A O   1 
ATOM   461 C  CB  . ASN A 1 66 ? -33.220 -1.337  -6.938  1.00 104.06 ? 67  ASN A CB  1 
ATOM   462 C  CG  . ASN A 1 66 ? -33.594 -0.154  -6.068  1.00 102.83 ? 67  ASN A CG  1 
ATOM   463 O  OD1 . ASN A 1 66 ? -32.733 0.618   -5.647  1.00 102.37 ? 67  ASN A OD1 1 
ATOM   464 N  ND2 . ASN A 1 66 ? -34.884 -0.005  -5.794  1.00 108.20 ? 67  ASN A ND2 1 
ATOM   465 N  N   . ASP A 1 67 ? -30.677 -3.440  -5.345  1.00 79.98  ? 68  ASP A N   1 
ATOM   466 C  CA  . ASP A 1 67 ? -30.480 -4.247  -4.147  1.00 73.92  ? 68  ASP A CA  1 
ATOM   467 C  C   . ASP A 1 67 ? -29.997 -3.374  -2.996  1.00 67.92  ? 68  ASP A C   1 
ATOM   468 O  O   . ASP A 1 67 ? -28.906 -2.797  -3.085  1.00 67.36  ? 68  ASP A O   1 
ATOM   469 C  CB  . ASP A 1 67 ? -29.474 -5.362  -4.427  1.00 71.96  ? 68  ASP A CB  1 
ATOM   470 C  CG  . ASP A 1 67 ? -29.405 -6.382  -3.305  1.00 73.37  ? 68  ASP A CG  1 
ATOM   471 O  OD1 . ASP A 1 67 ? -29.803 -6.052  -2.168  1.00 76.84  ? 68  ASP A OD1 1 
ATOM   472 O  OD2 . ASP A 1 67 ? -28.951 -7.516  -3.562  1.00 70.86  ? 68  ASP A OD2 1 
ATOM   473 N  N   . PRO A 1 68 ? -30.759 -3.252  -1.906  1.00 64.56  ? 69  PRO A N   1 
ATOM   474 C  CA  . PRO A 1 68 ? -30.277 -2.458  -0.763  1.00 56.84  ? 69  PRO A CA  1 
ATOM   475 C  C   . PRO A 1 68 ? -28.963 -2.958  -0.194  1.00 53.46  ? 69  PRO A C   1 
ATOM   476 O  O   . PRO A 1 68 ? -28.234 -2.171  0.423   1.00 58.20  ? 69  PRO A O   1 
ATOM   477 C  CB  . PRO A 1 68 ? -31.418 -2.582  0.257   1.00 62.76  ? 69  PRO A CB  1 
ATOM   478 C  CG  . PRO A 1 68 ? -32.170 -3.813  -0.148  1.00 63.75  ? 69  PRO A CG  1 
ATOM   479 C  CD  . PRO A 1 68 ? -32.070 -3.868  -1.643  1.00 65.58  ? 69  PRO A CD  1 
ATOM   480 N  N   . VAL A 1 69 ? -28.637 -4.239  -0.372  1.00 52.43  ? 70  VAL A N   1 
ATOM   481 C  CA  . VAL A 1 69 ? -27.339 -4.740  0.066   1.00 45.84  ? 70  VAL A CA  1 
ATOM   482 C  C   . VAL A 1 69 ? -26.224 -4.093  -0.745  1.00 42.72  ? 70  VAL A C   1 
ATOM   483 O  O   . VAL A 1 69 ? -25.243 -3.584  -0.189  1.00 45.26  ? 70  VAL A O   1 
ATOM   484 C  CB  . VAL A 1 69 ? -27.291 -6.275  -0.034  1.00 43.41  ? 70  VAL A CB  1 
ATOM   485 C  CG1 . VAL A 1 69 ? -25.918 -6.788  0.372   1.00 40.10  ? 70  VAL A CG1 1 
ATOM   486 C  CG2 . VAL A 1 69 ? -28.376 -6.900  0.830   1.00 47.75  ? 70  VAL A CG2 1 
ATOM   487 N  N   . LEU A 1 70 ? -26.358 -4.101  -2.073  1.00 40.19  ? 71  LEU A N   1 
ATOM   488 C  CA  . LEU A 1 70 ? -25.357 -3.456  -2.917  1.00 43.36  ? 71  LEU A CA  1 
ATOM   489 C  C   . LEU A 1 70 ? -25.183 -1.991  -2.538  1.00 41.60  ? 71  LEU A C   1 
ATOM   490 O  O   . LEU A 1 70 ? -24.063 -1.467  -2.551  1.00 41.90  ? 71  LEU A O   1 
ATOM   491 C  CB  . LEU A 1 70 ? -25.745 -3.584  -4.393  1.00 51.43  ? 71  LEU A CB  1 
ATOM   492 C  CG  . LEU A 1 70 ? -25.740 -4.978  -5.024  1.00 51.65  ? 71  LEU A CG  1 
ATOM   493 C  CD1 . LEU A 1 70 ? -26.024 -4.885  -6.514  1.00 44.78  ? 71  LEU A CD1 1 
ATOM   494 C  CD2 . LEU A 1 70 ? -24.420 -5.685  -4.766  1.00 48.72  ? 71  LEU A CD2 1 
ATOM   495 N  N   . GLN A 1 71 ? -26.280 -1.313  -2.194  1.00 43.79  ? 72  GLN A N   1 
ATOM   496 C  CA  . GLN A 1 71 ? -26.187 0.085   -1.797  1.00 39.98  ? 72  GLN A CA  1 
ATOM   497 C  C   . GLN A 1 71 ? -25.312 0.238   -0.559  1.00 44.17  ? 72  GLN A C   1 
ATOM   498 O  O   . GLN A 1 71 ? -24.452 1.124   -0.499  1.00 45.61  ? 72  GLN A O   1 
ATOM   499 C  CB  . GLN A 1 71 ? -27.583 0.660   -1.555  1.00 51.94  ? 72  GLN A CB  1 
ATOM   500 C  CG  . GLN A 1 71 ? -27.594 2.159   -1.355  1.00 59.97  ? 72  GLN A CG  1 
ATOM   501 C  CD  . GLN A 1 71 ? -26.934 2.897   -2.504  1.00 66.36  ? 72  GLN A CD  1 
ATOM   502 O  OE1 . GLN A 1 71 ? -27.268 2.682   -3.671  1.00 67.48  ? 72  GLN A OE1 1 
ATOM   503 N  NE2 . GLN A 1 71 ? -25.981 3.767   -2.180  1.00 64.74  ? 72  GLN A NE2 1 
ATOM   504 N  N   . ARG A 1 72 ? -25.522 -0.621  0.443   1.00 45.80  ? 73  ARG A N   1 
ATOM   505 C  CA  . ARG A 1 72 ? -24.602 -0.664  1.575   1.00 47.59  ? 73  ARG A CA  1 
ATOM   506 C  C   . ARG A 1 72 ? -23.163 -0.764  1.091   1.00 39.67  ? 73  ARG A C   1 
ATOM   507 O  O   . ARG A 1 72 ? -22.280 -0.033  1.557   1.00 36.41  ? 73  ARG A O   1 
ATOM   508 C  CB  . ARG A 1 72 ? -24.933 -1.850  2.485   1.00 43.78  ? 73  ARG A CB  1 
ATOM   509 C  CG  . ARG A 1 72 ? -26.208 -1.714  3.293   1.00 53.53  ? 73  ARG A CG  1 
ATOM   510 C  CD  . ARG A 1 72 ? -26.243 -2.774  4.391   1.00 49.80  ? 73  ARG A CD  1 
ATOM   511 N  NE  . ARG A 1 72 ? -25.190 -2.566  5.384   1.00 41.73  ? 73  ARG A NE  1 
ATOM   512 C  CZ  . ARG A 1 72 ? -24.899 -3.418  6.364   1.00 41.50  ? 73  ARG A CZ  1 
ATOM   513 N  NH1 . ARG A 1 72 ? -25.575 -4.553  6.486   1.00 29.26  ? 73  ARG A NH1 1 
ATOM   514 N  NH2 . ARG A 1 72 ? -23.926 -3.135  7.222   1.00 34.28  ? 73  ARG A NH2 1 
ATOM   515 N  N   . ILE A 1 73 ? -22.911 -1.672  0.146   1.00 33.99  ? 74  ILE A N   1 
ATOM   516 C  CA  . ILE A 1 73 ? -21.549 -1.916  -0.313  1.00 28.01  ? 74  ILE A CA  1 
ATOM   517 C  C   . ILE A 1 73 ? -21.008 -0.702  -1.060  1.00 31.51  ? 74  ILE A C   1 
ATOM   518 O  O   . ILE A 1 73 ? -19.817 -0.382  -0.968  1.00 27.19  ? 74  ILE A O   1 
ATOM   519 C  CB  . ILE A 1 73 ? -21.500 -3.191  -1.176  1.00 45.86  ? 74  ILE A CB  1 
ATOM   520 C  CG1 . ILE A 1 73 ? -21.900 -4.409  -0.337  1.00 28.33  ? 74  ILE A CG1 1 
ATOM   521 C  CG2 . ILE A 1 73 ? -20.117 -3.377  -1.792  1.00 28.06  ? 74  ILE A CG2 1 
ATOM   522 C  CD1 . ILE A 1 73 ? -21.813 -5.722  -1.086  1.00 29.19  ? 74  ILE A CD1 1 
ATOM   523 N  N   . VAL A 1 74 ? -21.867 -0.008  -1.810  1.00 30.95  ? 75  VAL A N   1 
ATOM   524 C  CA  . VAL A 1 74 ? -21.431 1.213   -2.482  1.00 36.90  ? 75  VAL A CA  1 
ATOM   525 C  C   . VAL A 1 74 ? -21.026 2.264   -1.457  1.00 40.45  ? 75  VAL A C   1 
ATOM   526 O  O   . VAL A 1 74 ? -20.004 2.943   -1.612  1.00 32.09  ? 75  VAL A O   1 
ATOM   527 C  CB  . VAL A 1 74 ? -22.532 1.737   -3.422  1.00 35.36  ? 75  VAL A CB  1 
ATOM   528 C  CG1 . VAL A 1 74 ? -22.159 3.108   -3.957  1.00 36.62  ? 75  VAL A CG1 1 
ATOM   529 C  CG2 . VAL A 1 74 ? -22.758 0.764   -4.565  1.00 37.18  ? 75  VAL A CG2 1 
ATOM   530 N  N   . ASP A 1 75 ? -21.818 2.409   -0.391  1.00 38.00  ? 76  ASP A N   1 
ATOM   531 C  CA  . ASP A 1 75 ? -21.482 3.369   0.657   1.00 32.83  ? 76  ASP A CA  1 
ATOM   532 C  C   . ASP A 1 75 ? -20.110 3.081   1.248   1.00 34.58  ? 76  ASP A C   1 
ATOM   533 O  O   . ASP A 1 75 ? -19.331 4.007   1.507   1.00 40.25  ? 76  ASP A O   1 
ATOM   534 C  CB  . ASP A 1 75 ? -22.548 3.346   1.751   1.00 39.74  ? 76  ASP A CB  1 
ATOM   535 C  CG  . ASP A 1 75 ? -23.905 3.788   1.251   1.00 54.79  ? 76  ASP A CG  1 
ATOM   536 O  OD1 . ASP A 1 75 ? -23.958 4.519   0.240   1.00 63.83  ? 76  ASP A OD1 1 
ATOM   537 O  OD2 . ASP A 1 75 ? -24.917 3.406   1.873   1.00 64.19  ? 76  ASP A OD2 1 
ATOM   538 N  N   . ILE A 1 76 ? -19.800 1.804   1.478   1.00 28.25  ? 77  ILE A N   1 
ATOM   539 C  CA  . ILE A 1 76 ? -18.489 1.443   2.007   1.00 35.01  ? 77  ILE A CA  1 
ATOM   540 C  C   . ILE A 1 76 ? -17.396 1.759   0.992   1.00 41.03  ? 77  ILE A C   1 
ATOM   541 O  O   . ILE A 1 76 ? -16.290 2.179   1.357   1.00 42.11  ? 77  ILE A O   1 
ATOM   542 C  CB  . ILE A 1 76 ? -18.468 -0.041  2.417   1.00 33.86  ? 77  ILE A CB  1 
ATOM   543 C  CG1 . ILE A 1 76 ? -19.431 -0.286  3.580   1.00 36.81  ? 77  ILE A CG1 1 
ATOM   544 C  CG2 . ILE A 1 76 ? -17.046 -0.474  2.772   1.00 21.12  ? 77  ILE A CG2 1 
ATOM   545 C  CD1 . ILE A 1 76 ? -19.517 -1.731  4.004   1.00 42.18  ? 77  ILE A CD1 1 
ATOM   546 N  N   . LEU A 1 77 ? -17.686 1.558   -0.295  1.00 42.01  ? 78  LEU A N   1 
ATOM   547 C  CA  . LEU A 1 77 ? -16.706 1.876   -1.329  1.00 40.80  ? 78  LEU A CA  1 
ATOM   548 C  C   . LEU A 1 77 ? -16.425 3.370   -1.395  1.00 43.76  ? 78  LEU A C   1 
ATOM   549 O  O   . LEU A 1 77 ? -15.302 3.777   -1.712  1.00 36.81  ? 78  LEU A O   1 
ATOM   550 C  CB  . LEU A 1 77 ? -17.191 1.373   -2.689  1.00 33.65  ? 78  LEU A CB  1 
ATOM   551 C  CG  . LEU A 1 77 ? -17.236 -0.139  -2.903  1.00 33.31  ? 78  LEU A CG  1 
ATOM   552 C  CD1 . LEU A 1 77 ? -17.812 -0.474  -4.266  1.00 30.48  ? 78  LEU A CD1 1 
ATOM   553 C  CD2 . LEU A 1 77 ? -15.854 -0.733  -2.758  1.00 27.11  ? 78  LEU A CD2 1 
ATOM   554 N  N   . TYR A 1 78 ? -17.421 4.199   -1.100  1.00 48.06  ? 79  TYR A N   1 
ATOM   555 C  CA  . TYR A 1 78 ? -17.275 5.645   -1.222  1.00 46.79  ? 79  TYR A CA  1 
ATOM   556 C  C   . TYR A 1 78 ? -17.057 6.323   0.130   1.00 50.35  ? 79  TYR A C   1 
ATOM   557 O  O   . TYR A 1 78 ? -17.364 5.759   1.181   1.00 51.62  ? 79  TYR A O   1 
ATOM   558 C  CB  . TYR A 1 78 ? -18.502 6.240   -1.916  1.00 45.45  ? 79  TYR A CB  1 
ATOM   559 C  CG  . TYR A 1 78 ? -18.676 5.791   -3.350  1.00 50.13  ? 79  TYR A CG  1 
ATOM   560 C  CD1 . TYR A 1 78 ? -17.687 5.057   -3.995  1.00 41.51  ? 79  TYR A CD1 1 
ATOM   561 C  CD2 . TYR A 1 78 ? -19.825 6.108   -4.062  1.00 56.36  ? 79  TYR A CD2 1 
ATOM   562 C  CE1 . TYR A 1 78 ? -17.842 4.646   -5.306  1.00 46.33  ? 79  TYR A CE1 1 
ATOM   563 C  CE2 . TYR A 1 78 ? -19.988 5.703   -5.374  1.00 60.07  ? 79  TYR A CE2 1 
ATOM   564 C  CZ  . TYR A 1 78 ? -18.992 4.972   -5.991  1.00 59.71  ? 79  TYR A CZ  1 
ATOM   565 O  OH  . TYR A 1 78 ? -19.147 4.564   -7.298  1.00 62.66  ? 79  TYR A OH  1 
HETATM 566 ZN ZN  . ZN  B 2 .  ? -32.651 -10.003 -5.074  0.25 333.18 ? 101 ZN  A ZN  1 
HETATM 567 C  C1  . EDO C 3 .  ? -3.007  -7.695  7.970   1.00 70.98  ? 102 EDO A C1  1 
HETATM 568 O  O1  . EDO C 3 .  ? -2.612  -9.042  8.260   1.00 73.99  ? 102 EDO A O1  1 
HETATM 569 C  C2  . EDO C 3 .  ? -2.697  -7.372  6.513   1.00 65.36  ? 102 EDO A C2  1 
HETATM 570 O  O2  . EDO C 3 .  ? -3.081  -6.022  6.225   1.00 60.81  ? 102 EDO A O2  1 
HETATM 571 H  H11 . EDO C 3 .  ? -4.076  -7.575  8.155   1.00 85.17  ? 102 EDO A H11 1 
HETATM 572 H  H12 . EDO C 3 .  ? -2.469  -7.004  8.624   1.00 85.17  ? 102 EDO A H12 1 
HETATM 573 H  HO1 . EDO C 3 .  ? -2.810  -9.244  9.185   1.00 88.79  ? 102 EDO A HO1 1 
HETATM 574 H  H21 . EDO C 3 .  ? -1.629  -7.499  6.327   1.00 78.43  ? 102 EDO A H21 1 
HETATM 575 H  H22 . EDO C 3 .  ? -3.241  -8.057  5.860   1.00 78.43  ? 102 EDO A H22 1 
HETATM 576 H  HO2 . EDO C 3 .  ? -2.883  -5.820  5.301   1.00 72.97  ? 102 EDO A HO2 1 
HETATM 577 O  O   . HOH D 4 .  ? 31.891  0.581   18.427  1.00 60.54  ? 201 HOH A O   1 
HETATM 578 O  O   . HOH D 4 .  ? -24.318 -0.273  6.098   1.00 45.12  ? 202 HOH A O   1 
HETATM 579 O  O   . HOH D 4 .  ? 19.605  4.856   11.920  1.00 48.67  ? 203 HOH A O   1 
HETATM 580 O  O   . HOH D 4 .  ? -28.240 -2.149  -13.999 1.00 49.34  ? 204 HOH A O   1 
HETATM 581 O  O   . HOH D 4 .  ? 29.351  6.753   16.395  1.00 58.39  ? 205 HOH A O   1 
HETATM 582 O  O   . HOH D 4 .  ? -1.538  -6.496  3.334   1.00 43.76  ? 206 HOH A O   1 
HETATM 583 O  O   . HOH D 4 .  ? -28.902 -0.193  2.156   1.00 51.47  ? 207 HOH A O   1 
HETATM 584 O  O   . HOH D 4 .  ? 0.451   5.291   -5.918  1.00 48.15  ? 208 HOH A O   1 
HETATM 585 O  O   . HOH D 4 .  ? -7.789  -7.627  -9.607  0.50 33.14  ? 209 HOH A O   1 
HETATM 586 O  O   . HOH D 4 .  ? -2.788  -10.760 5.966   1.00 48.14  ? 210 HOH A O   1 
HETATM 587 O  O   . HOH D 4 .  ? -6.279  -6.932  -6.800  1.00 38.21  ? 211 HOH A O   1 
HETATM 588 O  O   . HOH D 4 .  ? -8.842  -3.524  -10.625 0.50 39.77  ? 212 HOH A O   1 
HETATM 589 O  O   . HOH D 4 .  ? -27.550 -6.260  5.130   1.00 44.63  ? 213 HOH A O   1 
HETATM 590 O  O   . HOH D 4 .  ? -4.153  -2.120  -8.309  1.00 43.25  ? 214 HOH A O   1 
HETATM 591 O  O   . HOH D 4 .  ? -14.692 6.768   2.109   1.00 40.28  ? 215 HOH A O   1 
HETATM 592 O  O   . HOH D 4 .  ? 5.362   -9.765  -4.296  1.00 58.68  ? 216 HOH A O   1 
HETATM 593 O  O   . HOH D 4 .  ? -15.068 -7.068  -11.585 1.00 34.16  ? 217 HOH A O   1 
HETATM 594 O  O   . HOH D 4 .  ? -11.387 -9.912  -10.852 1.00 42.42  ? 218 HOH A O   1 
HETATM 595 O  O   . HOH D 4 .  ? -32.695 -9.813  -8.196  1.00 55.12  ? 219 HOH A O   1 
HETATM 596 O  O   . HOH D 4 .  ? 34.317  1.095   13.168  0.50 67.64  ? 220 HOH A O   1 
HETATM 597 O  O   . HOH D 4 .  ? -0.162  -6.210  -6.333  1.00 46.81  ? 221 HOH A O   1 
HETATM 598 O  O   . HOH D 4 .  ? -2.543  -4.893  -7.687  1.00 46.84  ? 222 HOH A O   1 
HETATM 599 O  O   . HOH D 4 .  ? -20.474 7.142   2.641   1.00 63.36  ? 223 HOH A O   1 
HETATM 600 O  O   . HOH D 4 .  ? 0.666   7.769   -3.121  1.00 63.41  ? 224 HOH A O   1 
HETATM 601 O  O   . HOH D 4 .  ? -12.898 2.661   -4.901  1.00 52.72  ? 225 HOH A O   1 
HETATM 602 O  O   . HOH D 4 .  ? 11.825  -4.551  -3.565  1.00 69.89  ? 226 HOH A O   1 
HETATM 603 O  O   . HOH D 4 .  ? 37.121  16.251  17.041  1.00 52.43  ? 227 HOH A O   1 
# 
loop_
_atom_site_anisotrop.id 
_atom_site_anisotrop.type_symbol 
_atom_site_anisotrop.pdbx_label_atom_id 
_atom_site_anisotrop.pdbx_label_alt_id 
_atom_site_anisotrop.pdbx_label_comp_id 
_atom_site_anisotrop.pdbx_label_asym_id 
_atom_site_anisotrop.pdbx_label_seq_id 
_atom_site_anisotrop.pdbx_PDB_ins_code 
_atom_site_anisotrop.U[1][1] 
_atom_site_anisotrop.U[2][2] 
_atom_site_anisotrop.U[3][3] 
_atom_site_anisotrop.U[1][2] 
_atom_site_anisotrop.U[1][3] 
_atom_site_anisotrop.U[2][3] 
_atom_site_anisotrop.pdbx_auth_seq_id 
_atom_site_anisotrop.pdbx_auth_comp_id 
_atom_site_anisotrop.pdbx_auth_asym_id 
_atom_site_anisotrop.pdbx_auth_atom_id 
1   N N   . ASP A 14 ? 0.6373 0.9542 1.4374 -0.0171 -0.2899 -0.1579 15 ASP A N   
2   C CA  . ASP A 14 ? 0.7201 1.0160 1.5134 -0.0078 -0.3115 -0.1640 15 ASP A CA  
3   C C   . ASP A 14 ? 0.7197 0.9902 1.4525 -0.0025 -0.3234 -0.1651 15 ASP A C   
4   O O   . ASP A 14 ? 0.6220 0.9031 1.3314 -0.0012 -0.3071 -0.1647 15 ASP A O   
5   C CB  . ASP A 14 ? 0.8365 1.1121 1.6494 -0.0087 -0.3367 -0.1652 15 ASP A CB  
6   C CG  . ASP A 14 ? 0.9010 1.1561 1.6899 -0.0143 -0.3485 -0.1639 15 ASP A CG  
7   O OD1 . ASP A 14 ? 0.8764 1.1046 1.6146 -0.0112 -0.3653 -0.1665 15 ASP A OD1 
8   O OD2 . ASP A 14 ? 0.9090 1.1753 1.7298 -0.0221 -0.3407 -0.1603 15 ASP A OD2 
9   N N   . ALA A 15 ? 0.7459 0.9848 1.4523 0.0001  -0.3515 -0.1660 16 ALA A N   
10  C CA  . ALA A 15 ? 0.7412 0.9573 1.3867 0.0036  -0.3631 -0.1652 16 ALA A CA  
11  C C   . ALA A 15 ? 0.7312 0.9462 1.3360 -0.0007 -0.3517 -0.1652 16 ALA A C   
12  O O   . ALA A 15 ? 0.7520 0.9617 1.3130 0.0018  -0.3480 -0.1642 16 ALA A O   
13  C CB  . ALA A 15 ? 0.7327 0.9195 1.3561 0.0048  -0.3939 -0.1650 16 ALA A CB  
14  N N   . LEU A 16 ? 0.7382 0.9574 1.3584 -0.0072 -0.3467 -0.1659 17 LEU A N   
15  C CA  . LEU A 16 ? 0.6655 0.8831 1.2534 -0.0110 -0.3365 -0.1664 17 LEU A CA  
16  C C   . LEU A 16 ? 0.5993 0.8444 1.1936 -0.0120 -0.3089 -0.1626 17 LEU A C   
17  O O   . LEU A 16 ? 0.6183 0.8603 1.1729 -0.0119 -0.3017 -0.1632 17 LEU A O   
18  C CB  . LEU A 16 ? 0.7125 0.9266 1.3237 -0.0178 -0.3394 -0.1673 17 LEU A CB  
19  C CG  . LEU A 16 ? 0.6989 0.9090 1.2848 -0.0218 -0.3310 -0.1685 17 LEU A CG  
20  C CD1 . LEU A 16 ? 0.6918 0.8755 1.2121 -0.0175 -0.3448 -0.1770 17 LEU A CD1 
21  C CD2 . LEU A 16 ? 0.6855 0.8943 1.3096 -0.0289 -0.3329 -0.1674 17 LEU A CD2 
22  N N   . ALA A 17 ? 0.5594 0.8334 1.2023 -0.0128 -0.2924 -0.1595 18 ALA A N   
23  C CA  . ALA A 17 ? 0.5151 0.8196 1.1633 -0.0133 -0.2647 -0.1571 18 ALA A CA  
24  C C   . ALA A 17 ? 0.5228 0.8220 1.1396 -0.0048 -0.2656 -0.1614 18 ALA A C   
25  O O   . ALA A 17 ? 0.4921 0.7988 1.0803 -0.0039 -0.2521 -0.1616 18 ALA A O   
26  C CB  . ALA A 17 ? 0.5223 0.8620 1.2279 -0.0172 -0.2452 -0.1539 18 ALA A CB  
27  N N   . GLU A 18 ? 0.5737 0.8596 1.1978 0.0016  -0.2823 -0.1642 19 GLU A N   
28  C CA  . GLU A 18 ? 0.5996 0.8768 1.1977 0.0092  -0.2863 -0.1660 19 GLU A CA  
29  C C   . GLU A 18 ? 0.5268 0.7804 1.0601 0.0091  -0.2956 -0.1639 19 GLU A C   
30  O O   . GLU A 18 ? 0.4928 0.7498 1.0002 0.0123  -0.2865 -0.1644 19 GLU A O   
31  C CB  . GLU A 18 ? 0.7706 1.0314 1.3872 0.0148  -0.3079 -0.1666 19 GLU A CB  
32  C CG  . GLU A 18 ? 0.8649 1.1138 1.4609 0.0219  -0.3154 -0.1660 19 GLU A CG  
33  C CD  . GLU A 18 ? 0.9036 1.1806 1.5260 0.0263  -0.2908 -0.1726 19 GLU A CD  
34  O OE1 . GLU A 18 ? 0.8591 1.1618 1.5321 0.0266  -0.2761 -0.1786 19 GLU A OE1 
35  O OE2 . GLU A 18 ? 0.9253 1.2000 1.5166 0.0291  -0.2855 -0.1725 19 GLU A OE2 
36  N N   . GLU A 19 ? 0.5033 0.7336 1.0092 0.0055  -0.3127 -0.1629 20 GLU A N   
37  C CA  . GLU A 19 ? 0.5506 0.7598 0.9916 0.0050  -0.3196 -0.1624 20 GLU A CA  
38  C C   . GLU A 19 ? 0.5137 0.7383 0.9387 0.0031  -0.2973 -0.1642 20 GLU A C   
39  O O   . GLU A 19 ? 0.4626 0.6827 0.8457 0.0056  -0.2929 -0.1637 20 GLU A O   
40  C CB  . GLU A 19 ? 0.6427 0.8298 1.0628 0.0014  -0.3379 -0.1646 20 GLU A CB  
41  C CG  . GLU A 19 ? 0.8508 1.0150 1.2013 0.0014  -0.3487 -0.1647 20 GLU A CG  
42  C CD  . GLU A 19 ? 1.0672 1.2137 1.3998 -0.0017 -0.3660 -0.1698 20 GLU A CD  
43  O OE1 . GLU A 19 ? 1.1348 1.2850 1.4994 -0.0045 -0.3644 -0.1755 20 GLU A OE1 
44  O OE2 . GLU A 19 ? 1.1225 1.2531 1.4108 -0.0020 -0.3810 -0.1678 20 GLU A OE2 
45  N N   . TRP A 20 ? 0.5077 0.7514 0.9669 -0.0020 -0.2831 -0.1647 21 TRP A N   
46  C CA  . TRP A 20 ? 0.5064 0.7594 0.9426 -0.0044 -0.2554 -0.1606 21 TRP A CA  
47  C C   . TRP A 20 ? 0.5327 0.8055 0.9679 -0.0006 -0.2310 -0.1576 21 TRP A C   
48  O O   . TRP A 20 ? 0.4674 0.7363 0.8582 0.0007  -0.2141 -0.1545 21 TRP A O   
49  C CB  . TRP A 20 ? 0.3874 0.6550 0.8622 -0.0120 -0.2448 -0.1566 21 TRP A CB  
50  C CG  . TRP A 20 ? 0.4071 0.6520 0.8709 -0.0154 -0.2631 -0.1610 21 TRP A CG  
51  C CD1 . TRP A 20 ? 0.4658 0.7048 0.9667 -0.0191 -0.2827 -0.1645 21 TRP A CD1 
52  C CD2 . TRP A 20 ? 0.4287 0.6526 0.8402 -0.0148 -0.2617 -0.1640 21 TRP A CD2 
53  N NE1 . TRP A 20 ? 0.4661 0.6820 0.9419 -0.0206 -0.2943 -0.1708 21 TRP A NE1 
54  C CE2 . TRP A 20 ? 0.4376 0.6461 0.8618 -0.0181 -0.2831 -0.1722 21 TRP A CE2 
55  C CE3 . TRP A 20 ? 0.4848 0.7029 0.8431 -0.0119 -0.2445 -0.1618 21 TRP A CE3 
56  C CZ2 . TRP A 20 ? 0.4927 0.6814 0.8789 -0.0176 -0.2873 -0.1804 21 TRP A CZ2 
57  C CZ3 . TRP A 20 ? 0.5919 0.7907 0.9126 -0.0117 -0.2482 -0.1681 21 TRP A CZ3 
58  C CH2 . TRP A 20 ? 0.4477 0.6325 0.7829 -0.0143 -0.2691 -0.1783 21 TRP A CH2 
59  N N   . LYS A 21 ? 0.5253 0.8209 1.0114 0.0015  -0.2291 -0.1603 22 LYS A N   
60  C CA  . LYS A 21 ? 0.4756 0.7913 0.9647 0.0059  -0.2080 -0.1620 22 LYS A CA  
61  C C   . LYS A 21 ? 0.4368 0.7286 0.8748 0.0120  -0.2154 -0.1622 22 LYS A C   
62  O O   . LYS A 21 ? 0.3906 0.6869 0.7976 0.0135  -0.1947 -0.1605 22 LYS A O   
63  C CB  . LYS A 21 ? 0.4602 0.8017 1.0151 0.0088  -0.2105 -0.1693 22 LYS A CB  
64  C CG  . LYS A 21 ? 0.5704 0.9382 1.1368 0.0137  -0.1874 -0.1756 22 LYS A CG  
65  C CD  . LYS A 21 ? 0.6298 1.0128 1.2511 0.0182  -0.1893 -0.1836 22 LYS A CD  
66  C CE  . LYS A 21 ? 0.7453 1.0933 1.3622 0.0252  -0.2198 -0.1840 22 LYS A CE  
67  N NZ  . LYS A 21 ? 0.8256 1.1824 1.4929 0.0301  -0.2206 -0.1911 22 LYS A NZ  
68  N N   . ARG A 22 ? 0.4036 0.6707 0.8324 0.0147  -0.2458 -0.1628 23 ARG A N   
69  C CA  . ARG A 22 ? 0.4444 0.6887 0.8240 0.0182  -0.2553 -0.1595 23 ARG A CA  
70  C C   . ARG A 22 ? 0.4593 0.6911 0.7761 0.0152  -0.2413 -0.1551 23 ARG A C   
71  O O   . ARG A 22 ? 0.5315 0.7577 0.8126 0.0175  -0.2317 -0.1520 23 ARG A O   
72  C CB  . ARG A 22 ? 0.5203 0.7416 0.8963 0.0188  -0.2924 -0.1576 23 ARG A CB  
73  C CG  . ARG A 22 ? 0.6614 0.8598 0.9862 0.0200  -0.3054 -0.1504 23 ARG A CG  
74  C CD  . ARG A 22 ? 0.8343 1.0075 1.1475 0.0187  -0.3325 -0.1418 23 ARG A CD  
75  N NE  . ARG A 22 ? 0.9541 1.1189 1.2536 0.0137  -0.3403 -0.1440 23 ARG A NE  
76  C CZ  . ARG A 22 ? 0.9686 1.1173 1.2646 0.0118  -0.3620 -0.1397 23 ARG A CZ  
77  N NH1 . ARG A 22 ? 1.0195 1.1579 1.3246 0.0139  -0.3790 -0.1310 23 ARG A NH1 
78  N NH2 . ARG A 22 ? 0.8867 1.0297 1.1720 0.0078  -0.3676 -0.1446 23 ARG A NH2 
79  N N   . ARG A 23 ? 0.4373 0.6648 0.7440 0.0104  -0.2407 -0.1555 24 ARG A N   
80  C CA  . ARG A 23 ? 0.4375 0.6548 0.6916 0.0082  -0.2274 -0.1534 24 ARG A CA  
81  C C   . ARG A 23 ? 0.3761 0.6137 0.6311 0.0080  -0.1947 -0.1501 24 ARG A C   
82  O O   . ARG A 23 ? 0.3739 0.6056 0.5854 0.0090  -0.1819 -0.1476 24 ARG A O   
83  C CB  . ARG A 23 ? 0.4730 0.6807 0.7251 0.0038  -0.2372 -0.1573 24 ARG A CB  
84  C CG  . ARG A 23 ? 0.5183 0.7054 0.7541 0.0036  -0.2695 -0.1624 24 ARG A CG  
85  C CD  . ARG A 23 ? 0.5384 0.7203 0.7911 -0.0004 -0.2812 -0.1699 24 ARG A CD  
86  N NE  . ARG A 23 ? 0.5716 0.7351 0.8076 -0.0010 -0.3096 -0.1746 24 ARG A NE  
87  C CZ  . ARG A 23 ? 0.5904 0.7445 0.8373 -0.0037 -0.3206 -0.1807 24 ARG A CZ  
88  N NH1 . ARG A 23 ? 0.6281 0.7905 0.9108 -0.0065 -0.3135 -0.1851 24 ARG A NH1 
89  N NH2 . ARG A 23 ? 0.6173 0.7549 0.8411 -0.0043 -0.3393 -0.1817 24 ARG A NH2 
90  N N   . TYR A 24 ? 0.3576 0.6214 0.6616 0.0059  -0.1810 -0.1497 25 TYR A N   
91  C CA  . TYR A 24 ? 0.3710 0.6588 0.6756 0.0047  -0.1507 -0.1461 25 TYR A CA  
92  C C   . TYR A 24 ? 0.3953 0.6875 0.6852 0.0105  -0.1422 -0.1491 25 TYR A C   
93  O O   . TYR A 24 ? 0.3730 0.6660 0.6276 0.0109  -0.1253 -0.1465 25 TYR A O   
94  C CB  . TYR A 24 ? 0.3208 0.6411 0.6819 0.0001  -0.1383 -0.1447 25 TYR A CB  
95  C CG  . TYR A 24 ? 0.3011 0.6537 0.6687 -0.0002 -0.1095 -0.1439 25 TYR A CG  
96  C CD1 . TYR A 24 ? 0.2924 0.6541 0.6346 -0.0050 -0.0883 -0.1352 25 TYR A CD1 
97  C CD2 . TYR A 24 ? 0.3037 0.6783 0.7031 0.0043  -0.1045 -0.1531 25 TYR A CD2 
98  C CE1 . TYR A 24 ? 0.3656 0.7592 0.7103 -0.0060 -0.0629 -0.1350 25 TYR A CE1 
99  C CE2 . TYR A 24 ? 0.2878 0.6948 0.6917 0.0040  -0.0782 -0.1560 25 TYR A CE2 
100 C CZ  . TYR A 24 ? 0.3826 0.7996 0.7569 -0.0016 -0.0574 -0.1465 25 TYR A CZ  
101 O OH  . TYR A 24 ? 0.4319 0.8836 0.8078 -0.0025 -0.0320 -0.1498 25 TYR A OH  
102 N N   . GLU A 25 ? 0.3328 0.6276 0.6534 0.0152  -0.1553 -0.1551 26 GLU A N   
103 C CA  . GLU A 25 ? 0.4351 0.7336 0.7514 0.0210  -0.1498 -0.1595 26 GLU A CA  
104 C C   . GLU A 25 ? 0.3793 0.6493 0.6376 0.0223  -0.1568 -0.1541 26 GLU A C   
105 O O   . GLU A 25 ? 0.3615 0.6355 0.5981 0.0241  -0.1413 -0.1544 26 GLU A O   
106 C CB  . GLU A 25 ? 0.5554 0.8580 0.9210 0.0263  -0.1675 -0.1670 26 GLU A CB  
107 C CG  . GLU A 25 ? 0.6144 0.9514 1.0420 0.0253  -0.1574 -0.1744 26 GLU A CG  
108 C CD  . GLU A 25 ? 0.7507 1.0916 1.2323 0.0314  -0.1767 -0.1836 26 GLU A CD  
109 O OE1 . GLU A 25 ? 0.8080 1.1199 1.2793 0.0345  -0.2046 -0.1801 26 GLU A OE1 
110 O OE2 . GLU A 25 ? 0.7681 1.1431 1.3034 0.0327  -0.1642 -0.1938 26 GLU A OE2 
111 N N   . LYS A 26 ? 0.3638 0.6072 0.5965 0.0206  -0.1800 -0.1496 27 LYS A N   
112 C CA  . LYS A 26 ? 0.3793 0.5997 0.5547 0.0200  -0.1857 -0.1437 27 LYS A CA  
113 C C   . LYS A 26 ? 0.4970 0.7217 0.6358 0.0176  -0.1611 -0.1418 27 LYS A C   
114 O O   . LYS A 26 ? 0.4275 0.6496 0.5369 0.0188  -0.1505 -0.1394 27 LYS A O   
115 C CB  . LYS A 26 ? 0.5637 0.7615 0.7168 0.0171  -0.2129 -0.1409 27 LYS A CB  
116 C CG  . LYS A 26 ? 0.6463 0.8248 0.7375 0.0147  -0.2180 -0.1350 27 LYS A CG  
117 C CD  . LYS A 26 ? 0.7689 0.9316 0.8374 0.0111  -0.2428 -0.1353 27 LYS A CD  
118 C CE  . LYS A 26 ? 0.8689 1.0182 0.8738 0.0074  -0.2457 -0.1306 27 LYS A CE  
119 N NZ  . LYS A 26 ? 0.9973 1.1369 0.9768 0.0035  -0.2653 -0.1357 27 LYS A NZ  
120 N N   . GLU A 27 ? 0.5127 0.7436 0.6563 0.0142  -0.1532 -0.1424 28 GLU A N   
121 C CA  . GLU A 27 ? 0.4265 0.6628 0.5434 0.0121  -0.1312 -0.1397 28 GLU A CA  
122 C C   . GLU A 27 ? 0.4043 0.6643 0.5330 0.0134  -0.1071 -0.1393 28 GLU A C   
123 O O   . GLU A 27 ? 0.4725 0.7334 0.5695 0.0132  -0.0917 -0.1366 28 GLU A O   
124 C CB  . GLU A 27 ? 0.4253 0.6647 0.5580 0.0079  -0.1298 -0.1393 28 GLU A CB  
125 C CG  . GLU A 27 ? 0.4835 0.7164 0.5820 0.0061  -0.1183 -0.1371 28 GLU A CG  
126 C CD  . GLU A 27 ? 0.5540 0.7628 0.6064 0.0073  -0.1321 -0.1415 28 GLU A CD  
127 O OE1 . GLU A 27 ? 0.5187 0.7153 0.5682 0.0078  -0.1537 -0.1450 28 GLU A OE1 
128 O OE2 . GLU A 27 ? 0.6186 0.8231 0.6383 0.0073  -0.1212 -0.1415 28 GLU A OE2 
129 N N   . LYS A 28 ? 0.3732 0.6545 0.5478 0.0147  -0.1038 -0.1435 29 LYS A N   
130 C CA  . LYS A 28 ? 0.3836 0.6925 0.5704 0.0158  -0.0808 -0.1465 29 LYS A CA  
131 C C   . LYS A 28 ? 0.4298 0.7301 0.5962 0.0208  -0.0813 -0.1502 29 LYS A C   
132 O O   . LYS A 28 ? 0.3828 0.6957 0.5339 0.0211  -0.0625 -0.1514 29 LYS A O   
133 C CB  . LYS A 28 ? 0.3901 0.7281 0.6336 0.0159  -0.0765 -0.1530 29 LYS A CB  
134 C CG  . LYS A 28 ? 0.4086 0.7828 0.6651 0.0154  -0.0501 -0.1580 29 LYS A CG  
135 C CD  . LYS A 28 ? 0.4890 0.8964 0.8033 0.0156  -0.0453 -0.1674 29 LYS A CD  
136 C CE  . LYS A 28 ? 0.5996 1.0034 0.9411 0.0243  -0.0580 -0.1817 29 LYS A CE  
137 N NZ  . LYS A 28 ? 0.6253 1.0346 0.9499 0.0291  -0.0467 -0.1903 29 LYS A NZ  
138 N N   . GLU A 29 ? 0.4702 0.7492 0.6382 0.0242  -0.1040 -0.1512 30 GLU A N   
139 C CA  . GLU A 29 ? 0.4775 0.7442 0.6260 0.0275  -0.1078 -0.1512 30 GLU A CA  
140 C C   . GLU A 29 ? 0.4261 0.6782 0.5184 0.0245  -0.1004 -0.1434 30 GLU A C   
141 O O   . GLU A 29 ? 0.4474 0.7028 0.5238 0.0256  -0.0886 -0.1441 30 GLU A O   
142 C CB  . GLU A 29 ? 0.6380 0.8833 0.7986 0.0297  -0.1370 -0.1490 30 GLU A CB  
143 C CG  . GLU A 29 ? 0.8363 1.0936 1.0552 0.0328  -0.1481 -0.1565 30 GLU A CG  
144 C CD  . GLU A 29 ? 0.9137 1.2015 1.1776 0.0375  -0.1308 -0.1704 30 GLU A CD  
145 O OE1 . GLU A 29 ? 0.8982 1.1974 1.1462 0.0382  -0.1108 -0.1742 30 GLU A OE1 
146 O OE2 . GLU A 29 ? 0.9221 1.2246 1.2385 0.0404  -0.1373 -0.1789 30 GLU A OE2 
147 N N   . LYS A 30 ? 0.4056 0.6431 0.4702 0.0207  -0.1075 -0.1377 31 LYS A N   
148 C CA  . LYS A 30 ? 0.4506 0.6777 0.4658 0.0182  -0.0994 -0.1327 31 LYS A CA  
149 C C   . LYS A 30 ? 0.4687 0.7155 0.4804 0.0178  -0.0731 -0.1335 31 LYS A C   
150 O O   . LYS A 30 ? 0.4964 0.7410 0.4788 0.0177  -0.0630 -0.1314 31 LYS A O   
151 C CB  . LYS A 30 ? 0.5310 0.7445 0.5270 0.0151  -0.1103 -0.1314 31 LYS A CB  
152 C CG  . LYS A 30 ? 0.6943 0.8922 0.6384 0.0130  -0.1117 -0.1285 31 LYS A CG  
153 C CD  . LYS A 30 ? 0.7884 0.9737 0.7185 0.0106  -0.1278 -0.1317 31 LYS A CD  
154 C CE  . LYS A 30 ? 0.8898 1.0642 0.7679 0.0082  -0.1288 -0.1313 31 LYS A CE  
155 N NZ  . LYS A 30 ? 0.8543 1.0189 0.7175 0.0061  -0.1460 -0.1380 31 LYS A NZ  
156 N N   A ASN A 31 ? 0.4083 0.6751 0.4499 0.0165  -0.0627 -0.1352 32 ASN A N   
157 N N   B ASN A 31 ? 0.4078 0.6753 0.4499 0.0165  -0.0623 -0.1353 32 ASN A N   
158 C CA  A ASN A 31 ? 0.3729 0.6619 0.4130 0.0147  -0.0392 -0.1335 32 ASN A CA  
159 C CA  B ASN A 31 ? 0.3755 0.6635 0.4126 0.0147  -0.0389 -0.1333 32 ASN A CA  
160 C C   A ASN A 31 ? 0.3810 0.6833 0.4208 0.0175  -0.0277 -0.1388 32 ASN A C   
161 C C   B ASN A 31 ? 0.3783 0.6838 0.4213 0.0173  -0.0261 -0.1390 32 ASN A C   
162 O O   A ASN A 31 ? 0.3717 0.6793 0.3868 0.0167  -0.0137 -0.1366 32 ASN A O   
163 O O   B ASN A 31 ? 0.3723 0.6894 0.3972 0.0160  -0.0094 -0.1371 32 ASN A O   
164 C CB  A ASN A 31 ? 0.3724 0.6850 0.4508 0.0112  -0.0319 -0.1324 32 ASN A CB  
165 C CB  B ASN A 31 ? 0.3712 0.6789 0.4394 0.0106  -0.0318 -0.1304 32 ASN A CB  
166 C CG  A ASN A 31 ? 0.3791 0.7211 0.4595 0.0081  -0.0082 -0.1293 32 ASN A CG  
167 C CG  B ASN A 31 ? 0.3795 0.6706 0.4391 0.0075  -0.0407 -0.1250 32 ASN A CG  
168 O OD1 A ASN A 31 ? 0.4803 0.8458 0.5762 0.0095  0.0027  -0.1361 32 ASN A OD1 
169 O OD1 B ASN A 31 ? 0.3887 0.6578 0.4143 0.0087  -0.0477 -0.1251 32 ASN A OD1 
170 N ND2 A ASN A 31 ? 0.3946 0.7365 0.4609 0.0036  -0.0013 -0.1194 32 ASN A ND2 
171 N ND2 B ASN A 31 ? 0.3942 0.6975 0.4872 0.0034  -0.0404 -0.1214 32 ASN A ND2 
172 N N   . ALA A 32 ? 0.3693 0.6774 0.4401 0.0213  -0.0348 -0.1470 33 ALA A N   
173 C CA  . ALA A 32 ? 0.3199 0.6413 0.3978 0.0247  -0.0254 -0.1558 33 ALA A CA  
174 C C   . ALA A 32 ? 0.3421 0.6413 0.3828 0.0255  -0.0296 -0.1516 33 ALA A C   
175 O O   . ALA A 32 ? 0.3971 0.7069 0.4269 0.0261  -0.0161 -0.1552 33 ALA A O   
176 C CB  . ALA A 32 ? 0.3714 0.7002 0.4957 0.0296  -0.0356 -0.1672 33 ALA A CB  
177 N N   . ARG A 33 ? 0.4593 0.7299 0.4799 0.0247  -0.0484 -0.1439 34 ARG A N   
178 C CA  . ARG A 33 ? 0.5497 0.8013 0.5342 0.0235  -0.0522 -0.1377 34 ARG A CA  
179 C C   . ARG A 33 ? 0.5786 0.8324 0.5254 0.0203  -0.0363 -0.1328 34 ARG A C   
180 O O   . ARG A 33 ? 0.5487 0.8011 0.4747 0.0199  -0.0288 -0.1315 34 ARG A O   
181 C CB  . ARG A 33 ? 0.5951 0.8204 0.5658 0.0217  -0.0764 -0.1293 34 ARG A CB  
182 C CG  . ARG A 33 ? 0.7647 0.9827 0.7695 0.0247  -0.0956 -0.1310 34 ARG A CG  
183 C CD  . ARG A 33 ? 0.8838 1.0769 0.8697 0.0212  -0.1209 -0.1191 34 ARG A CD  
184 N NE  . ARG A 33 ? 0.9734 1.1642 0.9750 0.0212  -0.1349 -0.1201 34 ARG A NE  
185 C CZ  . ARG A 33 ? 0.9946 1.1874 1.0418 0.0247  -0.1494 -0.1244 34 ARG A CZ  
186 N NH1 . ARG A 33 ? 1.0091 1.2066 1.0923 0.0293  -0.1515 -0.1297 34 ARG A NH1 
187 N NH2 . ARG A 33 ? 0.9163 1.1073 0.9768 0.0241  -0.1624 -0.1251 34 ARG A NH2 
188 N N   . LEU A 34 ? 0.5378 0.7947 0.4792 0.0183  -0.0322 -0.1304 35 LEU A N   
189 C CA  . LEU A 34 ? 0.4658 0.7249 0.3783 0.0161  -0.0185 -0.1264 35 LEU A CA  
190 C C   . LEU A 34 ? 0.3692 0.6525 0.2889 0.0162  0.0014  -0.1286 35 LEU A C   
191 O O   . LEU A 34 ? 0.3099 0.5834 0.2158 0.0146  0.0102  -0.1190 35 LEU A O   
192 C CB  . LEU A 34 ? 0.4195 0.6750 0.3327 0.0141  -0.0215 -0.1242 35 LEU A CB  
193 C CG  . LEU A 34 ? 0.4801 0.7130 0.3768 0.0135  -0.0404 -0.1241 35 LEU A CG  
194 C CD1 . LEU A 34 ? 0.4906 0.7224 0.4041 0.0123  -0.0464 -0.1257 35 LEU A CD1 
195 C CD2 . LEU A 34 ? 0.5105 0.7297 0.3668 0.0121  -0.0376 -0.1209 35 LEU A CD2 
196 N N   . LYS A 35 ? 0.3403 0.6461 0.2938 0.0168  0.0074  -0.1335 36 LYS A N   
197 C CA  . LYS A 35 ? 0.3447 0.6784 0.3032 0.0160  0.0261  -0.1366 36 LYS A CA  
198 C C   . LYS A 35 ? 0.3947 0.7183 0.3490 0.0175  0.0262  -0.1375 36 LYS A C   
199 O O   . LYS A 35 ? 0.3402 0.6568 0.2919 0.0141  0.0329  -0.1265 36 LYS A O   
200 C CB  . LYS A 35 ? 0.3503 0.7124 0.3477 0.0156  0.0321  -0.1429 36 LYS A CB  
201 C CG  . LYS A 35 ? 0.4642 0.8387 0.4732 0.0103  0.0368  -0.1336 36 LYS A CG  
202 C CD  . LYS A 35 ? 0.5306 0.9376 0.5788 0.0087  0.0441  -0.1397 36 LYS A CD  
203 C CE  . LYS A 35 ? 0.6250 1.0497 0.6850 0.0011  0.0516  -0.1269 36 LYS A CE  
204 N NZ  . LYS A 35 ? 0.6516 1.1127 0.7500 -0.0018 0.0604  -0.1323 36 LYS A NZ  
205 N N   . GLY A 36 ? 0.4246 0.7413 0.3829 0.0218  0.0145  -0.1480 37 GLY A N   
206 C CA  . GLY A 36 ? 0.4389 0.7515 0.3926 0.0238  0.0143  -0.1533 37 GLY A CA  
207 C C   . GLY A 36 ? 0.4706 0.7536 0.3953 0.0199  0.0124  -0.1353 37 GLY A C   
208 O O   . GLY A 36 ? 0.5094 0.7871 0.4335 0.0187  0.0173  -0.1314 37 GLY A O   
209 N N   . LYS A 37 ? 0.3500 0.6137 0.2532 0.0176  0.0055  -0.1253 38 LYS A N   
210 C CA  . LYS A 37 ? 0.4350 0.6715 0.3156 0.0139  0.0067  -0.1096 38 LYS A CA  
211 C C   . LYS A 37 ? 0.4050 0.6365 0.2897 0.0116  0.0189  -0.0991 38 LYS A C   
212 O O   . LYS A 37 ? 0.3176 0.5344 0.1954 0.0097  0.0228  -0.0913 38 LYS A O   
213 C CB  . LYS A 37 ? 0.4627 0.6811 0.3221 0.0121  -0.0042 -0.1047 38 LYS A CB  
214 C CG  . LYS A 37 ? 0.6499 0.8431 0.4860 0.0082  -0.0042 -0.0926 38 LYS A CG  
215 C CD  . LYS A 37 ? 0.8882 1.0651 0.7046 0.0060  -0.0124 -0.0888 38 LYS A CD  
216 C CE  . LYS A 37 ? 1.0084 1.1761 0.8048 0.0026  -0.0282 -0.0857 38 LYS A CE  
217 N NZ  . LYS A 37 ? 1.0246 1.1743 0.7984 -0.0008 -0.0334 -0.0805 38 LYS A NZ  
218 N N   . VAL A 38 ? 0.3427 0.5875 0.2386 0.0113  0.0233  -0.0994 39 VAL A N   
219 C CA  . VAL A 38 ? 0.3287 0.5709 0.2280 0.0088  0.0312  -0.0901 39 VAL A CA  
220 C C   . VAL A 38 ? 0.3747 0.6221 0.2830 0.0081  0.0361  -0.0896 39 VAL A C   
221 O O   . VAL A 38 ? 0.2745 0.5082 0.1774 0.0067  0.0388  -0.0816 39 VAL A O   
222 C CB  . VAL A 38 ? 0.3452 0.6075 0.2552 0.0077  0.0341  -0.0911 39 VAL A CB  
223 C CG1 . VAL A 38 ? 0.3808 0.6489 0.2969 0.0047  0.0411  -0.0827 39 VAL A CG1 
224 C CG2 . VAL A 38 ? 0.3305 0.5838 0.2292 0.0081  0.0292  -0.0909 39 VAL A CG2 
225 N N   . GLU A 39 ? 0.3591 0.6278 0.2823 0.0094  0.0368  -0.1005 40 GLU A N   
226 C CA  . GLU A 39 ? 0.3348 0.6109 0.2669 0.0088  0.0404  -0.1033 40 GLU A CA  
227 C C   . GLU A 39 ? 0.3613 0.6208 0.2842 0.0096  0.0379  -0.1025 40 GLU A C   
228 O O   . GLU A 39 ? 0.2908 0.5466 0.2139 0.0081  0.0408  -0.0992 40 GLU A O   
229 C CB  . GLU A 39 ? 0.4196 0.7241 0.3726 0.0107  0.0415  -0.1195 40 GLU A CB  
230 C CG  . GLU A 39 ? 0.6845 0.9983 0.6477 0.0108  0.0438  -0.1276 40 GLU A CG  
231 C CD  . GLU A 39 ? 0.8578 1.1741 0.8181 0.0064  0.0489  -0.1187 40 GLU A CD  
232 O OE1 . GLU A 39 ? 0.9545 1.2550 0.9015 0.0041  0.0496  -0.1037 40 GLU A OE1 
233 O OE2 . GLU A 39 ? 0.8659 1.2018 0.8380 0.0056  0.0517  -0.1283 40 GLU A OE2 
234 N N   . ASP A 40 ? 0.4266 0.6780 0.3402 0.0114  0.0320  -0.1057 41 ASP A N   
235 C CA  . ASP A 40 ? 0.3204 0.5589 0.2234 0.0109  0.0297  -0.1043 41 ASP A CA  
236 C C   . ASP A 40 ? 0.3274 0.5414 0.2148 0.0079  0.0323  -0.0892 41 ASP A C   
237 O O   . ASP A 40 ? 0.3391 0.5468 0.2245 0.0066  0.0344  -0.0865 41 ASP A O   
238 C CB  . ASP A 40 ? 0.3369 0.5742 0.2298 0.0125  0.0200  -0.1111 41 ASP A CB  
239 C CG  . ASP A 40 ? 0.5351 0.7968 0.4484 0.0177  0.0150  -0.1326 41 ASP A CG  
240 O OD1 . ASP A 40 ? 0.5407 0.8208 0.4772 0.0196  0.0218  -0.1421 41 ASP A OD1 
241 O OD2 . ASP A 40 ? 0.6537 0.9146 0.5607 0.0197  0.0011  -0.1411 41 ASP A OD2 
242 N N   . LEU A 41 ? 0.3821 0.5841 0.2603 0.0072  0.0320  -0.0819 42 LEU A N   
243 C CA  . LEU A 41 ? 0.3270 0.5086 0.1945 0.0056  0.0345  -0.0721 42 LEU A CA  
244 C C   . LEU A 41 ? 0.3027 0.4978 0.1826 0.0049  0.0389  -0.0703 42 LEU A C   
245 O O   . LEU A 41 ? 0.2980 0.4930 0.1762 0.0036  0.0402  -0.0673 42 LEU A O   
246 C CB  . LEU A 41 ? 0.3602 0.5329 0.2184 0.0057  0.0325  -0.0695 42 LEU A CB  
247 C CG  . LEU A 41 ? 0.4211 0.5847 0.2622 0.0050  0.0261  -0.0705 42 LEU A CG  
248 C CD1 . LEU A 41 ? 0.3229 0.4825 0.1576 0.0054  0.0234  -0.0713 42 LEU A CD1 
249 C CD2 . LEU A 41 ? 0.3068 0.4546 0.1334 0.0027  0.0269  -0.0651 42 LEU A CD2 
250 N N   . GLU A 42 ? 0.3444 0.5542 0.2361 0.0051  0.0408  -0.0725 43 GLU A N   
251 C CA  . GLU A 42 ? 0.3415 0.5676 0.2419 0.0033  0.0434  -0.0705 43 GLU A CA  
252 C C   . GLU A 42 ? 0.3337 0.5675 0.2384 0.0026  0.0437  -0.0743 43 GLU A C   
253 O O   . GLU A 42 ? 0.2509 0.4890 0.1557 0.0012  0.0442  -0.0712 43 GLU A O   
254 C CB  . GLU A 42 ? 0.3064 0.5482 0.2158 0.0025  0.0457  -0.0715 43 GLU A CB  
255 C CG  . GLU A 42 ? 0.4431 0.6953 0.3540 0.0002  0.0476  -0.0647 43 GLU A CG  
256 C CD  . GLU A 42 ? 0.5877 0.8565 0.5054 -0.0017 0.0506  -0.0643 43 GLU A CD  
257 O OE1 . GLU A 42 ? 0.5631 0.8391 0.4872 -0.0011 0.0517  -0.0713 43 GLU A OE1 
258 O OE2 . GLU A 42 ? 0.6770 0.9522 0.5940 -0.0039 0.0525  -0.0568 43 GLU A OE2 
259 N N   . LYS A 43 ? 0.2808 0.5166 0.1897 0.0039  0.0432  -0.0821 44 LYS A N   
260 C CA  . LYS A 43 ? 0.3423 0.5840 0.2553 0.0036  0.0433  -0.0879 44 LYS A CA  
261 C C   . LYS A 43 ? 0.3309 0.5584 0.2337 0.0027  0.0424  -0.0828 44 LYS A C   
262 O O   . LYS A 43 ? 0.3415 0.5759 0.2468 0.0012  0.0431  -0.0830 44 LYS A O   
263 C CB  . LYS A 43 ? 0.3760 0.6200 0.2955 0.0062  0.0426  -0.0993 44 LYS A CB  
264 C CG  . LYS A 43 ? 0.3728 0.6393 0.3065 0.0069  0.0440  -0.1078 44 LYS A CG  
265 C CD  . LYS A 43 ? 0.3426 0.6283 0.2918 0.0100  0.0417  -0.1269 44 LYS A CD  
266 C CE  . LYS A 43 ? 0.4533 0.7641 0.4198 0.0103  0.0443  -0.1378 44 LYS A CE  
267 N NZ  . LYS A 43 ? 0.6090 0.9390 0.5976 0.0149  0.0416  -0.1613 44 LYS A NZ  
268 N N   . GLU A 44 ? 0.3137 0.5226 0.2040 0.0031  0.0409  -0.0786 45 GLU A N   
269 C CA  . GLU A 44 ? 0.3056 0.5026 0.1846 0.0015  0.0408  -0.0736 45 GLU A CA  
270 C C   . GLU A 44 ? 0.3064 0.5084 0.1868 0.0001  0.0426  -0.0682 45 GLU A C   
271 O O   . GLU A 44 ? 0.2789 0.4833 0.1594 -0.0015 0.0437  -0.0672 45 GLU A O   
272 C CB  . GLU A 44 ? 0.3354 0.5136 0.1976 0.0012  0.0382  -0.0701 45 GLU A CB  
273 C CG  . GLU A 44 ? 0.5600 0.7443 0.4204 0.0016  0.0337  -0.0778 45 GLU A CG  
274 C CD  . GLU A 44 ? 0.6829 0.8600 0.5260 0.0001  0.0278  -0.0750 45 GLU A CD  
275 O OE1 . GLU A 44 ? 0.7156 0.8770 0.5479 -0.0005 0.0288  -0.0672 45 GLU A OE1 
276 O OE2 . GLU A 44 ? 0.7557 0.9441 0.5955 -0.0003 0.0205  -0.0820 45 GLU A OE2 
277 N N   . ARG A 45 ? 0.2634 0.4672 0.1452 0.0008  0.0427  -0.0653 46 ARG A N   
278 C CA  . ARG A 45 ? 0.3276 0.5352 0.2106 0.0004  0.0441  -0.0613 46 ARG A CA  
279 C C   . ARG A 45 ? 0.2562 0.4797 0.1486 -0.0007 0.0447  -0.0621 46 ARG A C   
280 O O   . ARG A 45 ? 0.3100 0.5354 0.2019 -0.0016 0.0453  -0.0603 46 ARG A O   
281 C CB  . ARG A 45 ? 0.2606 0.4674 0.1436 0.0016  0.0441  -0.0592 46 ARG A CB  
282 C CG  . ARG A 45 ? 0.2876 0.4976 0.1716 0.0019  0.0456  -0.0559 46 ARG A CG  
283 C CD  . ARG A 45 ? 0.3873 0.6014 0.2742 0.0026  0.0461  -0.0538 46 ARG A CD  
284 N NE  . ARG A 45 ? 0.3799 0.6092 0.2749 0.0011  0.0462  -0.0533 46 ARG A NE  
285 C CZ  . ARG A 45 ? 0.3791 0.6159 0.2770 0.0004  0.0473  -0.0502 46 ARG A CZ  
286 N NH1 . ARG A 45 ? 0.2701 0.4986 0.1642 0.0017  0.0481  -0.0478 46 ARG A NH1 
287 N NH2 . ARG A 45 ? 0.3627 0.6164 0.2670 -0.0017 0.0479  -0.0501 46 ARG A NH2 
288 N N   . ASP A 46 ? 0.2757 0.5125 0.1759 -0.0010 0.0444  -0.0655 47 ASP A N   
289 C CA  . ASP A 46 ? 0.2503 0.5049 0.1574 -0.0026 0.0445  -0.0671 47 ASP A CA  
290 C C   . ASP A 46 ? 0.3298 0.5842 0.2373 -0.0033 0.0442  -0.0713 47 ASP A C   
291 O O   . ASP A 46 ? 0.2657 0.5293 0.1754 -0.0047 0.0441  -0.0708 47 ASP A O   
292 C CB  . ASP A 46 ? 0.2822 0.5534 0.1965 -0.0032 0.0448  -0.0716 47 ASP A CB  
293 C CG  . ASP A 46 ? 0.3433 0.6157 0.2570 -0.0032 0.0457  -0.0667 47 ASP A CG  
294 O OD1 . ASP A 46 ? 0.3580 0.6204 0.2668 -0.0026 0.0458  -0.0602 47 ASP A OD1 
295 O OD2 . ASP A 46 ? 0.3738 0.6580 0.2925 -0.0039 0.0468  -0.0704 47 ASP A OD2 
296 N N   . PHE A 47 ? 0.3401 0.5844 0.2450 -0.0026 0.0441  -0.0754 48 PHE A N   
297 C CA  . PHE A 47 ? 0.3166 0.5587 0.2207 -0.0035 0.0442  -0.0795 48 PHE A CA  
298 C C   . PHE A 47 ? 0.3382 0.5738 0.2363 -0.0051 0.0451  -0.0734 48 PHE A C   
299 O O   . PHE A 47 ? 0.3737 0.6182 0.2754 -0.0065 0.0452  -0.0748 48 PHE A O   
300 C CB  . PHE A 47 ? 0.3774 0.6061 0.2766 -0.0023 0.0438  -0.0834 48 PHE A CB  
301 C CG  . PHE A 47 ? 0.3644 0.5897 0.2623 -0.0030 0.0439  -0.0886 48 PHE A CG  
302 C CD1 . PHE A 47 ? 0.3458 0.5866 0.2550 -0.0030 0.0437  -0.0986 48 PHE A CD1 
303 C CD2 . PHE A 47 ? 0.3111 0.5187 0.1954 -0.0043 0.0439  -0.0841 48 PHE A CD2 
304 C CE1 . PHE A 47 ? 0.2688 0.5075 0.1782 -0.0035 0.0435  -0.1056 48 PHE A CE1 
305 C CE2 . PHE A 47 ? 0.3641 0.5795 0.2491 -0.0066 0.0434  -0.0910 48 PHE A CE2 
306 C CZ  . PHE A 47 ? 0.3198 0.5530 0.2194 -0.0061 0.0430  -0.1034 48 PHE A CZ  
307 N N   . TYR A 48 ? 0.2631 0.4844 0.1518 -0.0048 0.0457  -0.0675 49 TYR A N   
308 C CA  . TYR A 48 ? 0.3387 0.5562 0.2224 -0.0062 0.0475  -0.0630 49 TYR A CA  
309 C C   . TYR A 48 ? 0.2614 0.4908 0.1518 -0.0058 0.0474  -0.0615 49 TYR A C   
310 O O   . TYR A 48 ? 0.2619 0.4956 0.1533 -0.0070 0.0484  -0.0608 49 TYR A O   
311 C CB  . TYR A 48 ? 0.3365 0.5401 0.2088 -0.0060 0.0484  -0.0590 49 TYR A CB  
312 C CG  . TYR A 48 ? 0.4117 0.6030 0.2735 -0.0070 0.0478  -0.0588 49 TYR A CG  
313 C CD1 . TYR A 48 ? 0.3777 0.5675 0.2378 -0.0086 0.0475  -0.0610 49 TYR A CD1 
314 C CD2 . TYR A 48 ? 0.2902 0.4709 0.1418 -0.0063 0.0466  -0.0567 49 TYR A CD2 
315 C CE1 . TYR A 48 ? 0.3659 0.5428 0.2134 -0.0094 0.0460  -0.0601 49 TYR A CE1 
316 C CE2 . TYR A 48 ? 0.3532 0.5221 0.1920 -0.0075 0.0447  -0.0556 49 TYR A CE2 
317 C CZ  . TYR A 48 ? 0.4192 0.5858 0.2554 -0.0090 0.0441  -0.0566 49 TYR A CZ  
318 O OH  . TYR A 48 ? 0.5500 0.7087 0.3716 -0.0110 0.0401  -0.0555 49 TYR A OH  
319 N N   . PHE A 49 ? 0.3826 0.6176 0.2770 -0.0043 0.0464  -0.0604 50 PHE A N   
320 C CA  . PHE A 49 ? 0.3748 0.6206 0.2735 -0.0039 0.0462  -0.0576 50 PHE A CA  
321 C C   . PHE A 49 ? 0.3041 0.5659 0.2088 -0.0056 0.0451  -0.0601 50 PHE A C   
322 O O   . PHE A 49 ? 0.2728 0.5411 0.1788 -0.0060 0.0451  -0.0583 50 PHE A O   
323 C CB  . PHE A 49 ? 0.4270 0.6761 0.3273 -0.0027 0.0458  -0.0551 50 PHE A CB  
324 C CG  . PHE A 49 ? 0.3239 0.5826 0.2262 -0.0025 0.0457  -0.0506 50 PHE A CG  
325 C CD1 . PHE A 49 ? 0.3870 0.6392 0.2865 -0.0008 0.0471  -0.0480 50 PHE A CD1 
326 C CD2 . PHE A 49 ? 0.3423 0.6185 0.2489 -0.0041 0.0447  -0.0491 50 PHE A CD2 
327 C CE1 . PHE A 49 ? 0.3571 0.6177 0.2581 -0.0001 0.0473  -0.0435 50 PHE A CE1 
328 C CE2 . PHE A 49 ? 0.3640 0.6495 0.2707 -0.0044 0.0446  -0.0432 50 PHE A CE2 
329 C CZ  . PHE A 49 ? 0.4098 0.6868 0.3141 -0.0021 0.0458  -0.0401 50 PHE A CZ  
330 N N   . GLY A 50 ? 0.4052 0.6746 0.3138 -0.0065 0.0442  -0.0657 51 GLY A N   
331 C CA  . GLY A 50 ? 0.2518 0.5380 0.1655 -0.0084 0.0431  -0.0704 51 GLY A CA  
332 C C   . GLY A 50 ? 0.2873 0.5700 0.1999 -0.0095 0.0436  -0.0718 51 GLY A C   
333 O O   . GLY A 50 ? 0.2528 0.5485 0.1686 -0.0107 0.0427  -0.0726 51 GLY A O   
334 N N   . LYS A 51 ? 0.2711 0.5375 0.1787 -0.0095 0.0452  -0.0715 52 LYS A N   
335 C CA  . LYS A 51 ? 0.2987 0.5617 0.2042 -0.0114 0.0466  -0.0720 52 LYS A CA  
336 C C   . LYS A 51 ? 0.3183 0.5836 0.2231 -0.0113 0.0474  -0.0667 52 LYS A C   
337 O O   . LYS A 51 ? 0.3270 0.6009 0.2347 -0.0128 0.0474  -0.0680 52 LYS A O   
338 C CB  . LYS A 51 ? 0.2635 0.5093 0.1608 -0.0121 0.0485  -0.0709 52 LYS A CB  
339 C CG  . LYS A 51 ? 0.2655 0.5088 0.1634 -0.0123 0.0479  -0.0779 52 LYS A CG  
340 C CD  . LYS A 51 ? 0.4356 0.6608 0.3225 -0.0123 0.0491  -0.0746 52 LYS A CD  
341 C CE  . LYS A 51 ? 0.4870 0.7054 0.3698 -0.0136 0.0495  -0.0793 52 LYS A CE  
342 N NZ  . LYS A 51 ? 0.4700 0.7001 0.3641 -0.0119 0.0472  -0.0922 52 LYS A NZ  
343 N N   . LEU A 52 ? 0.2577 0.5162 0.1593 -0.0094 0.0482  -0.0618 53 LEU A N   
344 C CA  . LEU A 52 ? 0.3585 0.6192 0.2601 -0.0085 0.0495  -0.0585 53 LEU A CA  
345 C C   . LEU A 52 ? 0.3363 0.6136 0.2440 -0.0082 0.0472  -0.0580 53 LEU A C   
346 O O   . LEU A 52 ? 0.3624 0.6458 0.2718 -0.0084 0.0479  -0.0574 53 LEU A O   
347 C CB  . LEU A 52 ? 0.2601 0.5113 0.1575 -0.0059 0.0509  -0.0556 53 LEU A CB  
348 C CG  . LEU A 52 ? 0.3696 0.6065 0.2586 -0.0065 0.0534  -0.0557 53 LEU A CG  
349 C CD1 . LEU A 52 ? 0.3192 0.5483 0.2044 -0.0040 0.0540  -0.0548 53 LEU A CD1 
350 C CD2 . LEU A 52 ? 0.2743 0.5109 0.1601 -0.0083 0.0571  -0.0559 53 LEU A CD2 
351 N N   . ARG A 53 ? 0.2516 0.5380 0.1620 -0.0080 0.0448  -0.0581 54 ARG A N   
352 C CA  . ARG A 53 ? 0.3394 0.6443 0.2533 -0.0086 0.0427  -0.0566 54 ARG A CA  
353 C C   . ARG A 53 ? 0.2960 0.6130 0.2133 -0.0111 0.0414  -0.0622 54 ARG A C   
354 O O   . ARG A 53 ? 0.2639 0.5937 0.1828 -0.0117 0.0402  -0.0609 54 ARG A O   
355 C CB  . ARG A 53 ? 0.3644 0.6788 0.2790 -0.0089 0.0413  -0.0550 54 ARG A CB  
356 C CG  . ARG A 53 ? 0.4461 0.7537 0.3578 -0.0068 0.0421  -0.0480 54 ARG A CG  
357 C CD  . ARG A 53 ? 0.5710 0.8927 0.4830 -0.0083 0.0412  -0.0446 54 ARG A CD  
358 N NE  . ARG A 53 ? 0.6392 0.9638 0.5529 -0.0097 0.0411  -0.0509 54 ARG A NE  
359 C CZ  . ARG A 53 ? 0.5855 0.9217 0.4996 -0.0113 0.0413  -0.0497 54 ARG A CZ  
360 N NH1 . ARG A 53 ? 0.4232 0.7686 0.3352 -0.0124 0.0414  -0.0410 54 ARG A NH1 
361 N NH2 . ARG A 53 ? 0.5195 0.8590 0.4362 -0.0121 0.0417  -0.0572 54 ARG A NH2 
362 N N   . ASN A 54 ? 0.2525 0.5658 0.1705 -0.0125 0.0417  -0.0689 55 ASN A N   
363 C CA  . ASN A 54 ? 0.2541 0.5769 0.1754 -0.0147 0.0410  -0.0757 55 ASN A CA  
364 C C   . ASN A 54 ? 0.3103 0.6282 0.2307 -0.0154 0.0427  -0.0737 55 ASN A C   
365 O O   . ASN A 54 ? 0.2977 0.6286 0.2212 -0.0169 0.0415  -0.0762 55 ASN A O   
366 C CB  . ASN A 54 ? 0.3641 0.6810 0.2863 -0.0154 0.0417  -0.0837 55 ASN A CB  
367 C CG  . ASN A 54 ? 0.4906 0.8181 0.4160 -0.0149 0.0404  -0.0888 55 ASN A CG  
368 O OD1 . ASN A 54 ? 0.5043 0.8461 0.4305 -0.0151 0.0391  -0.0860 55 ASN A OD1 
369 N ND2 . ASN A 54 ? 0.4717 0.7933 0.3988 -0.0144 0.0410  -0.0965 55 ASN A ND2 
370 N N   . ILE A 55 ? 0.2549 0.5559 0.1708 -0.0147 0.0457  -0.0697 56 ILE A N   
371 C CA  . ILE A 55 ? 0.2916 0.5897 0.2065 -0.0160 0.0484  -0.0683 56 ILE A CA  
372 C C   . ILE A 55 ? 0.3355 0.6424 0.2527 -0.0140 0.0480  -0.0645 56 ILE A C   
373 O O   . ILE A 55 ? 0.2719 0.5871 0.1920 -0.0150 0.0486  -0.0656 56 ILE A O   
374 C CB  . ILE A 55 ? 0.3680 0.6487 0.2761 -0.0163 0.0526  -0.0654 56 ILE A CB  
375 C CG1 . ILE A 55 ? 0.2647 0.5367 0.1694 -0.0183 0.0531  -0.0684 56 ILE A CG1 
376 C CG2 . ILE A 55 ? 0.2662 0.5470 0.1732 -0.0177 0.0567  -0.0640 56 ILE A CG2 
377 C CD1 . ILE A 55 ? 0.2715 0.5277 0.1670 -0.0191 0.0564  -0.0643 56 ILE A CD1 
378 N N   . GLU A 56 ? 0.3562 0.6617 0.2724 -0.0110 0.0472  -0.0603 57 GLU A N   
379 C CA  . GLU A 56 ? 0.4255 0.7397 0.3436 -0.0087 0.0467  -0.0564 57 GLU A CA  
380 C C   . GLU A 56 ? 0.3801 0.7138 0.3019 -0.0102 0.0433  -0.0573 57 GLU A C   
381 O O   . GLU A 56 ? 0.3308 0.6726 0.2548 -0.0096 0.0436  -0.0561 57 GLU A O   
382 C CB  . GLU A 56 ? 0.3570 0.6678 0.2730 -0.0059 0.0462  -0.0516 57 GLU A CB  
383 C CG  . GLU A 56 ? 0.4013 0.7213 0.3186 -0.0035 0.0456  -0.0465 57 GLU A CG  
384 C CD  . GLU A 56 ? 0.6113 0.9284 0.5262 -0.0016 0.0452  -0.0410 57 GLU A CD  
385 O OE1 . GLU A 56 ? 0.7744 1.0876 0.6876 -0.0028 0.0443  -0.0413 57 GLU A OE1 
386 O OE2 . GLU A 56 ? 0.6538 0.9728 0.5689 0.0011  0.0465  -0.0363 57 GLU A OE2 
387 N N   . LEU A 57 ? 0.3096 0.6527 0.2321 -0.0123 0.0403  -0.0601 58 LEU A N   
388 C CA  . LEU A 57 ? 0.3281 0.6926 0.2530 -0.0144 0.0372  -0.0623 58 LEU A CA  
389 C C   . LEU A 57 ? 0.3514 0.7183 0.2791 -0.0163 0.0378  -0.0680 58 LEU A C   
390 O O   . LEU A 57 ? 0.3469 0.7272 0.2764 -0.0166 0.0363  -0.0671 58 LEU A O   
391 C CB  . LEU A 57 ? 0.4018 0.7768 0.3269 -0.0164 0.0353  -0.0670 58 LEU A CB  
392 C CG  . LEU A 57 ? 0.5001 0.8990 0.4272 -0.0192 0.0325  -0.0728 58 LEU A CG  
393 C CD1 . LEU A 57 ? 0.3973 0.8125 0.3226 -0.0192 0.0304  -0.0648 58 LEU A CD1 
394 C CD2 . LEU A 57 ? 0.6027 1.0133 0.5303 -0.0208 0.0319  -0.0792 58 LEU A CD2 
395 N N   . ILE A 58 ? 0.3502 0.7051 0.2782 -0.0178 0.0400  -0.0733 59 ILE A N   
396 C CA  . ILE A 58 ? 0.3218 0.6779 0.2522 -0.0203 0.0416  -0.0781 59 ILE A CA  
397 C C   . ILE A 58 ? 0.3131 0.6698 0.2444 -0.0192 0.0439  -0.0735 59 ILE A C   
398 O O   . ILE A 58 ? 0.2540 0.6231 0.1890 -0.0205 0.0433  -0.0760 59 ILE A O   
399 C CB  . ILE A 58 ? 0.3189 0.6584 0.2472 -0.0221 0.0450  -0.0814 59 ILE A CB  
400 C CG1 . ILE A 58 ? 0.3005 0.6417 0.2296 -0.0228 0.0429  -0.0885 59 ILE A CG1 
401 C CG2 . ILE A 58 ? 0.2588 0.5985 0.1889 -0.0253 0.0481  -0.0842 59 ILE A CG2 
402 C CD1 . ILE A 58 ? 0.3503 0.6756 0.2769 -0.0244 0.0459  -0.0917 59 ILE A CD1 
403 N N   . CYS A 59 ? 0.2950 0.6397 0.2239 -0.0165 0.0470  -0.0681 60 CYS A N   
404 C CA  . CYS A 59 ? 0.3851 0.7313 0.3164 -0.0146 0.0505  -0.0656 60 CYS A CA  
405 C C   . CYS A 59 ? 0.4572 0.8200 0.3912 -0.0125 0.0470  -0.0629 60 CYS A C   
406 O O   . CYS A 59 ? 0.5131 0.8950 0.4535 -0.0129 0.0474  -0.0649 60 CYS A O   
407 C CB  . CYS A 59 ? 0.3503 0.6818 0.2784 -0.0117 0.0547  -0.0625 60 CYS A CB  
408 S SG  . CYS A 59 ? 0.3249 0.6390 0.2471 -0.0147 0.0595  -0.0639 60 CYS A SG  
409 N N   . GLN A 60 ? 0.4439 0.8115 0.3753 -0.0111 0.0429  -0.0587 61 GLN A N   
410 C CA  . GLN A 60 ? 0.4450 0.8372 0.3784 -0.0101 0.0389  -0.0542 61 GLN A CA  
411 C C   . GLN A 60 ? 0.4309 0.8527 0.3685 -0.0138 0.0346  -0.0590 61 GLN A C   
412 O O   . GLN A 60 ? 0.4825 0.9360 0.4250 -0.0136 0.0316  -0.0573 61 GLN A O   
413 C CB  . GLN A 60 ? 0.5431 0.9336 0.4713 -0.0093 0.0364  -0.0474 61 GLN A CB  
414 C CG  . GLN A 60 ? 0.7564 1.1812 0.6867 -0.0087 0.0322  -0.0392 61 GLN A CG  
415 C CD  . GLN A 60 ? 0.9717 1.3937 0.8968 -0.0084 0.0312  -0.0303 61 GLN A CD  
416 O OE1 . GLN A 60 ? 1.0471 1.4400 0.9683 -0.0073 0.0343  -0.0316 61 GLN A OE1 
417 N NE2 . GLN A 60 ? 0.9927 1.4478 0.9179 -0.0102 0.0266  -0.0199 61 GLN A NE2 
418 N N   . GLU A 61 ? 0.4227 0.8381 0.3590 -0.0169 0.0340  -0.0656 62 GLU A N   
419 C CA  . GLU A 61 ? 0.3459 0.7909 0.2869 -0.0208 0.0301  -0.0731 62 GLU A CA  
420 C C   . GLU A 61 ? 0.4057 0.8655 0.3544 -0.0222 0.0315  -0.0780 62 GLU A C   
421 O O   . GLU A 61 ? 0.4157 0.9094 0.3699 -0.0244 0.0276  -0.0820 62 GLU A O   
422 C CB  . GLU A 61 ? 0.2762 0.7128 0.2159 -0.0234 0.0300  -0.0821 62 GLU A CB  
423 C CG  . GLU A 61 ? 0.2921 0.7195 0.2258 -0.0224 0.0293  -0.0796 62 GLU A CG  
424 C CD  . GLU A 61 ? 0.3263 0.7521 0.2621 -0.0244 0.0297  -0.0910 62 GLU A CD  
425 O OE1 . GLU A 61 ? 0.3629 0.7765 0.3013 -0.0253 0.0319  -0.0968 62 GLU A OE1 
426 O OE2 . GLU A 61 ? 0.4089 0.8469 0.3437 -0.0251 0.0282  -0.0943 62 GLU A OE2 
427 N N   . ASN A 62 ? 0.8496 1.1436 0.4352 -0.1328 -0.1400 0.0193  63 ASN A N   
428 C CA  . ASN A 62 ? 0.7420 1.1198 0.4027 -0.1329 -0.1669 0.0117  63 ASN A CA  
429 C C   . ASN A 62 ? 0.6854 1.1137 0.3993 -0.1000 -0.1912 0.0237  63 ASN A C   
430 O O   . ASN A 62 ? 0.6967 1.1996 0.4949 -0.0968 -0.1942 0.0157  63 ASN A O   
431 C CB  . ASN A 62 ? 0.6810 1.0959 0.3943 -0.1549 -0.1342 -0.0048 63 ASN A CB  
432 C CG  . ASN A 62 ? 0.7916 1.1624 0.4635 -0.1846 -0.1152 -0.0181 63 ASN A CG  
433 O OD1 . ASN A 62 ? 0.8779 1.2629 0.5494 -0.2016 -0.1337 -0.0278 63 ASN A OD1 
434 N ND2 . ASN A 62 ? 0.7272 1.0436 0.3693 -0.1893 -0.0776 -0.0195 63 ASN A ND2 
435 N N   . GLU A 63 ? 0.7460 1.1268 0.4098 -0.0747 -0.2053 0.0420  64 GLU A N   
436 C CA  . GLU A 63 ? 0.9210 1.3403 0.6307 -0.0386 -0.2331 0.0543  64 GLU A CA  
437 C C   . GLU A 63 ? 1.0680 1.5442 0.8329 -0.0302 -0.2811 0.0454  64 GLU A C   
438 O O   . GLU A 63 ? 1.0779 1.6119 0.9205 -0.0043 -0.2963 0.0468  64 GLU A O   
439 C CB  . GLU A 63 ? 1.0626 1.4013 0.6902 -0.0147 -0.2419 0.0750  64 GLU A CB  
440 C CG  . GLU A 63 ? 1.0787 1.3777 0.6823 -0.0130 -0.1948 0.0847  64 GLU A CG  
441 C CD  . GLU A 63 ? 1.2504 1.4608 0.7675 0.0074  -0.2005 0.1034  64 GLU A CD  
442 O OE1 . GLU A 63 ? 1.3534 1.5030 0.7923 0.0095  -0.2288 0.1057  64 GLU A OE1 
443 O OE2 . GLU A 63 ? 1.2682 1.4643 0.7903 0.0224  -0.1760 0.1146  64 GLU A OE2 
444 N N   . GLY A 64 ? 1.1602 1.6187 0.8895 -0.0508 -0.3035 0.0346  65 GLY A N   
445 C CA  . GLY A 64 ? 1.2072 1.7182 0.9909 -0.0458 -0.3505 0.0231  65 GLY A CA  
446 C C   . GLY A 64 ? 1.0979 1.6959 0.9839 -0.0661 -0.3337 0.0020  65 GLY A C   
447 O O   . GLY A 64 ? 1.0526 1.7085 1.0107 -0.0586 -0.3661 -0.0090 65 GLY A O   
448 N N   . GLU A 65 ? 1.0772 1.6793 0.9692 -0.0921 -0.2834 -0.0054 66 GLU A N   
449 C CA  . GLU A 65 ? 1.0474 1.7159 1.0229 -0.1120 -0.2616 -0.0257 66 GLU A CA  
450 C C   . GLU A 65 ? 0.9744 1.7011 1.0406 -0.0865 -0.2539 -0.0255 66 GLU A C   
451 O O   . GLU A 65 ? 0.8634 1.6467 1.0084 -0.0949 -0.2490 -0.0433 66 GLU A O   
452 C CB  . GLU A 65 ? 1.0177 1.6576 0.9616 -0.1437 -0.2128 -0.0329 66 GLU A CB  
453 C CG  . GLU A 65 ? 1.0564 1.7087 1.0087 -0.1800 -0.2038 -0.0540 66 GLU A CG  
454 C CD  . GLU A 65 ? 1.0892 1.7023 1.0054 -0.2062 -0.1576 -0.0601 66 GLU A CD  
455 O OE1 . GLU A 65 ? 1.1236 1.7248 1.0418 -0.1964 -0.1307 -0.0534 66 GLU A OE1 
456 O OE2 . GLU A 65 ? 1.1135 1.7044 0.9990 -0.2350 -0.1498 -0.0719 66 GLU A OE2 
457 N N   . ASN A 66 ? 1.0148 1.7215 1.0675 -0.0565 -0.2489 -0.0064 67 ASN A N   
458 C CA  . ASN A 66 ? 0.9738 1.7235 1.1042 -0.0296 -0.2377 -0.0044 67 ASN A CA  
459 C C   . ASN A 66 ? 0.8100 1.5838 0.9867 -0.0516 -0.1894 -0.0192 67 ASN A C   
460 O O   . ASN A 66 ? 0.7665 1.5780 1.0174 -0.0408 -0.1756 -0.0269 67 ASN A O   
461 C CB  . ASN A 66 ? 0.9835 1.7831 1.1871 -0.0082 -0.2765 -0.0116 67 ASN A CB  
462 C CG  . ASN A 66 ? 0.9398 1.7626 1.2047 0.0288  -0.2701 -0.0040 67 ASN A CG  
463 O OD1 . ASN A 66 ? 0.9564 1.7453 1.1879 0.0465  -0.2498 0.0131  67 ASN A OD1 
464 N ND2 . ASN A 66 ? 0.9586 1.8378 1.3146 0.0397  -0.2858 -0.0173 67 ASN A ND2 
465 N N   . ASP A 67 ? 0.7236 1.4646 0.8506 -0.0823 -0.1627 -0.0236 68 ASP A N   
466 C CA  . ASP A 67 ? 0.6371 1.3816 0.7900 -0.1051 -0.1202 -0.0382 68 ASP A CA  
467 C C   . ASP A 67 ? 0.5558 1.2935 0.7314 -0.0839 -0.0944 -0.0279 68 ASP A C   
468 O O   . ASP A 67 ? 0.5742 1.2790 0.7063 -0.0727 -0.0897 -0.0111 68 ASP A O   
469 C CB  . ASP A 67 ? 0.6494 1.3488 0.7361 -0.1374 -0.1017 -0.0435 68 ASP A CB  
470 C CG  . ASP A 67 ? 0.6656 1.3553 0.7667 -0.1622 -0.0640 -0.0607 68 ASP A CG  
471 O OD1 . ASP A 67 ? 0.6905 1.3912 0.8381 -0.1526 -0.0452 -0.0640 68 ASP A OD1 
472 O OD2 . ASP A 67 ? 0.6591 1.3173 0.7158 -0.1903 -0.0523 -0.0707 68 ASP A OD2 
473 N N   . PRO A 68 ? 0.4857 1.2441 0.7232 -0.0792 -0.0751 -0.0379 69 PRO A N   
474 C CA  . PRO A 68 ? 0.3920 1.1271 0.6404 -0.0612 -0.0474 -0.0282 69 PRO A CA  
475 C C   . PRO A 68 ? 0.3846 1.0646 0.5821 -0.0774 -0.0178 -0.0256 69 PRO A C   
476 O O   . PRO A 68 ? 0.4580 1.1082 0.6455 -0.0602 -0.0023 -0.0120 69 PRO A O   
477 C CB  . PRO A 68 ? 0.4398 1.1931 0.7517 -0.0643 -0.0292 -0.0451 69 PRO A CB  
478 C CG  . PRO A 68 ? 0.4410 1.2177 0.7636 -0.0947 -0.0356 -0.0661 69 PRO A CG  
479 C CD  . PRO A 68 ? 0.4675 1.2626 0.7618 -0.0931 -0.0750 -0.0594 69 PRO A CD  
480 N N   . VAL A 69 ? 0.3896 1.0491 0.5533 -0.1087 -0.0099 -0.0386 70 VAL A N   
481 C CA  . VAL A 69 ? 0.3420 0.9429 0.4568 -0.1200 0.0132  -0.0372 70 VAL A CA  
482 C C   . VAL A 69 ? 0.3264 0.8988 0.3979 -0.1048 0.0046  -0.0192 70 VAL A C   
483 O O   . VAL A 69 ? 0.3793 0.9073 0.4331 -0.0922 0.0214  -0.0096 70 VAL A O   
484 C CB  . VAL A 69 ? 0.3293 0.9074 0.4127 -0.1534 0.0212  -0.0558 70 VAL A CB  
485 C CG1 . VAL A 69 ? 0.3267 0.8361 0.3608 -0.1581 0.0395  -0.0550 70 VAL A CG1 
486 C CG2 . VAL A 69 ? 0.3752 0.9538 0.4853 -0.1664 0.0336  -0.0734 70 VAL A CG2 
487 N N   . LEU A 70 ? 0.3002 0.8818 0.3449 -0.1061 -0.0212 -0.0157 71 LEU A N   
488 C CA  . LEU A 70 ? 0.3744 0.9091 0.3640 -0.0928 -0.0253 -0.0002 71 LEU A CA  
489 C C   . LEU A 70 ? 0.3521 0.8765 0.3520 -0.0608 -0.0239 0.0184  71 LEU A C   
490 O O   . LEU A 70 ? 0.3840 0.8591 0.3489 -0.0533 -0.0086 0.0278  71 LEU A O   
491 C CB  . LEU A 70 ? 0.4873 1.0280 0.4390 -0.0991 -0.0560 0.0012  71 LEU A CB  
492 C CG  . LEU A 70 ? 0.5021 1.0374 0.4231 -0.1327 -0.0571 -0.0155 71 LEU A CG  
493 C CD1 . LEU A 70 ? 0.4350 0.9621 0.3045 -0.1364 -0.0892 -0.0107 71 LEU A CD1 
494 C CD2 . LEU A 70 ? 0.4952 0.9750 0.3808 -0.1460 -0.0238 -0.0218 71 LEU A CD2 
495 N N   . GLN A 71 ? 0.3476 0.9183 0.3981 -0.0422 -0.0382 0.0219  72 GLN A N   
496 C CA  . GLN A 71 ? 0.3016 0.8581 0.3594 -0.0105 -0.0358 0.0392  72 GLN A CA  
497 C C   . GLN A 71 ? 0.3661 0.8858 0.4262 -0.0114 -0.0010 0.0401  72 GLN A C   
498 O O   . GLN A 71 ? 0.4094 0.8848 0.4389 0.0024  0.0087  0.0536  72 GLN A O   
499 C CB  . GLN A 71 ? 0.4112 1.0287 0.5337 0.0106  -0.0549 0.0385  72 GLN A CB  
500 C CG  . GLN A 71 ? 0.5192 1.1179 0.6414 0.0474  -0.0576 0.0576  72 GLN A CG  
501 C CD  . GLN A 71 ? 0.6436 1.1881 0.6896 0.0607  -0.0752 0.0760  72 GLN A CD  
502 O OE1 . GLN A 71 ? 0.6658 1.2156 0.6826 0.0589  -0.1071 0.0767  72 GLN A OE1 
503 N NE2 . GLN A 71 ? 0.6553 1.1414 0.6629 0.0711  -0.0535 0.0898  72 GLN A NE2 
504 N N   . ARG A 72 ? 0.3722 0.9047 0.4632 -0.0294 0.0173  0.0249  73 ARG A N   
505 C CA  . ARG A 72 ? 0.4136 0.9006 0.4939 -0.0333 0.0448  0.0242  73 ARG A CA  
506 C C   . ARG A 72 ? 0.3463 0.7835 0.3773 -0.0377 0.0500  0.0279  73 ARG A C   
507 O O   . ARG A 72 ? 0.3237 0.7185 0.3414 -0.0267 0.0603  0.0358  73 ARG A O   
508 C CB  . ARG A 72 ? 0.3693 0.8365 0.4577 -0.0552 0.0553  0.0049  73 ARG A CB  
509 C CG  . ARG A 72 ? 0.4710 0.9595 0.6032 -0.0533 0.0609  -0.0027 73 ARG A CG  
510 C CD  . ARG A 72 ? 0.4442 0.8842 0.5639 -0.0738 0.0780  -0.0182 73 ARG A CD  
511 N NE  . ARG A 72 ? 0.3755 0.7454 0.4645 -0.0682 0.0903  -0.0120 73 ARG A NE  
512 C CZ  . ARG A 72 ? 0.3977 0.7168 0.4624 -0.0816 0.1017  -0.0209 73 ARG A CZ  
513 N NH1 . ARG A 72 ? 0.2420 0.5657 0.3042 -0.1037 0.1060  -0.0368 73 ARG A NH1 
514 N NH2 . ARG A 72 ? 0.3330 0.5971 0.3724 -0.0740 0.1079  -0.0142 73 ARG A NH2 
515 N N   . ILE A 73 ? 0.2833 0.7196 0.2886 -0.0549 0.0426  0.0196  74 ILE A N   
516 C CA  . ILE A 73 ? 0.2353 0.6262 0.2026 -0.0612 0.0519  0.0176  74 ILE A CA  
517 C C   . ILE A 73 ? 0.2962 0.6666 0.2345 -0.0463 0.0513  0.0329  74 ILE A C   
518 O O   . ILE A 73 ? 0.2613 0.5824 0.1895 -0.0438 0.0630  0.0314  74 ILE A O   
519 C CB  . ILE A 73 ? 0.4691 0.8607 0.4128 -0.0837 0.0476  0.0038  74 ILE A CB  
520 C CG1 . ILE A 73 ? 0.2415 0.6311 0.2041 -0.0988 0.0500  -0.0124 74 ILE A CG1 
521 C CG2 . ILE A 73 ? 0.2716 0.6067 0.1880 -0.0854 0.0555  -0.0009 74 ILE A CG2 
522 C CD1 . ILE A 73 ? 0.2634 0.6453 0.2004 -0.1215 0.0482  -0.0268 74 ILE A CD1 
523 N N   . VAL A 74 ? 0.2862 0.6744 0.2156 -0.0340 0.0311  0.0444  75 VAL A N   
524 C CA  . VAL A 74 ? 0.3864 0.7399 0.2756 -0.0191 0.0299  0.0600  75 VAL A CA  
525 C C   . VAL A 74 ? 0.4324 0.7671 0.3375 -0.0025 0.0459  0.0694  75 VAL A C   
526 O O   . VAL A 74 ? 0.3510 0.6431 0.2253 -0.0020 0.0618  0.0743  75 VAL A O   
527 C CB  . VAL A 74 ? 0.3669 0.7372 0.2392 -0.0048 -0.0020 0.0710  75 VAL A CB  
528 C CG1 . VAL A 74 ? 0.4161 0.7375 0.2377 0.0138  -0.0028 0.0890  75 VAL A CG1 
529 C CG2 . VAL A 74 ? 0.3989 0.7744 0.2395 -0.0248 -0.0184 0.0620  75 VAL A CG2 
530 N N   . ASP A 75 ? 0.3761 0.7398 0.3277 0.0082  0.0447  0.0703  76 ASP A N   
531 C CA  . ASP A 75 ? 0.3150 0.6555 0.2769 0.0220  0.0607  0.0786  76 ASP A CA  
532 C C   . ASP A 75 ? 0.3544 0.6481 0.3112 0.0077  0.0771  0.0676  76 ASP A C   
533 O O   . ASP A 75 ? 0.4452 0.6957 0.3886 0.0129  0.0858  0.0717  76 ASP A O   
534 C CB  . ASP A 75 ? 0.3748 0.7485 0.3864 0.0301  0.0615  0.0762  76 ASP A CB  
535 C CG  . ASP A 75 ? 0.5434 0.9596 0.5790 0.0492  0.0397  0.0819  76 ASP A CG  
536 O OD1 . ASP A 75 ? 0.6728 1.0765 0.6759 0.0646  0.0226  0.0944  76 ASP A OD1 
537 O OD2 . ASP A 75 ? 0.6310 1.0906 0.7173 0.0489  0.0398  0.0725  76 ASP A OD2 
538 N N   . ILE A 76 ? 0.2714 0.5609 0.2411 -0.0094 0.0758  0.0501  77 ILE A N   
539 C CA  . ILE A 76 ? 0.3727 0.6148 0.3428 -0.0173 0.0833  0.0377  77 ILE A CA  
540 C C   . ILE A 76 ? 0.4647 0.6829 0.4116 -0.0217 0.0913  0.0359  77 ILE A C   
541 O O   . ILE A 76 ? 0.4880 0.6745 0.4376 -0.0222 0.1018  0.0314  77 ILE A O   
542 C CB  . ILE A 76 ? 0.3540 0.5973 0.3350 -0.0296 0.0799  0.0228  77 ILE A CB  
543 C CG1 . ILE A 76 ? 0.3837 0.6337 0.3811 -0.0290 0.0790  0.0220  77 ILE A CG1 
544 C CG2 . ILE A 76 ? 0.2034 0.4137 0.1854 -0.0331 0.0860  0.0123  77 ILE A CG2 
545 C CD1 . ILE A 76 ? 0.4542 0.6980 0.4506 -0.0429 0.0777  0.0081  77 ILE A CD1 
546 N N   . LEU A 77 ? 0.4810 0.7131 0.4022 -0.0270 0.0882  0.0380  78 LEU A N   
547 C CA  . LEU A 77 ? 0.4872 0.6856 0.3776 -0.0336 0.1008  0.0350  78 LEU A CA  
548 C C   . LEU A 77 ? 0.5430 0.7105 0.4092 -0.0254 0.1102  0.0468  78 LEU A C   
549 O O   . LEU A 77 ? 0.4713 0.6019 0.3254 -0.0309 0.1286  0.0410  78 LEU A O   
550 C CB  . LEU A 77 ? 0.4060 0.6134 0.2591 -0.0428 0.0941  0.0355  78 LEU A CB  
551 C CG  . LEU A 77 ? 0.3925 0.6162 0.2569 -0.0569 0.0897  0.0204  78 LEU A CG  
552 C CD1 . LEU A 77 ? 0.3710 0.5977 0.1894 -0.0674 0.0807  0.0222  78 LEU A CD1 
553 C CD2 . LEU A 77 ? 0.3172 0.5137 0.1990 -0.0622 0.1059  0.0046  78 LEU A CD2 
554 N N   . TYR A 78 ? 0.5942 0.7772 0.4546 -0.0101 0.0999  0.0638  79 TYR A N   
555 C CA  . TYR A 78 ? 0.6011 0.7477 0.4288 -0.0010 0.1066  0.0766  79 TYR A CA  
556 C C   . TYR A 78 ? 0.6397 0.7766 0.4968 0.0057  0.1119  0.0771  79 TYR A C   
557 O O   . TYR A 78 ? 0.6346 0.7950 0.5317 0.0083  0.1069  0.0725  79 TYR A O   
558 C CB  . TYR A 78 ? 0.5915 0.7521 0.3834 0.0190  0.0887  0.0984  79 TYR A CB  
559 C CG  . TYR A 78 ? 0.6697 0.8223 0.4126 0.0105  0.0780  0.0986  79 TYR A CG  
560 C CD1 . TYR A 78 ? 0.5740 0.6999 0.3031 -0.0138 0.0939  0.0808  79 TYR A CD1 
561 C CD2 . TYR A 78 ? 0.7554 0.9215 0.4643 0.0293  0.0498  0.1158  79 TYR A CD2 
562 C CE1 . TYR A 78 ? 0.6586 0.7661 0.3355 -0.0230 0.0864  0.0800  79 TYR A CE1 
563 C CE2 . TYR A 78 ? 0.8263 0.9734 0.4826 0.0192  0.0347  0.1144  79 TYR A CE2 
564 C CZ  . TYR A 78 ? 0.8394 0.9539 0.4754 -0.0093 0.0556  0.0966  79 TYR A CZ  
565 O OH  . TYR A 78 ? 0.9064 0.9917 0.4829 -0.0199 0.0437  0.0947  79 TYR A OH  
# 
loop_
_pdbx_poly_seq_scheme.asym_id 
_pdbx_poly_seq_scheme.entity_id 
_pdbx_poly_seq_scheme.seq_id 
_pdbx_poly_seq_scheme.mon_id 
_pdbx_poly_seq_scheme.ndb_seq_num 
_pdbx_poly_seq_scheme.pdb_seq_num 
_pdbx_poly_seq_scheme.auth_seq_num 
_pdbx_poly_seq_scheme.pdb_mon_id 
_pdbx_poly_seq_scheme.auth_mon_id 
_pdbx_poly_seq_scheme.pdb_strand_id 
_pdbx_poly_seq_scheme.pdb_ins_code 
_pdbx_poly_seq_scheme.hetero 
A 1 1  LEU 1  2  ?  ?   ?   A . n 
A 1 2  SER 2  3  ?  ?   ?   A . n 
A 1 3  LYS 3  4  ?  ?   ?   A . n 
A 1 4  ASN 4  5  ?  ?   ?   A . n 
A 1 5  VAL 5  6  ?  ?   ?   A . n 
A 1 6  VAL 6  7  ?  ?   ?   A . n 
A 1 7  ALA 7  8  ?  ?   ?   A . n 
A 1 8  VAL 8  9  ?  ?   ?   A . n 
A 1 9  ASN 9  10 ?  ?   ?   A . n 
A 1 10 GLU 10 11 ?  ?   ?   A . n 
A 1 11 GLU 11 12 ?  ?   ?   A . n 
A 1 12 LEU 12 13 ?  ?   ?   A . n 
A 1 13 THR 13 14 ?  ?   ?   A . n 
A 1 14 ASP 14 15 15 ASP ASP A . n 
A 1 15 ALA 15 16 16 ALA ALA A . n 
A 1 16 LEU 16 17 17 LEU LEU A . n 
A 1 17 ALA 17 18 18 ALA ALA A . n 
A 1 18 GLU 18 19 19 GLU GLU A . n 
A 1 19 GLU 19 20 20 GLU GLU A . n 
A 1 20 TRP 20 21 21 TRP TRP A . n 
A 1 21 LYS 21 22 22 LYS LYS A . n 
A 1 22 ARG 22 23 23 ARG ARG A . n 
A 1 23 ARG 23 24 24 ARG ARG A . n 
A 1 24 TYR 24 25 25 TYR TYR A . n 
A 1 25 GLU 25 26 26 GLU GLU A . n 
A 1 26 LYS 26 27 27 LYS LYS A . n 
A 1 27 GLU 27 28 28 GLU GLU A . n 
A 1 28 LYS 28 29 29 LYS LYS A . n 
A 1 29 GLU 29 30 30 GLU GLU A . n 
A 1 30 LYS 30 31 31 LYS LYS A . n 
A 1 31 ASN 31 32 32 ASN ASN A . n 
A 1 32 ALA 32 33 33 ALA ALA A . n 
A 1 33 ARG 33 34 34 ARG ARG A . n 
A 1 34 LEU 34 35 35 LEU LEU A . n 
A 1 35 LYS 35 36 36 LYS LYS A . n 
A 1 36 GLY 36 37 37 GLY GLY A . n 
A 1 37 LYS 37 38 38 LYS LYS A . n 
A 1 38 VAL 38 39 39 VAL VAL A . n 
A 1 39 GLU 39 40 40 GLU GLU A . n 
A 1 40 ASP 40 41 41 ASP ASP A . n 
A 1 41 LEU 41 42 42 LEU LEU A . n 
A 1 42 GLU 42 43 43 GLU GLU A . n 
A 1 43 LYS 43 44 44 LYS LYS A . n 
A 1 44 GLU 44 45 45 GLU GLU A . n 
A 1 45 ARG 45 46 46 ARG ARG A . n 
A 1 46 ASP 46 47 47 ASP ASP A . n 
A 1 47 PHE 47 48 48 PHE PHE A . n 
A 1 48 TYR 48 49 49 TYR TYR A . n 
A 1 49 PHE 49 50 50 PHE PHE A . n 
A 1 50 GLY 50 51 51 GLY GLY A . n 
A 1 51 LYS 51 52 52 LYS LYS A . n 
A 1 52 LEU 52 53 53 LEU LEU A . n 
A 1 53 ARG 53 54 54 ARG ARG A . n 
A 1 54 ASN 54 55 55 ASN ASN A . n 
A 1 55 ILE 55 56 56 ILE ILE A . n 
A 1 56 GLU 56 57 57 GLU GLU A . n 
A 1 57 LEU 57 58 58 LEU LEU A . n 
A 1 58 ILE 58 59 59 ILE ILE A . n 
A 1 59 CYS 59 60 60 CYS CYS A . n 
A 1 60 GLN 60 61 61 GLN GLN A . n 
A 1 61 GLU 61 62 62 GLU GLU A . n 
A 1 62 ASN 62 63 63 ASN ASN A . n 
A 1 63 GLU 63 64 64 GLU GLU A . n 
A 1 64 GLY 64 65 65 GLY GLY A . n 
A 1 65 GLU 65 66 66 GLU GLU A . n 
A 1 66 ASN 66 67 67 ASN ASN A . n 
A 1 67 ASP 67 68 68 ASP ASP A . n 
A 1 68 PRO 68 69 69 PRO PRO A . n 
A 1 69 VAL 69 70 70 VAL VAL A . n 
A 1 70 LEU 70 71 71 LEU LEU A . n 
A 1 71 GLN 71 72 72 GLN GLN A . n 
A 1 72 ARG 72 73 73 ARG ARG A . n 
A 1 73 ILE 73 74 74 ILE ILE A . n 
A 1 74 VAL 74 75 75 VAL VAL A . n 
A 1 75 ASP 75 76 76 ASP ASP A . n 
A 1 76 ILE 76 77 77 ILE ILE A . n 
A 1 77 LEU 77 78 78 LEU LEU A . n 
A 1 78 TYR 78 79 79 TYR TYR A . n 
A 1 79 ALA 79 80 ?  ?   ?   A . n 
A 1 80 THR 80 81 ?  ?   ?   A . n 
A 1 81 ASP 81 82 ?  ?   ?   A . n 
A 1 82 GLU 82 83 ?  ?   ?   A . n 
A 1 83 GLY 83 84 ?  ?   ?   A . n 
A 1 84 PHE 84 85 ?  ?   ?   A . n 
A 1 85 VAL 85 86 ?  ?   ?   A . n 
A 1 86 ILE 86 87 ?  ?   ?   A . n 
A 1 87 PRO 87 88 ?  ?   ?   A . n 
A 1 88 ASP 88 89 ?  ?   ?   A . n 
# 
loop_
_pdbx_nonpoly_scheme.asym_id 
_pdbx_nonpoly_scheme.entity_id 
_pdbx_nonpoly_scheme.mon_id 
_pdbx_nonpoly_scheme.ndb_seq_num 
_pdbx_nonpoly_scheme.pdb_seq_num 
_pdbx_nonpoly_scheme.auth_seq_num 
_pdbx_nonpoly_scheme.pdb_mon_id 
_pdbx_nonpoly_scheme.auth_mon_id 
_pdbx_nonpoly_scheme.pdb_strand_id 
_pdbx_nonpoly_scheme.pdb_ins_code 
B 2 ZN  1  101 1  ZN  ZN  A . 
C 3 EDO 1  102 1  EDO EDO A . 
D 4 HOH 1  201 12 HOH HOH A . 
D 4 HOH 2  202 25 HOH HOH A . 
D 4 HOH 3  203 22 HOH HOH A . 
D 4 HOH 4  204 38 HOH HOH A . 
D 4 HOH 5  205 21 HOH HOH A . 
D 4 HOH 6  206 35 HOH HOH A . 
D 4 HOH 7  207 19 HOH HOH A . 
D 4 HOH 8  208 16 HOH HOH A . 
D 4 HOH 9  209 37 HOH HOH A . 
D 4 HOH 10 210 3  HOH HOH A . 
D 4 HOH 11 211 15 HOH HOH A . 
D 4 HOH 12 212 30 HOH HOH A . 
D 4 HOH 13 213 32 HOH HOH A . 
D 4 HOH 14 214 28 HOH HOH A . 
D 4 HOH 15 215 10 HOH HOH A . 
D 4 HOH 16 216 24 HOH HOH A . 
D 4 HOH 17 217 27 HOH HOH A . 
D 4 HOH 18 218 36 HOH HOH A . 
D 4 HOH 19 219 18 HOH HOH A . 
D 4 HOH 20 220 41 HOH HOH A . 
D 4 HOH 21 221 14 HOH HOH A . 
D 4 HOH 22 222 26 HOH HOH A . 
D 4 HOH 23 223 40 HOH HOH A . 
D 4 HOH 24 224 17 HOH HOH A . 
D 4 HOH 25 225 4  HOH HOH A . 
D 4 HOH 26 226 33 HOH HOH A . 
D 4 HOH 27 227 20 HOH HOH A . 
# 
_pdbx_struct_assembly.id                   1 
_pdbx_struct_assembly.details              author_and_software_defined_assembly 
_pdbx_struct_assembly.method_details       PISA 
_pdbx_struct_assembly.oligomeric_details   dimeric 
_pdbx_struct_assembly.oligomeric_count     2 
# 
_pdbx_struct_assembly_gen.assembly_id       1 
_pdbx_struct_assembly_gen.oper_expression   1,2 
_pdbx_struct_assembly_gen.asym_id_list      A,B,C,D 
# 
loop_
_pdbx_struct_assembly_prop.biol_id 
_pdbx_struct_assembly_prop.type 
_pdbx_struct_assembly_prop.value 
_pdbx_struct_assembly_prop.details 
1 'ABSA (A^2)' 3750 ? 
1 MORE         -33  ? 
1 'SSA (A^2)'  9240 ? 
# 
loop_
_pdbx_struct_oper_list.id 
_pdbx_struct_oper_list.type 
_pdbx_struct_oper_list.name 
_pdbx_struct_oper_list.symmetry_operation 
_pdbx_struct_oper_list.matrix[1][1] 
_pdbx_struct_oper_list.matrix[1][2] 
_pdbx_struct_oper_list.matrix[1][3] 
_pdbx_struct_oper_list.vector[1] 
_pdbx_struct_oper_list.matrix[2][1] 
_pdbx_struct_oper_list.matrix[2][2] 
_pdbx_struct_oper_list.matrix[2][3] 
_pdbx_struct_oper_list.vector[2] 
_pdbx_struct_oper_list.matrix[3][1] 
_pdbx_struct_oper_list.matrix[3][2] 
_pdbx_struct_oper_list.matrix[3][3] 
_pdbx_struct_oper_list.vector[3] 
1 'identity operation'         1_555  x,y,z     1.0000000000 0.0000000000 0.0000000000 0.0000000000  0.0000000000 1.0000000000  0.0000000000 0.0000000000  0.0000000000 0.0000000000 1.0000000000  0.0000000000 
2 'crystal symmetry operation' 10_545 -x,-y-1,z 0.7629427525 0.5406401840 0.3544383554 -0.5328841033 0.5406401840 -0.8342023256 0.1086953149 -0.1473029106 0.3544383554 0.1086953149 -0.9287404270 2.8752024857 
# 
loop_
_pdbx_struct_special_symmetry.id 
_pdbx_struct_special_symmetry.PDB_model_num 
_pdbx_struct_special_symmetry.auth_asym_id 
_pdbx_struct_special_symmetry.auth_comp_id 
_pdbx_struct_special_symmetry.auth_seq_id 
_pdbx_struct_special_symmetry.PDB_ins_code 
_pdbx_struct_special_symmetry.label_asym_id 
_pdbx_struct_special_symmetry.label_comp_id 
_pdbx_struct_special_symmetry.label_seq_id 
1 1 A ASN 32  ? A ASN 31 
2 1 A ZN  101 ? B ZN  .  
3 1 A HOH 209 ? D HOH .  
4 1 A HOH 212 ? D HOH .  
5 1 A HOH 220 ? D HOH .  
# 
loop_
_pdbx_audit_revision_history.ordinal 
_pdbx_audit_revision_history.data_content_type 
_pdbx_audit_revision_history.major_revision 
_pdbx_audit_revision_history.minor_revision 
_pdbx_audit_revision_history.revision_date 
1 'Structure model' 1 0 2016-08-03 
2 'Structure model' 1 1 2016-08-10 
3 'Structure model' 1 2 2016-10-05 
4 'Structure model' 1 3 2023-09-27 
# 
_pdbx_audit_revision_details.ordinal             1 
_pdbx_audit_revision_details.revision_ordinal    1 
_pdbx_audit_revision_details.data_content_type   'Structure model' 
_pdbx_audit_revision_details.provider            repository 
_pdbx_audit_revision_details.type                'Initial release' 
_pdbx_audit_revision_details.description         ? 
_pdbx_audit_revision_details.details             ? 
# 
loop_
_pdbx_audit_revision_group.ordinal 
_pdbx_audit_revision_group.revision_ordinal 
_pdbx_audit_revision_group.data_content_type 
_pdbx_audit_revision_group.group 
1 2 'Structure model' 'Database references'    
2 3 'Structure model' 'Database references'    
3 4 'Structure model' 'Data collection'        
4 4 'Structure model' 'Database references'    
5 4 'Structure model' 'Derived calculations'   
6 4 'Structure model' 'Refinement description' 
# 
loop_
_pdbx_audit_revision_category.ordinal 
_pdbx_audit_revision_category.revision_ordinal 
_pdbx_audit_revision_category.data_content_type 
_pdbx_audit_revision_category.category 
1 4 'Structure model' chem_comp_atom                
2 4 'Structure model' chem_comp_bond                
3 4 'Structure model' citation                      
4 4 'Structure model' database_2                    
5 4 'Structure model' pdbx_initial_refinement_model 
6 4 'Structure model' pdbx_struct_oper_list         
# 
loop_
_pdbx_audit_revision_item.ordinal 
_pdbx_audit_revision_item.revision_ordinal 
_pdbx_audit_revision_item.data_content_type 
_pdbx_audit_revision_item.item 
1 4 'Structure model' '_citation.journal_id_CSD'                  
2 4 'Structure model' '_database_2.pdbx_DOI'                      
3 4 'Structure model' '_database_2.pdbx_database_accession'       
4 4 'Structure model' '_pdbx_struct_oper_list.symmetry_operation' 
# 
loop_
_pdbx_refine_tls.pdbx_refine_id 
_pdbx_refine_tls.id 
_pdbx_refine_tls.details 
_pdbx_refine_tls.method 
_pdbx_refine_tls.origin_x 
_pdbx_refine_tls.origin_y 
_pdbx_refine_tls.origin_z 
_pdbx_refine_tls.T[1][1] 
_pdbx_refine_tls.T[2][2] 
_pdbx_refine_tls.T[3][3] 
_pdbx_refine_tls.T[1][2] 
_pdbx_refine_tls.T[1][3] 
_pdbx_refine_tls.T[2][3] 
_pdbx_refine_tls.L[1][1] 
_pdbx_refine_tls.L[2][2] 
_pdbx_refine_tls.L[3][3] 
_pdbx_refine_tls.L[1][2] 
_pdbx_refine_tls.L[1][3] 
_pdbx_refine_tls.L[2][3] 
_pdbx_refine_tls.S[1][1] 
_pdbx_refine_tls.S[1][2] 
_pdbx_refine_tls.S[1][3] 
_pdbx_refine_tls.S[2][1] 
_pdbx_refine_tls.S[2][2] 
_pdbx_refine_tls.S[2][3] 
_pdbx_refine_tls.S[3][1] 
_pdbx_refine_tls.S[3][2] 
_pdbx_refine_tls.S[3][3] 
'X-RAY DIFFRACTION' 1 ? refined 9.0548   0.5388  1.4775  0.2646 0.5647 0.1288 0.0140  0.0348  -0.1235 4.0659 1.8879 0.9190 0.6336 1.1084  0.2774 -0.0118 0.2255 -0.1026 0.2738  0.0463  -0.5746 0.0268  0.0732  -0.0888 
'X-RAY DIFFRACTION' 2 ? refined -24.9929 -1.0258 -3.2817 0.3257 0.8296 0.2937 -0.0423 -0.0376 0.0338  0.4236 7.0102 4.7654 1.1343 -0.6456 2.1496 -0.1593 0.7395 0.1777  -1.0367 -0.0080 0.9461  -0.2607 -1.2210 0.1329 
# 
loop_
_pdbx_refine_tls_group.pdbx_refine_id 
_pdbx_refine_tls_group.id 
_pdbx_refine_tls_group.refine_tls_id 
_pdbx_refine_tls_group.beg_auth_asym_id 
_pdbx_refine_tls_group.beg_auth_seq_id 
_pdbx_refine_tls_group.beg_label_asym_id 
_pdbx_refine_tls_group.beg_label_seq_id 
_pdbx_refine_tls_group.end_auth_asym_id 
_pdbx_refine_tls_group.end_auth_seq_id 
_pdbx_refine_tls_group.end_label_asym_id 
_pdbx_refine_tls_group.end_label_seq_id 
_pdbx_refine_tls_group.selection 
_pdbx_refine_tls_group.selection_details 
'X-RAY DIFFRACTION' 1 1 ? ? ? ? ? ? ? ? ? 
;chain 'A' and (resid 15 through 62 )
;
'X-RAY DIFFRACTION' 2 2 ? ? ? ? ? ? ? ? ? 
;chain 'A' and (resid 63 through 79 )
;
# 
loop_
_software.citation_id 
_software.classification 
_software.compiler_name 
_software.compiler_version 
_software.contact_author 
_software.contact_author_email 
_software.date 
_software.description 
_software.dependencies 
_software.hardware 
_software.language 
_software.location 
_software.mods 
_software.name 
_software.os 
_software.os_version 
_software.type 
_software.version 
_software.pdbx_ordinal 
? refinement       ? ? ? ? ? ? ? ? ? ? ? PHENIX   ? ? ? '(1.10.1_2155: ???)' 1 
? 'data reduction' ? ? ? ? ? ? ? ? ? ? ? HKL-3000 ? ? ? .                    2 
? 'data scaling'   ? ? ? ? ? ? ? ? ? ? ? HKL-3000 ? ? ? .                    3 
? phasing          ? ? ? ? ? ? ? ? ? ? ? PHASER   ? ? ? .                    4 
# 
_pdbx_distant_solvent_atoms.id                                1 
_pdbx_distant_solvent_atoms.PDB_model_num                     1 
_pdbx_distant_solvent_atoms.auth_atom_id                      O 
_pdbx_distant_solvent_atoms.label_alt_id                      ? 
_pdbx_distant_solvent_atoms.auth_asym_id                      A 
_pdbx_distant_solvent_atoms.auth_comp_id                      HOH 
_pdbx_distant_solvent_atoms.auth_seq_id                       227 
_pdbx_distant_solvent_atoms.PDB_ins_code                      ? 
_pdbx_distant_solvent_atoms.neighbor_macromolecule_distance   7.58 
_pdbx_distant_solvent_atoms.neighbor_ligand_distance          . 
# 
loop_
_pdbx_unobs_or_zero_occ_residues.id 
_pdbx_unobs_or_zero_occ_residues.PDB_model_num 
_pdbx_unobs_or_zero_occ_residues.polymer_flag 
_pdbx_unobs_or_zero_occ_residues.occupancy_flag 
_pdbx_unobs_or_zero_occ_residues.auth_asym_id 
_pdbx_unobs_or_zero_occ_residues.auth_comp_id 
_pdbx_unobs_or_zero_occ_residues.auth_seq_id 
_pdbx_unobs_or_zero_occ_residues.PDB_ins_code 
_pdbx_unobs_or_zero_occ_residues.label_asym_id 
_pdbx_unobs_or_zero_occ_residues.label_comp_id 
_pdbx_unobs_or_zero_occ_residues.label_seq_id 
1  1 Y 1 A LEU 2  ? A LEU 1  
2  1 Y 1 A SER 3  ? A SER 2  
3  1 Y 1 A LYS 4  ? A LYS 3  
4  1 Y 1 A ASN 5  ? A ASN 4  
5  1 Y 1 A VAL 6  ? A VAL 5  
6  1 Y 1 A VAL 7  ? A VAL 6  
7  1 Y 1 A ALA 8  ? A ALA 7  
8  1 Y 1 A VAL 9  ? A VAL 8  
9  1 Y 1 A ASN 10 ? A ASN 9  
10 1 Y 1 A GLU 11 ? A GLU 10 
11 1 Y 1 A GLU 12 ? A GLU 11 
12 1 Y 1 A LEU 13 ? A LEU 12 
13 1 Y 1 A THR 14 ? A THR 13 
14 1 Y 1 A ALA 80 ? A ALA 79 
15 1 Y 1 A THR 81 ? A THR 80 
16 1 Y 1 A ASP 82 ? A ASP 81 
17 1 Y 1 A GLU 83 ? A GLU 82 
18 1 Y 1 A GLY 84 ? A GLY 83 
19 1 Y 1 A PHE 85 ? A PHE 84 
20 1 Y 1 A VAL 86 ? A VAL 85 
21 1 Y 1 A ILE 87 ? A ILE 86 
22 1 Y 1 A PRO 88 ? A PRO 87 
23 1 Y 1 A ASP 89 ? A ASP 88 
# 
loop_
_chem_comp_atom.comp_id 
_chem_comp_atom.atom_id 
_chem_comp_atom.type_symbol 
_chem_comp_atom.pdbx_aromatic_flag 
_chem_comp_atom.pdbx_stereo_config 
_chem_comp_atom.pdbx_ordinal 
ALA N    N  N N 1   
ALA CA   C  N S 2   
ALA C    C  N N 3   
ALA O    O  N N 4   
ALA CB   C  N N 5   
ALA OXT  O  N N 6   
ALA H    H  N N 7   
ALA H2   H  N N 8   
ALA HA   H  N N 9   
ALA HB1  H  N N 10  
ALA HB2  H  N N 11  
ALA HB3  H  N N 12  
ALA HXT  H  N N 13  
ARG N    N  N N 14  
ARG CA   C  N S 15  
ARG C    C  N N 16  
ARG O    O  N N 17  
ARG CB   C  N N 18  
ARG CG   C  N N 19  
ARG CD   C  N N 20  
ARG NE   N  N N 21  
ARG CZ   C  N N 22  
ARG NH1  N  N N 23  
ARG NH2  N  N N 24  
ARG OXT  O  N N 25  
ARG H    H  N N 26  
ARG H2   H  N N 27  
ARG HA   H  N N 28  
ARG HB2  H  N N 29  
ARG HB3  H  N N 30  
ARG HG2  H  N N 31  
ARG HG3  H  N N 32  
ARG HD2  H  N N 33  
ARG HD3  H  N N 34  
ARG HE   H  N N 35  
ARG HH11 H  N N 36  
ARG HH12 H  N N 37  
ARG HH21 H  N N 38  
ARG HH22 H  N N 39  
ARG HXT  H  N N 40  
ASN N    N  N N 41  
ASN CA   C  N S 42  
ASN C    C  N N 43  
ASN O    O  N N 44  
ASN CB   C  N N 45  
ASN CG   C  N N 46  
ASN OD1  O  N N 47  
ASN ND2  N  N N 48  
ASN OXT  O  N N 49  
ASN H    H  N N 50  
ASN H2   H  N N 51  
ASN HA   H  N N 52  
ASN HB2  H  N N 53  
ASN HB3  H  N N 54  
ASN HD21 H  N N 55  
ASN HD22 H  N N 56  
ASN HXT  H  N N 57  
ASP N    N  N N 58  
ASP CA   C  N S 59  
ASP C    C  N N 60  
ASP O    O  N N 61  
ASP CB   C  N N 62  
ASP CG   C  N N 63  
ASP OD1  O  N N 64  
ASP OD2  O  N N 65  
ASP OXT  O  N N 66  
ASP H    H  N N 67  
ASP H2   H  N N 68  
ASP HA   H  N N 69  
ASP HB2  H  N N 70  
ASP HB3  H  N N 71  
ASP HD2  H  N N 72  
ASP HXT  H  N N 73  
CYS N    N  N N 74  
CYS CA   C  N R 75  
CYS C    C  N N 76  
CYS O    O  N N 77  
CYS CB   C  N N 78  
CYS SG   S  N N 79  
CYS OXT  O  N N 80  
CYS H    H  N N 81  
CYS H2   H  N N 82  
CYS HA   H  N N 83  
CYS HB2  H  N N 84  
CYS HB3  H  N N 85  
CYS HG   H  N N 86  
CYS HXT  H  N N 87  
EDO C1   C  N N 88  
EDO O1   O  N N 89  
EDO C2   C  N N 90  
EDO O2   O  N N 91  
EDO H11  H  N N 92  
EDO H12  H  N N 93  
EDO HO1  H  N N 94  
EDO H21  H  N N 95  
EDO H22  H  N N 96  
EDO HO2  H  N N 97  
GLN N    N  N N 98  
GLN CA   C  N S 99  
GLN C    C  N N 100 
GLN O    O  N N 101 
GLN CB   C  N N 102 
GLN CG   C  N N 103 
GLN CD   C  N N 104 
GLN OE1  O  N N 105 
GLN NE2  N  N N 106 
GLN OXT  O  N N 107 
GLN H    H  N N 108 
GLN H2   H  N N 109 
GLN HA   H  N N 110 
GLN HB2  H  N N 111 
GLN HB3  H  N N 112 
GLN HG2  H  N N 113 
GLN HG3  H  N N 114 
GLN HE21 H  N N 115 
GLN HE22 H  N N 116 
GLN HXT  H  N N 117 
GLU N    N  N N 118 
GLU CA   C  N S 119 
GLU C    C  N N 120 
GLU O    O  N N 121 
GLU CB   C  N N 122 
GLU CG   C  N N 123 
GLU CD   C  N N 124 
GLU OE1  O  N N 125 
GLU OE2  O  N N 126 
GLU OXT  O  N N 127 
GLU H    H  N N 128 
GLU H2   H  N N 129 
GLU HA   H  N N 130 
GLU HB2  H  N N 131 
GLU HB3  H  N N 132 
GLU HG2  H  N N 133 
GLU HG3  H  N N 134 
GLU HE2  H  N N 135 
GLU HXT  H  N N 136 
GLY N    N  N N 137 
GLY CA   C  N N 138 
GLY C    C  N N 139 
GLY O    O  N N 140 
GLY OXT  O  N N 141 
GLY H    H  N N 142 
GLY H2   H  N N 143 
GLY HA2  H  N N 144 
GLY HA3  H  N N 145 
GLY HXT  H  N N 146 
HOH O    O  N N 147 
HOH H1   H  N N 148 
HOH H2   H  N N 149 
ILE N    N  N N 150 
ILE CA   C  N S 151 
ILE C    C  N N 152 
ILE O    O  N N 153 
ILE CB   C  N S 154 
ILE CG1  C  N N 155 
ILE CG2  C  N N 156 
ILE CD1  C  N N 157 
ILE OXT  O  N N 158 
ILE H    H  N N 159 
ILE H2   H  N N 160 
ILE HA   H  N N 161 
ILE HB   H  N N 162 
ILE HG12 H  N N 163 
ILE HG13 H  N N 164 
ILE HG21 H  N N 165 
ILE HG22 H  N N 166 
ILE HG23 H  N N 167 
ILE HD11 H  N N 168 
ILE HD12 H  N N 169 
ILE HD13 H  N N 170 
ILE HXT  H  N N 171 
LEU N    N  N N 172 
LEU CA   C  N S 173 
LEU C    C  N N 174 
LEU O    O  N N 175 
LEU CB   C  N N 176 
LEU CG   C  N N 177 
LEU CD1  C  N N 178 
LEU CD2  C  N N 179 
LEU OXT  O  N N 180 
LEU H    H  N N 181 
LEU H2   H  N N 182 
LEU HA   H  N N 183 
LEU HB2  H  N N 184 
LEU HB3  H  N N 185 
LEU HG   H  N N 186 
LEU HD11 H  N N 187 
LEU HD12 H  N N 188 
LEU HD13 H  N N 189 
LEU HD21 H  N N 190 
LEU HD22 H  N N 191 
LEU HD23 H  N N 192 
LEU HXT  H  N N 193 
LYS N    N  N N 194 
LYS CA   C  N S 195 
LYS C    C  N N 196 
LYS O    O  N N 197 
LYS CB   C  N N 198 
LYS CG   C  N N 199 
LYS CD   C  N N 200 
LYS CE   C  N N 201 
LYS NZ   N  N N 202 
LYS OXT  O  N N 203 
LYS H    H  N N 204 
LYS H2   H  N N 205 
LYS HA   H  N N 206 
LYS HB2  H  N N 207 
LYS HB3  H  N N 208 
LYS HG2  H  N N 209 
LYS HG3  H  N N 210 
LYS HD2  H  N N 211 
LYS HD3  H  N N 212 
LYS HE2  H  N N 213 
LYS HE3  H  N N 214 
LYS HZ1  H  N N 215 
LYS HZ2  H  N N 216 
LYS HZ3  H  N N 217 
LYS HXT  H  N N 218 
PHE N    N  N N 219 
PHE CA   C  N S 220 
PHE C    C  N N 221 
PHE O    O  N N 222 
PHE CB   C  N N 223 
PHE CG   C  Y N 224 
PHE CD1  C  Y N 225 
PHE CD2  C  Y N 226 
PHE CE1  C  Y N 227 
PHE CE2  C  Y N 228 
PHE CZ   C  Y N 229 
PHE OXT  O  N N 230 
PHE H    H  N N 231 
PHE H2   H  N N 232 
PHE HA   H  N N 233 
PHE HB2  H  N N 234 
PHE HB3  H  N N 235 
PHE HD1  H  N N 236 
PHE HD2  H  N N 237 
PHE HE1  H  N N 238 
PHE HE2  H  N N 239 
PHE HZ   H  N N 240 
PHE HXT  H  N N 241 
PRO N    N  N N 242 
PRO CA   C  N S 243 
PRO C    C  N N 244 
PRO O    O  N N 245 
PRO CB   C  N N 246 
PRO CG   C  N N 247 
PRO CD   C  N N 248 
PRO OXT  O  N N 249 
PRO H    H  N N 250 
PRO HA   H  N N 251 
PRO HB2  H  N N 252 
PRO HB3  H  N N 253 
PRO HG2  H  N N 254 
PRO HG3  H  N N 255 
PRO HD2  H  N N 256 
PRO HD3  H  N N 257 
PRO HXT  H  N N 258 
SER N    N  N N 259 
SER CA   C  N S 260 
SER C    C  N N 261 
SER O    O  N N 262 
SER CB   C  N N 263 
SER OG   O  N N 264 
SER OXT  O  N N 265 
SER H    H  N N 266 
SER H2   H  N N 267 
SER HA   H  N N 268 
SER HB2  H  N N 269 
SER HB3  H  N N 270 
SER HG   H  N N 271 
SER HXT  H  N N 272 
THR N    N  N N 273 
THR CA   C  N S 274 
THR C    C  N N 275 
THR O    O  N N 276 
THR CB   C  N R 277 
THR OG1  O  N N 278 
THR CG2  C  N N 279 
THR OXT  O  N N 280 
THR H    H  N N 281 
THR H2   H  N N 282 
THR HA   H  N N 283 
THR HB   H  N N 284 
THR HG1  H  N N 285 
THR HG21 H  N N 286 
THR HG22 H  N N 287 
THR HG23 H  N N 288 
THR HXT  H  N N 289 
TRP N    N  N N 290 
TRP CA   C  N S 291 
TRP C    C  N N 292 
TRP O    O  N N 293 
TRP CB   C  N N 294 
TRP CG   C  Y N 295 
TRP CD1  C  Y N 296 
TRP CD2  C  Y N 297 
TRP NE1  N  Y N 298 
TRP CE2  C  Y N 299 
TRP CE3  C  Y N 300 
TRP CZ2  C  Y N 301 
TRP CZ3  C  Y N 302 
TRP CH2  C  Y N 303 
TRP OXT  O  N N 304 
TRP H    H  N N 305 
TRP H2   H  N N 306 
TRP HA   H  N N 307 
TRP HB2  H  N N 308 
TRP HB3  H  N N 309 
TRP HD1  H  N N 310 
TRP HE1  H  N N 311 
TRP HE3  H  N N 312 
TRP HZ2  H  N N 313 
TRP HZ3  H  N N 314 
TRP HH2  H  N N 315 
TRP HXT  H  N N 316 
TYR N    N  N N 317 
TYR CA   C  N S 318 
TYR C    C  N N 319 
TYR O    O  N N 320 
TYR CB   C  N N 321 
TYR CG   C  Y N 322 
TYR CD1  C  Y N 323 
TYR CD2  C  Y N 324 
TYR CE1  C  Y N 325 
TYR CE2  C  Y N 326 
TYR CZ   C  Y N 327 
TYR OH   O  N N 328 
TYR OXT  O  N N 329 
TYR H    H  N N 330 
TYR H2   H  N N 331 
TYR HA   H  N N 332 
TYR HB2  H  N N 333 
TYR HB3  H  N N 334 
TYR HD1  H  N N 335 
TYR HD2  H  N N 336 
TYR HE1  H  N N 337 
TYR HE2  H  N N 338 
TYR HH   H  N N 339 
TYR HXT  H  N N 340 
VAL N    N  N N 341 
VAL CA   C  N S 342 
VAL C    C  N N 343 
VAL O    O  N N 344 
VAL CB   C  N N 345 
VAL CG1  C  N N 346 
VAL CG2  C  N N 347 
VAL OXT  O  N N 348 
VAL H    H  N N 349 
VAL H2   H  N N 350 
VAL HA   H  N N 351 
VAL HB   H  N N 352 
VAL HG11 H  N N 353 
VAL HG12 H  N N 354 
VAL HG13 H  N N 355 
VAL HG21 H  N N 356 
VAL HG22 H  N N 357 
VAL HG23 H  N N 358 
VAL HXT  H  N N 359 
ZN  ZN   ZN N N 360 
# 
loop_
_chem_comp_bond.comp_id 
_chem_comp_bond.atom_id_1 
_chem_comp_bond.atom_id_2 
_chem_comp_bond.value_order 
_chem_comp_bond.pdbx_aromatic_flag 
_chem_comp_bond.pdbx_stereo_config 
_chem_comp_bond.pdbx_ordinal 
ALA N   CA   sing N N 1   
ALA N   H    sing N N 2   
ALA N   H2   sing N N 3   
ALA CA  C    sing N N 4   
ALA CA  CB   sing N N 5   
ALA CA  HA   sing N N 6   
ALA C   O    doub N N 7   
ALA C   OXT  sing N N 8   
ALA CB  HB1  sing N N 9   
ALA CB  HB2  sing N N 10  
ALA CB  HB3  sing N N 11  
ALA OXT HXT  sing N N 12  
ARG N   CA   sing N N 13  
ARG N   H    sing N N 14  
ARG N   H2   sing N N 15  
ARG CA  C    sing N N 16  
ARG CA  CB   sing N N 17  
ARG CA  HA   sing N N 18  
ARG C   O    doub N N 19  
ARG C   OXT  sing N N 20  
ARG CB  CG   sing N N 21  
ARG CB  HB2  sing N N 22  
ARG CB  HB3  sing N N 23  
ARG CG  CD   sing N N 24  
ARG CG  HG2  sing N N 25  
ARG CG  HG3  sing N N 26  
ARG CD  NE   sing N N 27  
ARG CD  HD2  sing N N 28  
ARG CD  HD3  sing N N 29  
ARG NE  CZ   sing N N 30  
ARG NE  HE   sing N N 31  
ARG CZ  NH1  sing N N 32  
ARG CZ  NH2  doub N N 33  
ARG NH1 HH11 sing N N 34  
ARG NH1 HH12 sing N N 35  
ARG NH2 HH21 sing N N 36  
ARG NH2 HH22 sing N N 37  
ARG OXT HXT  sing N N 38  
ASN N   CA   sing N N 39  
ASN N   H    sing N N 40  
ASN N   H2   sing N N 41  
ASN CA  C    sing N N 42  
ASN CA  CB   sing N N 43  
ASN CA  HA   sing N N 44  
ASN C   O    doub N N 45  
ASN C   OXT  sing N N 46  
ASN CB  CG   sing N N 47  
ASN CB  HB2  sing N N 48  
ASN CB  HB3  sing N N 49  
ASN CG  OD1  doub N N 50  
ASN CG  ND2  sing N N 51  
ASN ND2 HD21 sing N N 52  
ASN ND2 HD22 sing N N 53  
ASN OXT HXT  sing N N 54  
ASP N   CA   sing N N 55  
ASP N   H    sing N N 56  
ASP N   H2   sing N N 57  
ASP CA  C    sing N N 58  
ASP CA  CB   sing N N 59  
ASP CA  HA   sing N N 60  
ASP C   O    doub N N 61  
ASP C   OXT  sing N N 62  
ASP CB  CG   sing N N 63  
ASP CB  HB2  sing N N 64  
ASP CB  HB3  sing N N 65  
ASP CG  OD1  doub N N 66  
ASP CG  OD2  sing N N 67  
ASP OD2 HD2  sing N N 68  
ASP OXT HXT  sing N N 69  
CYS N   CA   sing N N 70  
CYS N   H    sing N N 71  
CYS N   H2   sing N N 72  
CYS CA  C    sing N N 73  
CYS CA  CB   sing N N 74  
CYS CA  HA   sing N N 75  
CYS C   O    doub N N 76  
CYS C   OXT  sing N N 77  
CYS CB  SG   sing N N 78  
CYS CB  HB2  sing N N 79  
CYS CB  HB3  sing N N 80  
CYS SG  HG   sing N N 81  
CYS OXT HXT  sing N N 82  
EDO C1  O1   sing N N 83  
EDO C1  C2   sing N N 84  
EDO C1  H11  sing N N 85  
EDO C1  H12  sing N N 86  
EDO O1  HO1  sing N N 87  
EDO C2  O2   sing N N 88  
EDO C2  H21  sing N N 89  
EDO C2  H22  sing N N 90  
EDO O2  HO2  sing N N 91  
GLN N   CA   sing N N 92  
GLN N   H    sing N N 93  
GLN N   H2   sing N N 94  
GLN CA  C    sing N N 95  
GLN CA  CB   sing N N 96  
GLN CA  HA   sing N N 97  
GLN C   O    doub N N 98  
GLN C   OXT  sing N N 99  
GLN CB  CG   sing N N 100 
GLN CB  HB2  sing N N 101 
GLN CB  HB3  sing N N 102 
GLN CG  CD   sing N N 103 
GLN CG  HG2  sing N N 104 
GLN CG  HG3  sing N N 105 
GLN CD  OE1  doub N N 106 
GLN CD  NE2  sing N N 107 
GLN NE2 HE21 sing N N 108 
GLN NE2 HE22 sing N N 109 
GLN OXT HXT  sing N N 110 
GLU N   CA   sing N N 111 
GLU N   H    sing N N 112 
GLU N   H2   sing N N 113 
GLU CA  C    sing N N 114 
GLU CA  CB   sing N N 115 
GLU CA  HA   sing N N 116 
GLU C   O    doub N N 117 
GLU C   OXT  sing N N 118 
GLU CB  CG   sing N N 119 
GLU CB  HB2  sing N N 120 
GLU CB  HB3  sing N N 121 
GLU CG  CD   sing N N 122 
GLU CG  HG2  sing N N 123 
GLU CG  HG3  sing N N 124 
GLU CD  OE1  doub N N 125 
GLU CD  OE2  sing N N 126 
GLU OE2 HE2  sing N N 127 
GLU OXT HXT  sing N N 128 
GLY N   CA   sing N N 129 
GLY N   H    sing N N 130 
GLY N   H2   sing N N 131 
GLY CA  C    sing N N 132 
GLY CA  HA2  sing N N 133 
GLY CA  HA3  sing N N 134 
GLY C   O    doub N N 135 
GLY C   OXT  sing N N 136 
GLY OXT HXT  sing N N 137 
HOH O   H1   sing N N 138 
HOH O   H2   sing N N 139 
ILE N   CA   sing N N 140 
ILE N   H    sing N N 141 
ILE N   H2   sing N N 142 
ILE CA  C    sing N N 143 
ILE CA  CB   sing N N 144 
ILE CA  HA   sing N N 145 
ILE C   O    doub N N 146 
ILE C   OXT  sing N N 147 
ILE CB  CG1  sing N N 148 
ILE CB  CG2  sing N N 149 
ILE CB  HB   sing N N 150 
ILE CG1 CD1  sing N N 151 
ILE CG1 HG12 sing N N 152 
ILE CG1 HG13 sing N N 153 
ILE CG2 HG21 sing N N 154 
ILE CG2 HG22 sing N N 155 
ILE CG2 HG23 sing N N 156 
ILE CD1 HD11 sing N N 157 
ILE CD1 HD12 sing N N 158 
ILE CD1 HD13 sing N N 159 
ILE OXT HXT  sing N N 160 
LEU N   CA   sing N N 161 
LEU N   H    sing N N 162 
LEU N   H2   sing N N 163 
LEU CA  C    sing N N 164 
LEU CA  CB   sing N N 165 
LEU CA  HA   sing N N 166 
LEU C   O    doub N N 167 
LEU C   OXT  sing N N 168 
LEU CB  CG   sing N N 169 
LEU CB  HB2  sing N N 170 
LEU CB  HB3  sing N N 171 
LEU CG  CD1  sing N N 172 
LEU CG  CD2  sing N N 173 
LEU CG  HG   sing N N 174 
LEU CD1 HD11 sing N N 175 
LEU CD1 HD12 sing N N 176 
LEU CD1 HD13 sing N N 177 
LEU CD2 HD21 sing N N 178 
LEU CD2 HD22 sing N N 179 
LEU CD2 HD23 sing N N 180 
LEU OXT HXT  sing N N 181 
LYS N   CA   sing N N 182 
LYS N   H    sing N N 183 
LYS N   H2   sing N N 184 
LYS CA  C    sing N N 185 
LYS CA  CB   sing N N 186 
LYS CA  HA   sing N N 187 
LYS C   O    doub N N 188 
LYS C   OXT  sing N N 189 
LYS CB  CG   sing N N 190 
LYS CB  HB2  sing N N 191 
LYS CB  HB3  sing N N 192 
LYS CG  CD   sing N N 193 
LYS CG  HG2  sing N N 194 
LYS CG  HG3  sing N N 195 
LYS CD  CE   sing N N 196 
LYS CD  HD2  sing N N 197 
LYS CD  HD3  sing N N 198 
LYS CE  NZ   sing N N 199 
LYS CE  HE2  sing N N 200 
LYS CE  HE3  sing N N 201 
LYS NZ  HZ1  sing N N 202 
LYS NZ  HZ2  sing N N 203 
LYS NZ  HZ3  sing N N 204 
LYS OXT HXT  sing N N 205 
PHE N   CA   sing N N 206 
PHE N   H    sing N N 207 
PHE N   H2   sing N N 208 
PHE CA  C    sing N N 209 
PHE CA  CB   sing N N 210 
PHE CA  HA   sing N N 211 
PHE C   O    doub N N 212 
PHE C   OXT  sing N N 213 
PHE CB  CG   sing N N 214 
PHE CB  HB2  sing N N 215 
PHE CB  HB3  sing N N 216 
PHE CG  CD1  doub Y N 217 
PHE CG  CD2  sing Y N 218 
PHE CD1 CE1  sing Y N 219 
PHE CD1 HD1  sing N N 220 
PHE CD2 CE2  doub Y N 221 
PHE CD2 HD2  sing N N 222 
PHE CE1 CZ   doub Y N 223 
PHE CE1 HE1  sing N N 224 
PHE CE2 CZ   sing Y N 225 
PHE CE2 HE2  sing N N 226 
PHE CZ  HZ   sing N N 227 
PHE OXT HXT  sing N N 228 
PRO N   CA   sing N N 229 
PRO N   CD   sing N N 230 
PRO N   H    sing N N 231 
PRO CA  C    sing N N 232 
PRO CA  CB   sing N N 233 
PRO CA  HA   sing N N 234 
PRO C   O    doub N N 235 
PRO C   OXT  sing N N 236 
PRO CB  CG   sing N N 237 
PRO CB  HB2  sing N N 238 
PRO CB  HB3  sing N N 239 
PRO CG  CD   sing N N 240 
PRO CG  HG2  sing N N 241 
PRO CG  HG3  sing N N 242 
PRO CD  HD2  sing N N 243 
PRO CD  HD3  sing N N 244 
PRO OXT HXT  sing N N 245 
SER N   CA   sing N N 246 
SER N   H    sing N N 247 
SER N   H2   sing N N 248 
SER CA  C    sing N N 249 
SER CA  CB   sing N N 250 
SER CA  HA   sing N N 251 
SER C   O    doub N N 252 
SER C   OXT  sing N N 253 
SER CB  OG   sing N N 254 
SER CB  HB2  sing N N 255 
SER CB  HB3  sing N N 256 
SER OG  HG   sing N N 257 
SER OXT HXT  sing N N 258 
THR N   CA   sing N N 259 
THR N   H    sing N N 260 
THR N   H2   sing N N 261 
THR CA  C    sing N N 262 
THR CA  CB   sing N N 263 
THR CA  HA   sing N N 264 
THR C   O    doub N N 265 
THR C   OXT  sing N N 266 
THR CB  OG1  sing N N 267 
THR CB  CG2  sing N N 268 
THR CB  HB   sing N N 269 
THR OG1 HG1  sing N N 270 
THR CG2 HG21 sing N N 271 
THR CG2 HG22 sing N N 272 
THR CG2 HG23 sing N N 273 
THR OXT HXT  sing N N 274 
TRP N   CA   sing N N 275 
TRP N   H    sing N N 276 
TRP N   H2   sing N N 277 
TRP CA  C    sing N N 278 
TRP CA  CB   sing N N 279 
TRP CA  HA   sing N N 280 
TRP C   O    doub N N 281 
TRP C   OXT  sing N N 282 
TRP CB  CG   sing N N 283 
TRP CB  HB2  sing N N 284 
TRP CB  HB3  sing N N 285 
TRP CG  CD1  doub Y N 286 
TRP CG  CD2  sing Y N 287 
TRP CD1 NE1  sing Y N 288 
TRP CD1 HD1  sing N N 289 
TRP CD2 CE2  doub Y N 290 
TRP CD2 CE3  sing Y N 291 
TRP NE1 CE2  sing Y N 292 
TRP NE1 HE1  sing N N 293 
TRP CE2 CZ2  sing Y N 294 
TRP CE3 CZ3  doub Y N 295 
TRP CE3 HE3  sing N N 296 
TRP CZ2 CH2  doub Y N 297 
TRP CZ2 HZ2  sing N N 298 
TRP CZ3 CH2  sing Y N 299 
TRP CZ3 HZ3  sing N N 300 
TRP CH2 HH2  sing N N 301 
TRP OXT HXT  sing N N 302 
TYR N   CA   sing N N 303 
TYR N   H    sing N N 304 
TYR N   H2   sing N N 305 
TYR CA  C    sing N N 306 
TYR CA  CB   sing N N 307 
TYR CA  HA   sing N N 308 
TYR C   O    doub N N 309 
TYR C   OXT  sing N N 310 
TYR CB  CG   sing N N 311 
TYR CB  HB2  sing N N 312 
TYR CB  HB3  sing N N 313 
TYR CG  CD1  doub Y N 314 
TYR CG  CD2  sing Y N 315 
TYR CD1 CE1  sing Y N 316 
TYR CD1 HD1  sing N N 317 
TYR CD2 CE2  doub Y N 318 
TYR CD2 HD2  sing N N 319 
TYR CE1 CZ   doub Y N 320 
TYR CE1 HE1  sing N N 321 
TYR CE2 CZ   sing Y N 322 
TYR CE2 HE2  sing N N 323 
TYR CZ  OH   sing N N 324 
TYR OH  HH   sing N N 325 
TYR OXT HXT  sing N N 326 
VAL N   CA   sing N N 327 
VAL N   H    sing N N 328 
VAL N   H2   sing N N 329 
VAL CA  C    sing N N 330 
VAL CA  CB   sing N N 331 
VAL CA  HA   sing N N 332 
VAL C   O    doub N N 333 
VAL C   OXT  sing N N 334 
VAL CB  CG1  sing N N 335 
VAL CB  CG2  sing N N 336 
VAL CB  HB   sing N N 337 
VAL CG1 HG11 sing N N 338 
VAL CG1 HG12 sing N N 339 
VAL CG1 HG13 sing N N 340 
VAL CG2 HG21 sing N N 341 
VAL CG2 HG22 sing N N 342 
VAL CG2 HG23 sing N N 343 
VAL OXT HXT  sing N N 344 
# 
loop_
_pdbx_entity_nonpoly.entity_id 
_pdbx_entity_nonpoly.name 
_pdbx_entity_nonpoly.comp_id 
2 'ZINC ION'     ZN  
3 1,2-ETHANEDIOL EDO 
4 water          HOH 
# 
_pdbx_initial_refinement_model.id               1 
_pdbx_initial_refinement_model.entity_id_list   ? 
_pdbx_initial_refinement_model.type             'experimental model' 
_pdbx_initial_refinement_model.source_name      PDB 
_pdbx_initial_refinement_model.accession_code   1YIB 
_pdbx_initial_refinement_model.details          ? 
# 
